data_7MQR
#
_entry.id   7MQR
#
_cell.length_a   1.00
_cell.length_b   1.00
_cell.length_c   1.00
_cell.angle_alpha   90.00
_cell.angle_beta   90.00
_cell.angle_gamma   90.00
#
_symmetry.space_group_name_H-M   'P 1'
#
loop_
_entity.id
_entity.type
_entity.pdbx_description
1 polymer 'Insulin A chain'
2 polymer 'Insulin B chain'
3 polymer 'Isoform Short of Insulin receptor'
4 non-polymer 2-acetamido-2-deoxy-beta-D-glucopyranose
#
loop_
_entity_poly.entity_id
_entity_poly.type
_entity_poly.pdbx_seq_one_letter_code
_entity_poly.pdbx_strand_id
1 'polypeptide(L)' GIVEQCCTSICSLYQLENYCHSLQ A,C,G,I
2 'polypeptide(L)' FVNQHLCGSELVEALYLVCLER B,D,H,J
3 'polypeptide(L)'
;HLYPGEVCPGMDIRNNLTRLHELENCSVIEGHLQILLMFKTRPEDFRDLSFPKLIMITDYLLLFRVYGLESLKDLFPNLT
VIRGSRLFFNYALVIFEMVHLKELGLYNLMNITRGSVRIEKNNELCYLATIDWSRILDSVEDNYIVLNKDDNEECGDICP
GTAKGKTNCPATVINGQFVERCWTHSHCQKVCPTICKSHGCTAEGLCCHSECLGNCSQPDDPTKCVACRNFYLDGRCVET
CPPPYYHFQDWRCVNFSFCQDLHHKCKNSRRQGCHQYVIHNNKCIPECPSGYTMNSSNLLCTPCLGPCPKVCHLLEGEKT
IDSVTSAQELRGCTVINGSLIINIRGGNNLAAELEANLGLIEEISGYLKIRRSYALVSLSFFRKLRLIRGETLEIGNYSF
YALDNQNLRQLWDWSKHNLTITQGKLFFHYNPKLCLSEIHKMEEVSGTKGRQERNDIALKTNGDQASCENELLKFSYIRT
SFDKILLRWEPYWPPDFRDLLGFMLFYKEAPYQNVTEFDGQDACGSNSWTVVDIDPPLRSNDPKSQNHPGWLMRGLKPWT
QYAIFVKTLVTFSDERRTYGAKSDIIYVQTDATNPSVPLDPISVSNSSSQIILKWKPPSDPNGNITHYLVFWERQAEDSE
LFELDYCLKGLKLPSRTWSPPFESEDSQKHNQSEYEDSAGECCSCPKTDSQILKELEESSFRKTFEDYLHNVVFVPRPSR
KRRSLGDVGNVTVAVPTVAAFPNTSSTSVPTSPEEHRPFEKVVNKESLVISGLRHFTGYRIELQACNQDTPEERCSVAAY
VSARTMPEAKADDIVGPVTHEIFENNVVHLMWQEPKEPNGLIVLYEVSYRRYGDEELHLCVSRKHFALERGCRLRGLSPG
NYSVRIRATSLAGNGSWTEPTYFYVTDYLDVPSNIA
;
E,F
#
# COMPACT_ATOMS: atom_id res chain seq x y z
N GLY A 1 -26.48 32.24 -21.99
CA GLY A 1 -26.81 32.31 -20.58
C GLY A 1 -26.03 33.37 -19.83
N ILE A 2 -25.80 33.14 -18.54
CA ILE A 2 -25.16 34.10 -17.67
C ILE A 2 -23.75 33.66 -17.30
N VAL A 3 -23.56 32.35 -17.13
CA VAL A 3 -22.31 31.76 -16.62
C VAL A 3 -21.15 31.87 -17.62
N GLU A 4 -21.42 31.79 -18.93
CA GLU A 4 -20.35 31.95 -19.91
C GLU A 4 -20.05 33.41 -20.21
N GLN A 5 -20.90 34.33 -19.75
CA GLN A 5 -20.57 35.75 -19.75
C GLN A 5 -19.79 36.19 -18.53
N CYS A 6 -20.20 35.81 -17.32
CA CYS A 6 -19.66 36.41 -16.11
C CYS A 6 -19.04 35.43 -15.12
N CYS A 7 -18.84 34.16 -15.48
CA CYS A 7 -18.08 33.24 -14.64
C CYS A 7 -16.84 32.73 -15.35
N THR A 8 -16.95 32.34 -16.62
CA THR A 8 -15.77 31.98 -17.39
C THR A 8 -15.01 33.21 -17.85
N SER A 9 -15.72 34.33 -18.04
CA SER A 9 -15.16 35.56 -18.59
C SER A 9 -15.37 36.71 -17.61
N ILE A 10 -14.97 37.92 -18.02
CA ILE A 10 -15.07 39.13 -17.20
C ILE A 10 -16.46 39.75 -17.45
N CYS A 11 -17.10 40.23 -16.39
CA CYS A 11 -18.45 40.77 -16.50
C CYS A 11 -18.41 42.28 -16.30
N SER A 12 -19.15 43.01 -17.13
CA SER A 12 -19.31 44.45 -16.97
C SER A 12 -20.60 44.75 -16.20
N LEU A 13 -20.95 46.03 -16.12
CA LEU A 13 -22.07 46.46 -15.29
C LEU A 13 -23.34 46.68 -16.11
N TYR A 14 -23.21 47.18 -17.34
CA TYR A 14 -24.37 47.47 -18.19
C TYR A 14 -25.02 46.20 -18.73
N GLN A 15 -24.26 45.11 -18.86
CA GLN A 15 -24.92 43.85 -19.13
C GLN A 15 -25.60 43.26 -17.89
N LEU A 16 -25.21 43.69 -16.68
CA LEU A 16 -25.98 43.31 -15.50
C LEU A 16 -27.27 44.12 -15.37
N GLU A 17 -27.27 45.40 -15.84
CA GLU A 17 -28.50 46.15 -16.13
C GLU A 17 -29.41 45.42 -17.12
N ASN A 18 -28.83 44.84 -18.19
CA ASN A 18 -29.61 44.04 -19.14
C ASN A 18 -30.10 42.73 -18.54
N TYR A 19 -29.30 42.09 -17.69
CA TYR A 19 -29.58 40.74 -17.21
C TYR A 19 -30.32 40.67 -15.88
N CYS A 20 -30.61 41.79 -15.21
CA CYS A 20 -31.38 41.70 -13.97
C CYS A 20 -32.89 41.90 -14.19
N HIS A 21 -33.36 41.77 -15.43
CA HIS A 21 -34.79 41.80 -15.74
C HIS A 21 -35.50 40.53 -15.28
N SER A 22 -34.75 39.42 -15.10
CA SER A 22 -35.31 38.24 -14.46
C SER A 22 -35.58 38.45 -12.97
N LEU A 23 -34.84 39.36 -12.33
CA LEU A 23 -35.26 39.83 -11.01
C LEU A 23 -36.41 40.83 -11.10
N GLN A 24 -36.37 41.71 -12.09
CA GLN A 24 -37.31 42.83 -12.15
C GLN A 24 -38.73 42.44 -12.59
N ASN B 3 -13.48 43.60 -9.75
CA ASN B 3 -13.99 43.02 -10.98
C ASN B 3 -13.34 41.67 -11.25
N GLN B 4 -13.71 40.68 -10.47
CA GLN B 4 -13.24 39.30 -10.62
C GLN B 4 -14.25 38.50 -11.43
N HIS B 5 -14.06 37.19 -11.45
CA HIS B 5 -15.10 36.29 -11.95
C HIS B 5 -16.19 36.15 -10.91
N LEU B 6 -17.44 36.11 -11.36
CA LEU B 6 -18.59 36.02 -10.45
C LEU B 6 -19.31 34.69 -10.70
N CYS B 7 -19.06 33.73 -9.82
CA CYS B 7 -19.72 32.43 -9.86
C CYS B 7 -20.39 32.20 -8.51
N GLY B 8 -21.15 31.09 -8.44
CA GLY B 8 -21.73 30.61 -7.20
C GLY B 8 -22.80 31.47 -6.53
N SER B 9 -22.73 31.56 -5.20
CA SER B 9 -23.61 32.45 -4.46
C SER B 9 -23.18 33.91 -4.54
N GLU B 10 -21.92 34.17 -4.89
CA GLU B 10 -21.46 35.54 -5.08
C GLU B 10 -21.99 36.17 -6.36
N LEU B 11 -22.39 35.35 -7.35
CA LEU B 11 -23.08 35.84 -8.55
C LEU B 11 -24.44 36.44 -8.23
N VAL B 12 -25.26 35.73 -7.46
CA VAL B 12 -26.59 36.24 -7.12
C VAL B 12 -26.49 37.31 -6.03
N GLU B 13 -25.45 37.23 -5.17
CA GLU B 13 -25.26 38.24 -4.13
C GLU B 13 -24.70 39.55 -4.68
N ALA B 14 -23.94 39.50 -5.78
CA ALA B 14 -23.51 40.73 -6.41
C ALA B 14 -24.55 41.23 -7.41
N LEU B 15 -25.33 40.32 -8.00
CA LEU B 15 -26.34 40.72 -8.98
C LEU B 15 -27.57 41.31 -8.31
N TYR B 16 -27.79 40.99 -7.03
CA TYR B 16 -28.86 41.64 -6.26
C TYR B 16 -28.56 43.10 -5.98
N LEU B 17 -27.27 43.45 -5.80
CA LEU B 17 -26.85 44.82 -5.53
C LEU B 17 -26.72 45.67 -6.77
N VAL B 18 -26.98 45.11 -7.95
CA VAL B 18 -26.88 45.84 -9.21
C VAL B 18 -28.06 46.79 -9.39
N CYS B 19 -29.28 46.27 -9.29
CA CYS B 19 -30.47 47.06 -9.59
C CYS B 19 -31.47 47.01 -8.43
N LEU B 20 -30.99 47.23 -7.21
CA LEU B 20 -31.88 47.33 -6.05
C LEU B 20 -32.31 48.77 -5.86
N HIS C 1 -62.75 13.29 -1.87
CA HIS C 1 -63.93 14.01 -2.33
C HIS C 1 -63.75 14.50 -3.76
N LEU C 2 -64.37 15.63 -4.08
CA LEU C 2 -64.29 16.22 -5.41
C LEU C 2 -63.12 17.21 -5.47
N TYR C 3 -63.08 18.02 -6.52
CA TYR C 3 -62.04 19.04 -6.70
C TYR C 3 -62.71 20.42 -6.71
N PRO C 4 -62.84 21.08 -5.53
CA PRO C 4 -63.36 22.46 -5.53
C PRO C 4 -62.28 23.44 -5.95
N GLY C 5 -62.37 23.94 -7.17
CA GLY C 5 -61.39 24.89 -7.67
C GLY C 5 -61.33 24.87 -9.17
N GLU C 6 -60.51 25.78 -9.69
CA GLU C 6 -60.31 25.94 -11.13
C GLU C 6 -59.04 25.15 -11.50
N VAL C 7 -58.82 24.98 -12.81
CA VAL C 7 -57.78 24.10 -13.35
C VAL C 7 -56.38 24.64 -13.05
N CYS C 8 -56.20 25.98 -13.13
CA CYS C 8 -55.05 26.80 -12.73
C CYS C 8 -53.72 26.38 -13.36
N PRO C 9 -53.44 26.76 -14.61
CA PRO C 9 -52.13 26.46 -15.21
C PRO C 9 -51.00 27.25 -14.55
N GLY C 10 -49.80 26.68 -14.64
CA GLY C 10 -48.70 27.06 -13.77
C GLY C 10 -48.06 28.38 -14.13
N MET C 11 -47.94 29.26 -13.13
CA MET C 11 -47.40 30.60 -13.28
C MET C 11 -46.07 30.69 -12.53
N ASP C 12 -45.43 31.86 -12.63
CA ASP C 12 -44.10 32.08 -12.08
C ASP C 12 -44.13 33.35 -11.24
N ILE C 13 -43.60 33.29 -10.03
CA ILE C 13 -43.74 34.36 -9.03
C ILE C 13 -42.35 34.94 -8.78
N ARG C 14 -42.23 36.27 -8.88
CA ARG C 14 -40.93 36.92 -8.75
C ARG C 14 -41.04 38.25 -8.01
N ASN C 15 -40.23 38.38 -6.94
CA ASN C 15 -39.70 39.60 -6.31
C ASN C 15 -40.68 40.44 -5.50
N ASN C 16 -41.98 40.16 -5.59
CA ASN C 16 -43.03 40.76 -4.76
C ASN C 16 -44.24 39.84 -4.76
N LEU C 17 -45.03 39.93 -3.70
CA LEU C 17 -45.97 38.89 -3.28
C LEU C 17 -47.37 39.09 -3.86
N THR C 18 -47.52 40.02 -4.80
CA THR C 18 -48.85 40.37 -5.30
C THR C 18 -49.42 39.34 -6.27
N ARG C 19 -48.57 38.61 -6.97
CA ARG C 19 -49.04 37.57 -7.89
C ARG C 19 -49.23 36.22 -7.19
N LEU C 20 -48.92 36.13 -5.89
CA LEU C 20 -49.28 34.94 -5.12
C LEU C 20 -50.75 34.96 -4.71
N HIS C 21 -51.42 36.12 -4.82
CA HIS C 21 -52.84 36.28 -4.52
C HIS C 21 -53.77 35.65 -5.58
N GLU C 22 -53.23 35.22 -6.73
CA GLU C 22 -54.01 34.56 -7.77
C GLU C 22 -54.21 33.06 -7.52
N LEU C 23 -53.73 32.53 -6.40
CA LEU C 23 -53.89 31.11 -6.05
C LEU C 23 -54.96 30.90 -5.00
N GLU C 24 -56.06 31.65 -5.07
CA GLU C 24 -57.14 31.51 -4.08
C GLU C 24 -57.97 30.25 -4.36
N ASN C 25 -58.65 30.24 -5.49
CA ASN C 25 -59.54 29.14 -5.87
C ASN C 25 -58.84 28.20 -6.84
N CYS C 26 -57.75 27.60 -6.37
CA CYS C 26 -56.96 26.66 -7.15
C CYS C 26 -56.95 25.34 -6.40
N SER C 27 -57.52 24.30 -7.01
CA SER C 27 -57.46 22.96 -6.43
C SER C 27 -56.28 22.19 -6.98
N VAL C 28 -56.07 22.25 -8.29
CA VAL C 28 -55.00 21.54 -8.98
C VAL C 28 -54.13 22.56 -9.70
N ILE C 29 -52.92 22.14 -10.06
CA ILE C 29 -52.03 22.93 -10.90
C ILE C 29 -51.62 22.06 -12.09
N GLU C 30 -51.96 22.52 -13.30
CA GLU C 30 -51.53 21.86 -14.53
C GLU C 30 -50.29 22.60 -15.03
N GLY C 31 -49.13 22.13 -14.64
CA GLY C 31 -47.89 22.81 -14.95
C GLY C 31 -46.92 22.77 -13.78
N HIS C 32 -46.00 23.71 -13.74
CA HIS C 32 -45.02 23.80 -12.66
C HIS C 32 -45.22 25.11 -11.92
N LEU C 33 -44.93 25.08 -10.61
CA LEU C 33 -45.00 26.27 -9.77
C LEU C 33 -43.60 26.56 -9.23
N GLN C 34 -43.10 27.77 -9.50
CA GLN C 34 -41.78 28.19 -9.08
C GLN C 34 -41.91 29.43 -8.21
N ILE C 35 -41.76 29.26 -6.90
CA ILE C 35 -41.71 30.38 -5.97
C ILE C 35 -40.24 30.72 -5.76
N LEU C 36 -39.75 31.73 -6.47
CA LEU C 36 -38.32 32.00 -6.47
C LEU C 36 -38.03 33.49 -6.31
N LEU C 37 -36.87 33.77 -5.69
CA LEU C 37 -36.21 35.07 -5.55
C LEU C 37 -37.09 36.09 -4.81
N MET C 38 -37.33 35.78 -3.54
CA MET C 38 -38.21 36.59 -2.71
C MET C 38 -37.31 37.35 -1.73
N PHE C 39 -37.01 38.61 -2.07
CA PHE C 39 -35.97 39.36 -1.35
C PHE C 39 -36.51 40.22 -0.22
N LYS C 40 -37.45 41.12 -0.52
CA LYS C 40 -37.97 42.04 0.50
C LYS C 40 -39.20 41.44 1.17
N THR C 41 -38.95 40.37 1.92
CA THR C 41 -39.98 39.69 2.69
C THR C 41 -39.59 39.68 4.17
N ARG C 42 -40.58 39.42 5.01
CA ARG C 42 -40.45 39.29 6.45
C ARG C 42 -41.22 38.06 6.87
N PRO C 43 -40.91 37.50 8.06
CA PRO C 43 -41.82 36.47 8.64
C PRO C 43 -43.21 36.99 9.02
N GLU C 44 -43.39 38.29 9.25
CA GLU C 44 -44.71 38.87 9.45
C GLU C 44 -45.50 39.03 8.15
N ASP C 45 -44.85 38.93 6.99
CA ASP C 45 -45.53 39.00 5.70
C ASP C 45 -46.09 37.66 5.25
N PHE C 46 -45.74 36.56 5.90
CA PHE C 46 -46.06 35.23 5.41
C PHE C 46 -47.08 34.48 6.26
N ARG C 47 -47.21 34.81 7.55
CA ARG C 47 -48.10 34.07 8.43
C ARG C 47 -49.55 34.52 8.34
N ASP C 48 -49.84 35.61 7.64
CA ASP C 48 -51.19 36.14 7.53
C ASP C 48 -51.94 35.62 6.32
N LEU C 49 -51.34 34.74 5.52
CA LEU C 49 -51.95 34.25 4.29
C LEU C 49 -51.82 32.73 4.20
N SER C 50 -52.81 32.10 3.59
CA SER C 50 -52.82 30.66 3.43
C SER C 50 -53.60 30.28 2.18
N PHE C 51 -53.17 29.20 1.53
CA PHE C 51 -53.86 28.64 0.36
C PHE C 51 -54.08 27.15 0.60
N PRO C 52 -55.13 26.79 1.35
CA PRO C 52 -55.32 25.37 1.70
C PRO C 52 -56.09 24.56 0.66
N LYS C 53 -56.53 25.18 -0.44
CA LYS C 53 -57.32 24.45 -1.42
C LYS C 53 -56.48 23.63 -2.39
N LEU C 54 -55.17 23.88 -2.46
CA LEU C 54 -54.35 23.31 -3.51
C LEU C 54 -53.94 21.88 -3.15
N ILE C 55 -54.15 20.98 -4.11
CA ILE C 55 -54.02 19.53 -3.90
C ILE C 55 -52.89 18.94 -4.73
N MET C 56 -52.85 19.26 -6.03
CA MET C 56 -52.03 18.54 -7.00
C MET C 56 -51.09 19.49 -7.74
N ILE C 57 -49.81 19.12 -7.81
CA ILE C 57 -48.85 19.69 -8.74
C ILE C 57 -48.58 18.64 -9.80
N THR C 58 -48.70 19.01 -11.08
CA THR C 58 -48.31 18.07 -12.13
C THR C 58 -46.80 17.98 -12.30
N ASP C 59 -46.14 19.08 -12.67
CA ASP C 59 -44.75 18.97 -13.13
C ASP C 59 -43.74 18.95 -11.99
N TYR C 60 -43.54 20.09 -11.32
CA TYR C 60 -42.55 20.20 -10.23
C TYR C 60 -42.85 21.44 -9.39
N LEU C 61 -42.18 21.49 -8.24
CA LEU C 61 -42.22 22.64 -7.33
C LEU C 61 -40.79 23.08 -7.04
N LEU C 62 -40.51 24.36 -7.24
CA LEU C 62 -39.16 24.90 -7.15
C LEU C 62 -39.12 26.06 -6.18
N LEU C 63 -38.17 26.04 -5.25
CA LEU C 63 -37.97 27.10 -4.26
C LEU C 63 -36.52 27.56 -4.36
N PHE C 64 -36.31 28.88 -4.50
CA PHE C 64 -34.97 29.41 -4.73
C PHE C 64 -34.87 30.83 -4.18
N ARG C 65 -34.13 30.98 -3.07
CA ARG C 65 -33.80 32.23 -2.36
C ARG C 65 -35.07 32.98 -1.91
N VAL C 66 -35.80 32.33 -1.01
CA VAL C 66 -36.99 32.90 -0.39
C VAL C 66 -36.67 33.18 1.07
N TYR C 67 -36.83 34.43 1.48
CA TYR C 67 -36.47 34.86 2.82
C TYR C 67 -37.70 34.90 3.72
N GLY C 68 -37.50 34.64 5.00
CA GLY C 68 -38.52 34.86 6.00
C GLY C 68 -39.48 33.72 6.24
N LEU C 69 -39.54 32.75 5.34
CA LEU C 69 -40.40 31.59 5.54
C LEU C 69 -39.68 30.59 6.44
N GLU C 70 -40.26 30.33 7.61
CA GLU C 70 -39.70 29.38 8.57
C GLU C 70 -40.28 27.98 8.45
N SER C 71 -41.51 27.86 7.97
CA SER C 71 -42.08 26.60 7.55
C SER C 71 -43.00 26.86 6.37
N LEU C 72 -43.11 25.89 5.47
CA LEU C 72 -43.89 26.08 4.25
C LEU C 72 -45.34 25.65 4.43
N LYS C 73 -45.71 25.16 5.62
CA LYS C 73 -47.06 24.70 5.92
C LYS C 73 -48.07 25.83 6.06
N ASP C 74 -47.62 27.08 6.22
CA ASP C 74 -48.53 28.22 6.15
C ASP C 74 -49.03 28.43 4.72
N LEU C 75 -48.20 28.13 3.73
CA LEU C 75 -48.65 28.23 2.34
C LEU C 75 -49.53 27.04 1.96
N PHE C 76 -48.96 25.83 1.98
CA PHE C 76 -49.58 24.62 1.45
C PHE C 76 -49.74 23.58 2.55
N PRO C 77 -50.89 23.55 3.24
CA PRO C 77 -51.13 22.49 4.22
C PRO C 77 -51.82 21.25 3.67
N ASN C 78 -52.22 21.26 2.39
CA ASN C 78 -53.01 20.16 1.83
C ASN C 78 -52.45 19.68 0.50
N LEU C 79 -51.15 19.84 0.28
CA LEU C 79 -50.50 19.35 -0.92
C LEU C 79 -50.28 17.85 -0.77
N THR C 80 -50.83 17.05 -1.70
CA THR C 80 -50.89 15.61 -1.52
C THR C 80 -49.88 14.83 -2.35
N VAL C 81 -49.94 14.95 -3.67
CA VAL C 81 -49.18 14.09 -4.59
C VAL C 81 -48.55 14.99 -5.65
N ILE C 82 -47.23 14.89 -5.79
CA ILE C 82 -46.49 15.56 -6.86
C ILE C 82 -46.37 14.53 -7.99
N ARG C 83 -46.84 14.87 -9.19
CA ARG C 83 -46.88 13.86 -10.25
C ARG C 83 -45.52 13.70 -10.94
N GLY C 84 -45.04 14.74 -11.61
CA GLY C 84 -43.78 14.63 -12.30
C GLY C 84 -43.88 14.25 -13.77
N SER C 85 -44.66 15.00 -14.53
CA SER C 85 -44.68 14.81 -15.98
C SER C 85 -43.42 15.38 -16.61
N ARG C 86 -43.22 16.68 -16.46
CA ARG C 86 -41.93 17.31 -16.74
C ARG C 86 -41.15 17.43 -15.44
N LEU C 87 -39.83 17.36 -15.55
CA LEU C 87 -38.99 17.24 -14.36
C LEU C 87 -38.07 18.45 -14.26
N PHE C 88 -37.15 18.40 -13.29
CA PHE C 88 -36.22 19.50 -13.08
C PHE C 88 -34.90 18.89 -12.59
N PHE C 89 -34.02 18.59 -13.55
CA PHE C 89 -32.74 17.86 -13.42
C PHE C 89 -32.93 16.53 -12.67
N ASN C 90 -33.84 15.71 -13.24
CA ASN C 90 -34.62 14.60 -12.65
C ASN C 90 -35.01 14.76 -11.18
N TYR C 91 -35.54 15.93 -10.82
CA TYR C 91 -36.20 16.13 -9.55
C TYR C 91 -37.55 16.79 -9.78
N ALA C 92 -38.45 16.57 -8.83
CA ALA C 92 -39.74 17.23 -8.82
C ALA C 92 -39.92 18.16 -7.62
N LEU C 93 -38.97 18.19 -6.69
CA LEU C 93 -39.03 19.06 -5.52
C LEU C 93 -37.61 19.53 -5.21
N VAL C 94 -37.28 20.73 -5.69
CA VAL C 94 -35.98 21.33 -5.47
C VAL C 94 -36.15 22.47 -4.49
N ILE C 95 -35.52 22.32 -3.32
CA ILE C 95 -35.52 23.35 -2.28
C ILE C 95 -34.07 23.80 -2.13
N PHE C 96 -33.76 24.97 -2.70
CA PHE C 96 -32.39 25.46 -2.82
C PHE C 96 -32.29 26.81 -2.14
N GLU C 97 -31.36 26.92 -1.18
CA GLU C 97 -30.86 28.16 -0.56
C GLU C 97 -31.95 28.94 0.17
N MET C 98 -32.62 28.26 1.09
CA MET C 98 -33.56 28.89 2.00
C MET C 98 -32.82 29.42 3.22
N VAL C 99 -32.81 30.72 3.37
CA VAL C 99 -32.34 31.38 4.59
C VAL C 99 -33.57 31.56 5.49
N HIS C 100 -33.35 31.38 6.80
CA HIS C 100 -34.33 31.43 7.90
C HIS C 100 -35.46 30.41 7.76
N LEU C 101 -35.17 29.24 7.20
CA LEU C 101 -36.09 28.11 7.21
C LEU C 101 -35.59 27.05 8.17
N LYS C 102 -36.43 26.64 9.12
CA LYS C 102 -36.03 25.69 10.14
C LYS C 102 -36.66 24.31 10.00
N GLU C 103 -37.87 24.21 9.45
CA GLU C 103 -38.53 22.92 9.29
C GLU C 103 -39.43 22.96 8.07
N LEU C 104 -39.79 21.77 7.59
CA LEU C 104 -40.60 21.66 6.37
C LEU C 104 -42.08 21.85 6.66
N GLY C 105 -42.67 20.96 7.44
CA GLY C 105 -44.08 21.01 7.72
C GLY C 105 -44.98 20.40 6.66
N LEU C 106 -44.44 19.57 5.78
CA LEU C 106 -45.21 19.05 4.64
C LEU C 106 -45.76 17.67 4.99
N TYR C 107 -46.72 17.66 5.92
CA TYR C 107 -47.22 16.41 6.48
C TYR C 107 -48.17 15.64 5.58
N ASN C 108 -48.72 16.28 4.55
CA ASN C 108 -49.76 15.65 3.73
C ASN C 108 -49.20 14.99 2.47
N LEU C 109 -47.88 14.86 2.36
CA LEU C 109 -47.25 14.14 1.27
C LEU C 109 -46.95 12.71 1.68
N MET C 110 -47.38 11.74 0.87
CA MET C 110 -46.74 10.44 0.94
C MET C 110 -46.48 9.77 -0.40
N ASN C 111 -46.82 10.36 -1.54
CA ASN C 111 -46.31 9.80 -2.78
C ASN C 111 -45.94 10.91 -3.76
N ILE C 112 -44.72 10.81 -4.28
CA ILE C 112 -44.29 11.49 -5.49
C ILE C 112 -43.95 10.42 -6.50
N THR C 113 -44.55 10.50 -7.70
CA THR C 113 -44.53 9.39 -8.65
C THR C 113 -43.20 9.28 -9.38
N ARG C 114 -42.81 10.31 -10.12
CA ARG C 114 -41.61 10.26 -10.94
C ARG C 114 -40.69 11.41 -10.57
N GLY C 115 -39.46 11.08 -10.18
CA GLY C 115 -38.45 12.06 -9.86
C GLY C 115 -37.83 11.78 -8.51
N SER C 116 -37.10 12.79 -8.00
CA SER C 116 -36.44 12.70 -6.71
C SER C 116 -36.58 14.06 -6.01
N VAL C 117 -36.03 14.15 -4.80
CA VAL C 117 -36.06 15.37 -4.00
C VAL C 117 -34.62 15.74 -3.66
N ARG C 118 -34.20 16.95 -4.03
CA ARG C 118 -32.90 17.49 -3.67
C ARG C 118 -33.10 18.75 -2.85
N ILE C 119 -32.71 18.71 -1.58
CA ILE C 119 -32.74 19.86 -0.68
C ILE C 119 -31.32 20.10 -0.21
N GLU C 120 -30.79 21.31 -0.44
CA GLU C 120 -29.45 21.64 0.02
C GLU C 120 -29.36 23.14 0.30
N LYS C 121 -28.26 23.49 0.99
CA LYS C 121 -27.77 24.86 1.22
C LYS C 121 -28.75 25.73 2.02
N ASN C 122 -29.54 25.10 2.89
CA ASN C 122 -30.40 25.82 3.83
C ASN C 122 -29.66 25.88 5.16
N ASN C 123 -29.28 27.08 5.57
CA ASN C 123 -28.30 27.27 6.64
C ASN C 123 -28.88 27.10 8.03
N GLU C 124 -30.20 27.00 8.18
CA GLU C 124 -30.82 26.84 9.50
C GLU C 124 -31.79 25.67 9.55
N LEU C 125 -31.69 24.74 8.61
CA LEU C 125 -32.70 23.70 8.47
C LEU C 125 -32.49 22.55 9.44
N CYS C 126 -33.57 22.15 10.10
CA CYS C 126 -33.59 20.93 10.91
C CYS C 126 -34.75 20.05 10.44
N TYR C 127 -35.03 18.98 11.20
CA TYR C 127 -36.07 17.96 10.95
C TYR C 127 -35.92 17.28 9.59
N LEU C 128 -34.67 16.99 9.21
CA LEU C 128 -34.41 16.40 7.90
C LEU C 128 -34.28 14.88 7.97
N ALA C 129 -33.58 14.37 8.98
CA ALA C 129 -33.31 12.94 9.09
C ALA C 129 -34.46 12.18 9.75
N THR C 130 -35.49 12.87 10.24
CA THR C 130 -36.62 12.22 10.89
C THR C 130 -37.79 12.00 9.94
N ILE C 131 -37.52 11.91 8.64
CA ILE C 131 -38.54 11.62 7.63
C ILE C 131 -38.10 10.35 6.89
N ASP C 132 -38.94 9.33 6.94
CA ASP C 132 -38.68 8.10 6.19
C ASP C 132 -39.07 8.32 4.74
N TRP C 133 -38.07 8.48 3.86
CA TRP C 133 -38.32 8.76 2.45
C TRP C 133 -38.61 7.50 1.64
N SER C 134 -38.51 6.31 2.23
CA SER C 134 -38.73 5.05 1.52
C SER C 134 -40.19 4.82 1.18
N ARG C 135 -41.11 5.28 2.03
CA ARG C 135 -42.53 5.22 1.70
C ARG C 135 -43.02 6.47 0.98
N ILE C 136 -42.16 7.46 0.77
CA ILE C 136 -42.50 8.64 0.01
C ILE C 136 -42.22 8.45 -1.47
N LEU C 137 -41.01 7.99 -1.79
CA LEU C 137 -40.48 7.93 -3.14
C LEU C 137 -40.27 6.49 -3.57
N ASP C 138 -40.07 6.31 -4.87
CA ASP C 138 -39.77 4.99 -5.43
C ASP C 138 -38.26 4.77 -5.54
N SER C 139 -37.57 5.62 -6.30
CA SER C 139 -36.12 5.54 -6.44
C SER C 139 -35.50 6.42 -5.35
N VAL C 140 -35.37 5.82 -4.17
CA VAL C 140 -34.90 6.57 -3.00
C VAL C 140 -33.40 6.69 -2.90
N GLU C 141 -32.65 5.99 -3.77
CA GLU C 141 -31.21 6.12 -3.80
C GLU C 141 -30.74 7.27 -4.67
N ASP C 142 -31.64 7.91 -5.41
CA ASP C 142 -31.32 9.10 -6.19
C ASP C 142 -31.63 10.39 -5.44
N ASN C 143 -31.90 10.30 -4.14
CA ASN C 143 -32.02 11.48 -3.30
C ASN C 143 -30.65 12.11 -3.09
N TYR C 144 -30.66 13.42 -2.88
CA TYR C 144 -29.42 14.15 -2.60
C TYR C 144 -29.75 15.28 -1.60
N ILE C 145 -29.66 14.96 -0.32
CA ILE C 145 -29.86 15.93 0.77
C ILE C 145 -28.55 16.02 1.53
N VAL C 146 -27.90 17.18 1.47
CA VAL C 146 -26.58 17.40 2.07
C VAL C 146 -26.48 18.91 2.33
N LEU C 147 -25.54 19.29 3.21
CA LEU C 147 -25.04 20.66 3.45
C LEU C 147 -26.13 21.58 4.00
N ASN C 148 -26.67 21.19 5.15
CA ASN C 148 -27.69 21.96 5.84
C ASN C 148 -27.26 22.14 7.30
N LYS C 149 -28.17 22.62 8.15
CA LYS C 149 -27.85 22.68 9.57
C LYS C 149 -28.15 21.39 10.31
N ASP C 150 -28.92 20.48 9.71
CA ASP C 150 -29.28 19.24 10.40
C ASP C 150 -28.18 18.19 10.32
N ASP C 151 -27.21 18.35 9.43
CA ASP C 151 -26.06 17.46 9.39
C ASP C 151 -24.75 18.14 9.78
N ASN C 152 -24.68 19.48 9.71
CA ASN C 152 -23.53 20.19 10.25
C ASN C 152 -23.55 20.22 11.77
N GLU C 153 -24.73 20.43 12.35
CA GLU C 153 -24.88 20.58 13.78
C GLU C 153 -25.83 19.51 14.32
N GLU C 154 -26.17 19.65 15.60
CA GLU C 154 -26.95 18.66 16.36
C GLU C 154 -28.14 19.35 17.02
N CYS C 155 -28.94 20.05 16.20
CA CYS C 155 -30.12 20.77 16.67
C CYS C 155 -31.21 19.81 17.15
N GLY C 156 -31.92 20.22 18.19
CA GLY C 156 -32.88 19.36 18.85
C GLY C 156 -34.18 19.19 18.10
N ASP C 157 -34.41 18.00 17.56
CA ASP C 157 -35.66 17.68 16.88
C ASP C 157 -36.65 17.19 17.93
N ILE C 158 -37.51 18.10 18.38
CA ILE C 158 -38.54 17.78 19.36
C ILE C 158 -39.65 17.03 18.65
N CYS C 159 -39.87 15.78 19.04
CA CYS C 159 -40.81 14.93 18.34
C CYS C 159 -42.08 14.70 19.18
N PRO C 160 -43.26 14.62 18.56
CA PRO C 160 -44.47 14.33 19.33
C PRO C 160 -44.56 12.84 19.68
N GLY C 161 -44.31 12.53 20.94
CA GLY C 161 -44.36 11.15 21.40
C GLY C 161 -45.45 10.90 22.43
N THR C 162 -45.74 11.91 23.24
CA THR C 162 -46.74 11.79 24.29
C THR C 162 -47.38 13.14 24.61
N ASN C 168 -46.54 8.87 19.93
CA ASN C 168 -47.74 8.83 19.11
C ASN C 168 -47.37 8.68 17.63
N CYS C 169 -46.19 9.17 17.27
CA CYS C 169 -45.67 8.96 15.93
C CYS C 169 -45.22 7.50 15.76
N PRO C 170 -45.39 6.93 14.56
CA PRO C 170 -44.89 5.56 14.35
C PRO C 170 -43.37 5.53 14.19
N ALA C 171 -42.73 4.58 14.87
CA ALA C 171 -41.28 4.44 14.85
C ALA C 171 -40.91 3.37 13.84
N THR C 172 -40.36 3.80 12.70
CA THR C 172 -39.94 2.91 11.64
C THR C 172 -38.41 2.83 11.60
N VAL C 173 -37.91 1.97 10.72
CA VAL C 173 -36.48 1.73 10.60
C VAL C 173 -35.98 2.43 9.32
N ILE C 174 -34.73 2.93 9.36
CA ILE C 174 -34.04 3.39 8.17
C ILE C 174 -32.70 2.68 7.96
N ASN C 175 -31.94 2.43 9.03
CA ASN C 175 -30.77 1.55 8.94
C ASN C 175 -30.77 0.45 9.99
N GLY C 176 -30.96 0.76 11.28
CA GLY C 176 -31.11 -0.29 12.28
C GLY C 176 -31.94 0.06 13.50
N GLN C 177 -32.55 1.25 13.51
CA GLN C 177 -33.11 1.79 14.74
C GLN C 177 -34.54 2.27 14.51
N PHE C 178 -35.37 2.12 15.54
CA PHE C 178 -36.77 2.53 15.47
C PHE C 178 -36.88 3.91 16.09
N VAL C 179 -36.66 4.94 15.27
CA VAL C 179 -36.86 6.32 15.68
C VAL C 179 -38.15 6.83 15.07
N GLU C 180 -38.77 7.80 15.76
CA GLU C 180 -40.09 8.28 15.37
C GLU C 180 -40.01 9.19 14.16
N ARG C 181 -41.01 9.10 13.29
CA ARG C 181 -41.04 9.86 12.06
C ARG C 181 -41.82 11.15 12.28
N CYS C 182 -41.12 12.28 12.24
CA CYS C 182 -41.65 13.57 12.66
C CYS C 182 -41.51 14.59 11.55
N TRP C 183 -42.50 15.47 11.44
CA TRP C 183 -42.46 16.60 10.52
C TRP C 183 -42.23 17.92 11.26
N THR C 184 -43.07 18.23 12.24
CA THR C 184 -42.90 19.40 13.09
C THR C 184 -42.83 18.91 14.52
N HIS C 185 -42.94 19.84 15.47
CA HIS C 185 -43.00 19.49 16.89
C HIS C 185 -44.38 19.00 17.31
N SER C 186 -45.41 19.17 16.48
CA SER C 186 -46.75 18.74 16.83
C SER C 186 -47.48 18.10 15.65
N HIS C 187 -46.74 17.50 14.72
CA HIS C 187 -47.35 16.80 13.59
C HIS C 187 -46.62 15.49 13.36
N CYS C 188 -47.33 14.38 13.47
CA CYS C 188 -46.75 13.08 13.19
C CYS C 188 -46.73 12.80 11.68
N GLN C 189 -45.91 11.85 11.28
CA GLN C 189 -45.89 11.38 9.90
C GLN C 189 -46.77 10.16 9.78
N LYS C 190 -47.71 10.21 8.84
CA LYS C 190 -48.69 9.14 8.67
C LYS C 190 -48.04 7.97 7.91
N VAL C 191 -48.05 6.79 8.53
CA VAL C 191 -47.55 5.57 7.90
C VAL C 191 -48.71 4.60 7.83
N CYS C 192 -49.08 4.22 6.61
CA CYS C 192 -50.15 3.26 6.39
C CYS C 192 -49.67 1.84 6.67
N PRO C 193 -50.58 0.92 7.00
CA PRO C 193 -50.21 -0.50 6.99
C PRO C 193 -49.98 -1.01 5.57
N THR C 194 -49.23 -2.11 5.48
CA THR C 194 -48.72 -2.60 4.21
C THR C 194 -49.75 -3.33 3.35
N ILE C 195 -50.95 -3.60 3.88
CA ILE C 195 -52.05 -4.06 3.04
C ILE C 195 -52.53 -2.94 2.12
N CYS C 196 -52.60 -1.71 2.63
CA CYS C 196 -52.76 -0.53 1.79
C CYS C 196 -51.41 -0.25 1.13
N LYS C 197 -51.25 -0.71 -0.11
CA LYS C 197 -49.94 -0.70 -0.77
C LYS C 197 -49.58 0.70 -1.28
N SER C 198 -50.37 1.23 -2.21
CA SER C 198 -50.22 2.60 -2.67
C SER C 198 -51.53 3.37 -2.62
N HIS C 199 -52.63 2.71 -2.26
CA HIS C 199 -53.93 3.36 -2.19
C HIS C 199 -54.09 4.24 -0.96
N GLY C 200 -53.28 4.02 0.07
CA GLY C 200 -53.36 4.81 1.28
C GLY C 200 -54.41 4.29 2.25
N CYS C 201 -54.38 4.86 3.45
CA CYS C 201 -55.32 4.49 4.51
C CYS C 201 -56.02 5.73 5.04
N THR C 202 -57.10 5.49 5.77
CA THR C 202 -57.87 6.56 6.40
C THR C 202 -57.35 6.78 7.83
N ALA C 203 -58.11 7.51 8.64
CA ALA C 203 -57.68 7.88 9.99
C ALA C 203 -57.74 6.70 10.96
N GLU C 204 -58.58 5.71 10.69
CA GLU C 204 -58.63 4.49 11.50
C GLU C 204 -57.80 3.36 10.90
N GLY C 205 -57.08 3.61 9.81
CA GLY C 205 -56.18 2.60 9.27
C GLY C 205 -56.80 1.60 8.31
N LEU C 206 -57.96 1.92 7.73
CA LEU C 206 -58.62 1.05 6.78
C LEU C 206 -58.23 1.43 5.37
N CYS C 207 -58.04 0.43 4.51
CA CYS C 207 -57.57 0.66 3.14
C CYS C 207 -58.66 1.26 2.27
N CYS C 208 -58.25 2.15 1.38
CA CYS C 208 -59.17 2.93 0.55
C CYS C 208 -59.50 2.16 -0.74
N HIS C 209 -60.10 2.86 -1.70
CA HIS C 209 -60.42 2.31 -3.01
C HIS C 209 -59.16 2.08 -3.85
N SER C 210 -59.31 1.25 -4.88
CA SER C 210 -58.20 0.92 -5.77
C SER C 210 -57.79 2.08 -6.67
N GLU C 211 -58.70 3.01 -6.95
CA GLU C 211 -58.37 4.22 -7.69
C GLU C 211 -58.16 5.43 -6.77
N CYS C 212 -58.20 5.23 -5.46
CA CYS C 212 -57.77 6.26 -4.53
C CYS C 212 -56.25 6.33 -4.49
N LEU C 213 -55.73 7.43 -3.94
CA LEU C 213 -54.29 7.63 -3.86
C LEU C 213 -53.98 8.53 -2.66
N GLY C 214 -53.32 7.96 -1.65
CA GLY C 214 -52.86 8.74 -0.52
C GLY C 214 -53.83 8.81 0.65
N ASN C 215 -54.90 9.60 0.51
CA ASN C 215 -55.83 9.85 1.60
C ASN C 215 -57.26 9.69 1.11
N CYS C 216 -58.10 9.09 1.95
CA CYS C 216 -59.52 9.00 1.69
C CYS C 216 -60.29 9.30 2.97
N SER C 217 -61.45 9.94 2.82
CA SER C 217 -62.30 10.18 3.98
C SER C 217 -63.13 8.95 4.33
N GLN C 218 -63.55 8.21 3.31
CA GLN C 218 -64.27 6.96 3.48
C GLN C 218 -63.47 5.83 2.83
N PRO C 219 -63.22 4.72 3.54
CA PRO C 219 -62.48 3.62 2.92
C PRO C 219 -63.32 2.82 1.95
N ASP C 220 -62.64 2.33 0.89
CA ASP C 220 -63.17 1.58 -0.27
C ASP C 220 -64.27 2.40 -0.96
N ASP C 221 -63.96 3.67 -1.23
CA ASP C 221 -64.90 4.61 -1.82
C ASP C 221 -64.24 5.35 -2.96
N PRO C 222 -64.71 5.20 -4.22
CA PRO C 222 -64.10 5.97 -5.31
C PRO C 222 -64.50 7.43 -5.35
N THR C 223 -65.60 7.80 -4.70
CA THR C 223 -66.05 9.18 -4.66
C THR C 223 -65.36 9.99 -3.56
N LYS C 224 -64.66 9.34 -2.64
CA LYS C 224 -64.09 10.01 -1.48
C LYS C 224 -62.56 10.02 -1.49
N CYS C 225 -61.95 9.83 -2.65
CA CYS C 225 -60.50 9.99 -2.76
C CYS C 225 -60.15 11.48 -2.75
N VAL C 226 -59.09 11.82 -2.01
CA VAL C 226 -58.58 13.19 -2.06
C VAL C 226 -57.86 13.43 -3.39
N ALA C 227 -57.03 12.48 -3.81
CA ALA C 227 -56.36 12.55 -5.10
C ALA C 227 -56.61 11.27 -5.89
N CYS C 228 -56.90 11.42 -7.18
CA CYS C 228 -57.07 10.26 -8.04
C CYS C 228 -55.72 9.64 -8.37
N ARG C 229 -55.71 8.32 -8.51
CA ARG C 229 -54.47 7.63 -8.85
C ARG C 229 -54.18 7.70 -10.33
N ASN C 230 -55.16 7.36 -11.17
CA ASN C 230 -54.96 7.28 -12.61
C ASN C 230 -55.66 8.39 -13.36
N PHE C 231 -56.98 8.52 -13.22
CA PHE C 231 -57.73 9.49 -14.01
C PHE C 231 -58.87 10.05 -13.18
N TYR C 232 -59.36 11.22 -13.61
CA TYR C 232 -60.41 11.95 -12.90
C TYR C 232 -61.56 12.23 -13.86
N LEU C 233 -62.78 11.95 -13.40
CA LEU C 233 -63.99 12.27 -14.17
C LEU C 233 -65.13 12.53 -13.20
N ASP C 234 -65.36 13.83 -12.90
CA ASP C 234 -66.54 14.38 -12.20
C ASP C 234 -66.70 13.84 -10.78
N GLY C 235 -65.60 13.79 -10.03
CA GLY C 235 -65.61 13.26 -8.68
C GLY C 235 -65.40 11.76 -8.59
N ARG C 236 -65.28 11.06 -9.71
CA ARG C 236 -65.09 9.62 -9.74
C ARG C 236 -63.69 9.33 -10.27
N CYS C 237 -62.85 8.75 -9.42
CA CYS C 237 -61.51 8.33 -9.85
C CYS C 237 -61.65 7.03 -10.63
N VAL C 238 -61.18 7.05 -11.88
CA VAL C 238 -61.36 5.92 -12.79
C VAL C 238 -60.01 5.43 -13.27
N GLU C 239 -59.97 4.15 -13.64
CA GLU C 239 -58.75 3.57 -14.20
C GLU C 239 -58.54 3.98 -15.64
N THR C 240 -59.62 4.19 -16.40
CA THR C 240 -59.52 4.65 -17.78
C THR C 240 -60.71 5.55 -18.08
N CYS C 241 -60.57 6.33 -19.14
CA CYS C 241 -61.66 7.20 -19.57
C CYS C 241 -62.63 6.42 -20.45
N PRO C 242 -63.92 6.37 -20.10
CA PRO C 242 -64.90 5.76 -21.01
C PRO C 242 -65.19 6.69 -22.19
N PRO C 243 -65.68 6.16 -23.32
CA PRO C 243 -66.05 7.04 -24.43
C PRO C 243 -67.33 7.80 -24.12
N PRO C 244 -67.47 9.06 -24.60
CA PRO C 244 -66.60 9.83 -25.48
C PRO C 244 -65.52 10.66 -24.79
N TYR C 245 -65.28 10.44 -23.50
CA TYR C 245 -64.25 11.18 -22.78
C TYR C 245 -62.87 10.66 -23.14
N TYR C 246 -61.94 11.58 -23.35
CA TYR C 246 -60.58 11.25 -23.77
C TYR C 246 -59.61 11.50 -22.63
N HIS C 247 -58.47 10.81 -22.68
CA HIS C 247 -57.42 11.00 -21.69
C HIS C 247 -56.68 12.31 -21.93
N PHE C 248 -56.30 12.99 -20.86
CA PHE C 248 -55.57 14.25 -20.96
C PHE C 248 -54.55 14.34 -19.84
N GLN C 249 -53.27 14.39 -20.23
CA GLN C 249 -52.07 14.61 -19.40
C GLN C 249 -51.86 13.53 -18.33
N ASP C 250 -52.40 12.32 -18.58
CA ASP C 250 -52.33 11.11 -17.73
C ASP C 250 -52.86 11.31 -16.30
N TRP C 251 -53.80 12.24 -16.11
CA TRP C 251 -54.39 12.45 -14.79
C TRP C 251 -55.89 12.72 -14.79
N ARG C 252 -56.52 13.02 -15.92
CA ARG C 252 -57.93 13.40 -15.91
C ARG C 252 -58.56 13.02 -17.25
N CYS C 253 -59.90 13.03 -17.26
CA CYS C 253 -60.67 12.75 -18.46
C CYS C 253 -61.33 14.04 -18.95
N VAL C 254 -61.02 14.44 -20.17
CA VAL C 254 -61.69 15.56 -20.81
C VAL C 254 -62.46 15.03 -22.02
N ASN C 255 -63.35 15.86 -22.54
CA ASN C 255 -64.14 15.52 -23.71
C ASN C 255 -63.53 16.09 -24.98
N PHE C 256 -64.26 15.98 -26.09
CA PHE C 256 -63.75 16.37 -27.41
C PHE C 256 -63.68 17.87 -27.57
N SER C 257 -64.58 18.60 -26.90
CA SER C 257 -64.67 20.05 -27.06
C SER C 257 -63.53 20.78 -26.36
N PHE C 258 -62.94 20.18 -25.30
CA PHE C 258 -61.81 20.80 -24.60
C PHE C 258 -60.53 20.73 -25.42
N CYS C 259 -60.24 19.55 -25.99
CA CYS C 259 -59.09 19.39 -26.88
C CYS C 259 -59.30 20.11 -28.21
N GLN C 260 -60.56 20.22 -28.66
CA GLN C 260 -60.87 20.99 -29.86
C GLN C 260 -60.74 22.49 -29.63
N ASP C 261 -61.09 22.97 -28.43
CA ASP C 261 -60.93 24.38 -28.09
C ASP C 261 -59.47 24.73 -27.86
N LEU C 262 -58.69 23.80 -27.32
CA LEU C 262 -57.25 24.03 -27.23
C LEU C 262 -56.54 23.90 -28.58
N HIS C 263 -57.14 23.16 -29.52
CA HIS C 263 -56.68 23.24 -30.91
C HIS C 263 -57.00 24.59 -31.54
N HIS C 264 -58.21 25.12 -31.26
CA HIS C 264 -58.63 26.41 -31.81
C HIS C 264 -57.92 27.59 -31.15
N LYS C 265 -57.42 27.43 -29.93
CA LYS C 265 -56.68 28.48 -29.25
C LYS C 265 -55.19 28.47 -29.61
N CYS C 266 -54.75 27.55 -30.45
CA CYS C 266 -53.42 27.57 -31.05
C CYS C 266 -53.45 27.77 -32.55
N LYS C 267 -54.51 27.35 -33.23
CA LYS C 267 -54.63 27.56 -34.67
C LYS C 267 -54.95 29.02 -34.99
N ASN C 268 -55.76 29.67 -34.17
CA ASN C 268 -56.10 31.07 -34.33
C ASN C 268 -55.25 31.99 -33.46
N SER C 269 -54.04 31.56 -33.11
CA SER C 269 -53.14 32.32 -32.27
C SER C 269 -51.71 31.97 -32.67
N ARG C 270 -50.75 32.32 -31.79
CA ARG C 270 -49.34 32.04 -32.06
C ARG C 270 -49.02 30.57 -31.86
N CYS C 274 -46.51 26.40 -28.59
CA CYS C 274 -47.93 26.67 -28.57
C CYS C 274 -48.73 25.39 -28.31
N HIS C 275 -48.21 24.28 -28.88
CA HIS C 275 -48.69 22.90 -28.72
C HIS C 275 -50.14 22.73 -29.18
N GLN C 276 -50.30 22.82 -30.51
CA GLN C 276 -51.56 22.55 -31.19
C GLN C 276 -51.96 21.09 -31.01
N TYR C 277 -52.98 20.84 -30.18
CA TYR C 277 -53.29 19.50 -29.71
C TYR C 277 -54.00 18.66 -30.77
N VAL C 278 -53.66 17.37 -30.79
CA VAL C 278 -54.30 16.36 -31.62
C VAL C 278 -54.88 15.29 -30.70
N ILE C 279 -55.54 14.30 -31.30
CA ILE C 279 -56.04 13.15 -30.56
C ILE C 279 -55.58 11.86 -31.23
N HIS C 280 -55.15 10.89 -30.43
CA HIS C 280 -54.80 9.56 -30.88
C HIS C 280 -54.95 8.61 -29.69
N ASN C 281 -55.58 7.45 -29.97
CA ASN C 281 -55.87 6.35 -29.02
C ASN C 281 -56.67 6.83 -27.80
N ASN C 282 -57.65 7.71 -28.07
CA ASN C 282 -58.51 8.42 -27.10
C ASN C 282 -57.71 9.20 -26.06
N LYS C 283 -56.60 9.80 -26.51
CA LYS C 283 -55.75 10.62 -25.66
C LYS C 283 -55.48 11.95 -26.37
N CYS C 284 -55.66 13.05 -25.66
CA CYS C 284 -55.36 14.37 -26.23
C CYS C 284 -53.86 14.61 -26.11
N ILE C 285 -53.16 14.47 -27.23
CA ILE C 285 -51.69 14.40 -27.30
C ILE C 285 -51.22 15.69 -27.96
N PRO C 286 -50.05 16.25 -27.60
CA PRO C 286 -49.54 17.45 -28.30
C PRO C 286 -49.21 17.27 -29.78
N GLU C 287 -48.57 16.17 -30.19
CA GLU C 287 -48.22 15.99 -31.59
C GLU C 287 -48.41 14.55 -32.00
N CYS C 288 -48.75 14.34 -33.27
CA CYS C 288 -48.86 13.00 -33.83
C CYS C 288 -47.48 12.38 -33.98
N PRO C 289 -47.31 11.09 -33.62
CA PRO C 289 -46.01 10.43 -33.83
C PRO C 289 -45.77 9.97 -35.26
N SER C 290 -44.70 9.17 -35.45
CA SER C 290 -44.25 8.76 -36.78
C SER C 290 -45.22 7.78 -37.44
N GLY C 291 -45.43 7.97 -38.73
CA GLY C 291 -46.41 7.24 -39.48
C GLY C 291 -47.79 7.86 -39.52
N TYR C 292 -48.00 8.97 -38.81
CA TYR C 292 -49.30 9.62 -38.73
C TYR C 292 -49.23 11.03 -39.29
N THR C 293 -50.39 11.66 -39.45
CA THR C 293 -50.48 12.98 -40.06
C THR C 293 -51.65 13.75 -39.44
N MET C 294 -51.96 14.90 -40.04
CA MET C 294 -52.96 15.83 -39.53
C MET C 294 -53.95 16.08 -40.66
N ASN C 295 -55.24 15.93 -40.37
CA ASN C 295 -56.30 16.17 -41.33
C ASN C 295 -56.72 17.64 -41.29
N SER C 296 -57.87 17.95 -41.89
CA SER C 296 -58.50 19.25 -41.77
C SER C 296 -59.83 19.20 -41.03
N SER C 297 -60.62 18.15 -41.23
CA SER C 297 -61.93 18.06 -40.59
C SER C 297 -61.82 17.54 -39.16
N ASN C 298 -61.33 16.32 -38.99
CA ASN C 298 -61.17 15.73 -37.67
C ASN C 298 -59.73 15.88 -37.18
N LEU C 299 -59.55 15.70 -35.88
CA LEU C 299 -58.27 15.93 -35.23
C LEU C 299 -57.48 14.64 -35.02
N LEU C 300 -57.91 13.53 -35.61
CA LEU C 300 -57.32 12.24 -35.34
C LEU C 300 -56.00 12.05 -36.09
N CYS C 301 -55.11 11.24 -35.51
CA CYS C 301 -53.85 10.88 -36.15
C CYS C 301 -54.11 9.69 -37.07
N THR C 302 -54.62 10.00 -38.27
CA THR C 302 -54.79 9.00 -39.31
C THR C 302 -53.44 8.56 -39.86
N PRO C 303 -53.31 7.29 -40.30
CA PRO C 303 -52.00 6.79 -40.77
C PRO C 303 -51.54 7.41 -42.09
N CYS C 304 -50.36 8.04 -42.04
CA CYS C 304 -49.76 8.69 -43.19
C CYS C 304 -49.07 7.65 -44.05
N LEU C 305 -49.34 7.69 -45.36
CA LEU C 305 -48.81 6.69 -46.28
C LEU C 305 -47.35 6.98 -46.62
N GLY C 306 -46.59 5.91 -46.83
CA GLY C 306 -45.19 6.02 -47.16
C GLY C 306 -44.32 6.23 -45.93
N PRO C 307 -43.01 6.50 -46.13
CA PRO C 307 -42.15 6.86 -44.98
C PRO C 307 -42.45 8.25 -44.47
N CYS C 308 -43.12 8.32 -43.32
CA CYS C 308 -43.70 9.56 -42.81
C CYS C 308 -43.29 9.74 -41.35
N PRO C 309 -42.03 10.11 -41.07
CA PRO C 309 -41.54 10.07 -39.69
C PRO C 309 -41.78 11.34 -38.90
N LYS C 310 -41.32 11.36 -37.65
CA LYS C 310 -41.30 12.56 -36.83
C LYS C 310 -39.88 13.12 -36.83
N VAL C 311 -39.72 14.33 -37.34
CA VAL C 311 -38.42 14.97 -37.50
C VAL C 311 -38.34 16.13 -36.54
N CYS C 312 -37.37 16.09 -35.63
CA CYS C 312 -37.18 17.12 -34.62
C CYS C 312 -35.95 17.94 -34.94
N HIS C 313 -36.10 19.26 -34.95
CA HIS C 313 -35.00 20.17 -35.21
C HIS C 313 -34.37 20.62 -33.90
N LEU C 314 -33.04 20.62 -33.87
CA LEU C 314 -32.29 21.09 -32.72
C LEU C 314 -31.96 22.58 -32.89
N LEU C 315 -31.87 23.27 -31.76
CA LEU C 315 -31.51 24.68 -31.77
C LEU C 315 -30.00 24.81 -31.97
N GLU C 316 -29.63 25.57 -33.03
CA GLU C 316 -28.30 25.79 -33.63
C GLU C 316 -27.38 24.57 -33.71
N GLY C 317 -27.93 23.41 -34.05
CA GLY C 317 -27.17 22.22 -34.33
C GLY C 317 -26.85 21.33 -33.15
N GLU C 318 -26.54 21.91 -31.99
CA GLU C 318 -26.07 21.15 -30.84
C GLU C 318 -27.11 21.18 -29.73
N LYS C 319 -27.37 20.01 -29.15
CA LYS C 319 -28.20 19.88 -27.95
C LYS C 319 -27.42 19.09 -26.92
N THR C 320 -27.22 19.69 -25.75
CA THR C 320 -26.44 19.07 -24.68
C THR C 320 -27.38 18.29 -23.76
N ILE C 321 -27.32 16.97 -23.84
CA ILE C 321 -28.11 16.13 -22.95
C ILE C 321 -27.40 16.08 -21.59
N ASP C 322 -28.09 16.55 -20.56
CA ASP C 322 -27.52 16.57 -19.22
C ASP C 322 -28.34 15.83 -18.17
N SER C 323 -29.67 15.79 -18.34
CA SER C 323 -30.54 15.09 -17.42
C SER C 323 -31.83 14.68 -18.13
N VAL C 324 -32.81 14.26 -17.32
CA VAL C 324 -34.09 13.76 -17.80
C VAL C 324 -34.95 14.89 -18.36
N THR C 325 -34.80 16.11 -17.83
CA THR C 325 -35.56 17.26 -18.34
C THR C 325 -35.03 17.77 -19.68
N SER C 326 -33.82 17.39 -20.09
CA SER C 326 -33.36 17.60 -21.44
C SER C 326 -33.57 16.37 -22.32
N ALA C 327 -33.63 15.19 -21.71
CA ALA C 327 -33.90 13.98 -22.48
C ALA C 327 -35.36 13.86 -22.89
N GLN C 328 -36.27 14.45 -22.12
CA GLN C 328 -37.70 14.35 -22.39
C GLN C 328 -38.16 15.28 -23.50
N GLU C 329 -37.34 16.27 -23.87
CA GLU C 329 -37.65 17.14 -24.99
C GLU C 329 -37.51 16.42 -26.34
N LEU C 330 -36.69 15.39 -26.41
CA LEU C 330 -36.52 14.60 -27.63
C LEU C 330 -37.37 13.32 -27.61
N ARG C 331 -38.51 13.36 -26.93
CA ARG C 331 -39.38 12.20 -26.86
C ARG C 331 -40.17 12.03 -28.15
N GLY C 332 -40.14 10.82 -28.71
CA GLY C 332 -40.88 10.53 -29.92
C GLY C 332 -40.21 10.93 -31.21
N CYS C 333 -38.98 11.43 -31.16
CA CYS C 333 -38.27 11.82 -32.36
C CYS C 333 -37.73 10.59 -33.08
N THR C 334 -37.52 10.73 -34.40
CA THR C 334 -36.88 9.70 -35.20
C THR C 334 -35.68 10.22 -35.99
N VAL C 335 -35.77 11.43 -36.54
CA VAL C 335 -34.69 12.03 -37.32
C VAL C 335 -34.22 13.27 -36.56
N ILE C 336 -32.94 13.32 -36.22
CA ILE C 336 -32.36 14.40 -35.42
C ILE C 336 -31.61 15.34 -36.36
N ASN C 337 -32.05 16.60 -36.41
CA ASN C 337 -31.36 17.63 -37.17
C ASN C 337 -30.20 18.20 -36.36
N GLY C 338 -29.03 17.55 -36.45
CA GLY C 338 -27.84 18.06 -35.80
C GLY C 338 -27.17 17.00 -34.95
N SER C 339 -26.47 17.46 -33.92
CA SER C 339 -25.57 16.63 -33.13
C SER C 339 -26.01 16.60 -31.67
N LEU C 340 -25.84 15.44 -31.04
CA LEU C 340 -26.15 15.26 -29.63
C LEU C 340 -24.86 15.19 -28.83
N ILE C 341 -24.74 16.05 -27.82
CA ILE C 341 -23.59 16.02 -26.92
C ILE C 341 -24.08 15.47 -25.58
N ILE C 342 -23.95 14.17 -25.39
CA ILE C 342 -24.42 13.54 -24.16
C ILE C 342 -23.35 13.75 -23.10
N ASN C 343 -23.68 14.52 -22.06
CA ASN C 343 -22.77 14.79 -20.95
C ASN C 343 -23.62 14.70 -19.68
N ILE C 344 -23.72 13.50 -19.13
CA ILE C 344 -24.40 13.31 -17.86
C ILE C 344 -23.34 13.16 -16.76
N ARG C 345 -23.21 14.22 -15.98
CA ARG C 345 -22.40 14.18 -14.76
C ARG C 345 -23.28 13.65 -13.65
N GLY C 346 -22.96 12.47 -13.14
CA GLY C 346 -23.89 11.81 -12.24
C GLY C 346 -23.29 11.10 -11.05
N GLY C 347 -23.66 9.83 -10.91
CA GLY C 347 -23.36 9.06 -9.72
C GLY C 347 -24.51 8.12 -9.42
N ASN C 348 -25.59 8.29 -10.18
CA ASN C 348 -26.77 7.44 -10.09
C ASN C 348 -27.09 6.88 -11.46
N ASN C 349 -27.70 5.70 -11.48
CA ASN C 349 -27.94 4.98 -12.73
C ASN C 349 -29.16 5.59 -13.40
N LEU C 350 -28.91 6.34 -14.48
CA LEU C 350 -29.97 6.97 -15.26
C LEU C 350 -30.22 6.28 -16.59
N ALA C 351 -29.85 5.00 -16.71
CA ALA C 351 -29.96 4.31 -17.99
C ALA C 351 -31.40 3.90 -18.30
N ALA C 352 -32.22 3.67 -17.26
CA ALA C 352 -33.59 3.23 -17.48
C ALA C 352 -34.48 4.38 -17.95
N GLU C 353 -34.30 5.57 -17.38
CA GLU C 353 -35.09 6.73 -17.77
C GLU C 353 -34.64 7.28 -19.12
N LEU C 354 -33.35 7.14 -19.44
CA LEU C 354 -32.87 7.49 -20.77
C LEU C 354 -33.26 6.44 -21.81
N GLU C 355 -33.44 5.20 -21.36
CA GLU C 355 -33.99 4.15 -22.21
C GLU C 355 -35.46 4.42 -22.53
N ALA C 356 -36.23 4.88 -21.53
CA ALA C 356 -37.64 5.17 -21.73
C ALA C 356 -37.89 6.47 -22.50
N ASN C 357 -36.92 7.39 -22.51
CA ASN C 357 -37.10 8.65 -23.21
C ASN C 357 -36.52 8.61 -24.62
N LEU C 358 -35.25 8.22 -24.75
CA LEU C 358 -34.60 8.13 -26.04
C LEU C 358 -34.77 6.71 -26.59
N GLY C 359 -34.02 6.37 -27.65
CA GLY C 359 -34.10 5.05 -28.23
C GLY C 359 -35.11 4.88 -29.33
N LEU C 360 -36.02 5.83 -29.50
CA LEU C 360 -36.94 5.83 -30.63
C LEU C 360 -36.36 6.56 -31.84
N ILE C 361 -35.18 7.14 -31.71
CA ILE C 361 -34.55 7.84 -32.82
C ILE C 361 -33.90 6.83 -33.74
N GLU C 362 -33.92 7.13 -35.04
CA GLU C 362 -33.33 6.28 -36.06
C GLU C 362 -32.05 6.86 -36.63
N GLU C 363 -32.07 8.12 -37.06
CA GLU C 363 -30.98 8.72 -37.80
C GLU C 363 -30.52 10.01 -37.12
N ILE C 364 -29.20 10.17 -37.01
CA ILE C 364 -28.59 11.40 -36.51
C ILE C 364 -27.84 12.03 -37.67
N SER C 365 -28.18 13.27 -38.00
CA SER C 365 -27.55 13.96 -39.13
C SER C 365 -26.13 14.40 -38.79
N GLY C 366 -25.90 14.84 -37.56
CA GLY C 366 -24.59 15.27 -37.14
C GLY C 366 -23.75 14.13 -36.58
N TYR C 367 -23.16 14.35 -35.41
CA TYR C 367 -22.26 13.39 -34.78
C TYR C 367 -22.74 13.07 -33.38
N LEU C 368 -22.48 11.85 -32.94
CA LEU C 368 -22.74 11.45 -31.57
C LEU C 368 -21.47 11.62 -30.75
N LYS C 369 -21.55 12.42 -29.70
CA LYS C 369 -20.40 12.68 -28.85
C LYS C 369 -20.75 12.33 -27.41
N ILE C 370 -19.99 11.41 -26.83
CA ILE C 370 -20.02 11.12 -25.40
C ILE C 370 -18.76 11.69 -24.76
N ARG C 371 -18.95 12.41 -23.65
CA ARG C 371 -17.85 13.11 -23.01
C ARG C 371 -18.10 13.17 -21.51
N ARG C 372 -17.12 12.67 -20.74
CA ARG C 372 -16.97 12.83 -19.28
C ARG C 372 -18.11 12.24 -18.47
N SER C 373 -18.81 11.24 -18.99
CA SER C 373 -19.95 10.66 -18.27
C SER C 373 -19.44 9.58 -17.34
N TYR C 374 -19.79 9.69 -16.05
CA TYR C 374 -19.28 8.77 -15.04
C TYR C 374 -20.23 7.58 -14.86
N ALA C 375 -21.53 7.82 -14.88
CA ALA C 375 -22.51 6.87 -14.38
C ALA C 375 -23.08 5.96 -15.45
N LEU C 376 -22.70 6.13 -16.72
CA LEU C 376 -23.13 5.17 -17.73
C LEU C 376 -22.32 3.87 -17.63
N VAL C 377 -23.00 2.78 -17.92
CA VAL C 377 -22.36 1.47 -18.03
C VAL C 377 -22.46 0.91 -19.44
N SER C 378 -23.36 1.42 -20.29
CA SER C 378 -23.52 0.94 -21.64
C SER C 378 -24.10 2.07 -22.50
N LEU C 379 -23.94 1.93 -23.80
CA LEU C 379 -24.56 2.84 -24.76
C LEU C 379 -25.67 2.16 -25.54
N SER C 380 -26.34 1.20 -24.92
CA SER C 380 -27.40 0.42 -25.56
C SER C 380 -28.79 1.00 -25.32
N PHE C 381 -28.89 2.22 -24.79
CA PHE C 381 -30.20 2.85 -24.67
C PHE C 381 -30.72 3.33 -26.02
N PHE C 382 -29.84 3.60 -26.98
CA PHE C 382 -30.26 3.78 -28.36
C PHE C 382 -30.62 2.43 -28.96
N ARG C 383 -31.89 2.03 -28.82
CA ARG C 383 -32.33 0.74 -29.31
C ARG C 383 -32.53 0.70 -30.82
N LYS C 384 -32.66 1.86 -31.46
CA LYS C 384 -32.99 1.92 -32.88
C LYS C 384 -32.01 2.77 -33.68
N LEU C 385 -30.77 2.93 -33.20
CA LEU C 385 -29.80 3.76 -33.89
C LEU C 385 -29.19 2.99 -35.06
N ARG C 386 -29.39 3.50 -36.27
CA ARG C 386 -28.91 2.83 -37.47
C ARG C 386 -27.89 3.65 -38.24
N LEU C 387 -28.19 4.91 -38.55
CA LEU C 387 -27.42 5.71 -39.48
C LEU C 387 -26.91 6.97 -38.78
N ILE C 388 -25.59 7.11 -38.70
CA ILE C 388 -24.97 8.37 -38.31
C ILE C 388 -24.45 9.01 -39.59
N ARG C 389 -25.03 10.14 -39.97
CA ARG C 389 -24.72 10.75 -41.26
C ARG C 389 -23.41 11.51 -41.24
N GLY C 390 -23.24 12.39 -40.24
CA GLY C 390 -22.05 13.21 -40.16
C GLY C 390 -21.96 14.31 -41.19
N GLU C 391 -23.08 14.97 -41.48
CA GLU C 391 -23.06 16.12 -42.39
C GLU C 391 -22.42 17.32 -41.72
N THR C 392 -22.77 17.57 -40.46
CA THR C 392 -22.01 18.49 -39.62
C THR C 392 -21.07 17.65 -38.76
N LEU C 393 -19.78 17.97 -38.79
CA LEU C 393 -18.77 17.16 -38.15
C LEU C 393 -18.08 17.92 -37.03
N GLU C 394 -17.57 17.16 -36.08
CA GLU C 394 -16.64 17.67 -35.08
C GLU C 394 -15.31 18.03 -35.77
N ILE C 395 -14.69 19.09 -35.28
CA ILE C 395 -13.45 19.59 -35.90
C ILE C 395 -12.30 18.65 -35.57
N GLY C 396 -11.56 18.26 -36.60
CA GLY C 396 -10.78 17.04 -36.59
C GLY C 396 -11.39 15.93 -37.41
N ASN C 397 -12.54 16.19 -38.05
CA ASN C 397 -13.29 15.30 -38.97
C ASN C 397 -13.72 14.00 -38.29
N TYR C 398 -14.31 14.12 -37.11
CA TYR C 398 -14.78 12.99 -36.33
C TYR C 398 -16.30 12.96 -36.32
N SER C 399 -16.89 11.81 -36.62
CA SER C 399 -18.32 11.58 -36.47
C SER C 399 -18.65 10.88 -35.16
N PHE C 400 -17.65 10.57 -34.35
CA PHE C 400 -17.85 9.87 -33.09
C PHE C 400 -16.73 10.30 -32.15
N TYR C 401 -17.10 10.68 -30.93
CA TYR C 401 -16.15 11.24 -29.98
C TYR C 401 -16.44 10.61 -28.62
N ALA C 402 -15.43 9.97 -28.03
CA ALA C 402 -15.58 9.27 -26.76
C ALA C 402 -14.38 9.60 -25.87
N LEU C 403 -14.58 10.53 -24.95
CA LEU C 403 -13.52 11.01 -24.09
C LEU C 403 -13.95 10.90 -22.63
N ASP C 404 -13.08 10.28 -21.81
CA ASP C 404 -13.13 10.26 -20.33
C ASP C 404 -14.38 9.59 -19.77
N ASN C 405 -14.94 8.61 -20.49
CA ASN C 405 -16.06 7.83 -19.98
C ASN C 405 -15.52 6.80 -19.00
N GLN C 406 -15.91 6.93 -17.73
CA GLN C 406 -15.21 6.22 -16.67
C GLN C 406 -15.67 4.78 -16.54
N ASN C 407 -16.98 4.54 -16.56
CA ASN C 407 -17.53 3.21 -16.31
C ASN C 407 -18.17 2.61 -17.56
N LEU C 408 -17.80 3.08 -18.74
CA LEU C 408 -18.36 2.57 -19.99
C LEU C 408 -17.65 1.28 -20.38
N ARG C 409 -18.37 0.16 -20.35
CA ARG C 409 -17.79 -1.14 -20.68
C ARG C 409 -18.14 -1.61 -22.07
N GLN C 410 -19.41 -1.61 -22.43
CA GLN C 410 -19.86 -2.08 -23.73
C GLN C 410 -20.47 -0.93 -24.54
N LEU C 411 -20.17 -0.90 -25.83
CA LEU C 411 -20.90 -0.02 -26.74
C LEU C 411 -22.29 -0.59 -27.01
N TRP C 412 -22.33 -1.77 -27.62
CA TRP C 412 -23.57 -2.46 -27.93
C TRP C 412 -23.30 -3.95 -27.86
N ASP C 413 -24.36 -4.74 -27.97
CA ASP C 413 -24.24 -6.19 -28.08
C ASP C 413 -24.36 -6.57 -29.55
N TRP C 414 -23.27 -7.08 -30.12
CA TRP C 414 -23.18 -7.30 -31.56
C TRP C 414 -23.73 -8.64 -32.01
N SER C 415 -24.37 -9.40 -31.12
CA SER C 415 -25.19 -10.52 -31.54
C SER C 415 -26.44 -10.05 -32.28
N LYS C 416 -26.99 -8.90 -31.89
CA LYS C 416 -28.17 -8.36 -32.55
C LYS C 416 -27.98 -6.96 -33.12
N HIS C 417 -27.23 -6.09 -32.46
CA HIS C 417 -27.23 -4.68 -32.81
C HIS C 417 -26.21 -4.38 -33.90
N ASN C 418 -26.52 -3.36 -34.69
CA ASN C 418 -25.75 -2.98 -35.86
C ASN C 418 -25.92 -1.50 -36.16
N LEU C 419 -24.86 -0.91 -36.71
CA LEU C 419 -24.77 0.53 -36.89
C LEU C 419 -24.05 0.82 -38.19
N THR C 420 -24.57 1.77 -38.96
CA THR C 420 -23.99 2.15 -40.24
C THR C 420 -23.49 3.59 -40.15
N ILE C 421 -22.17 3.76 -40.03
CA ILE C 421 -21.55 5.07 -39.99
C ILE C 421 -21.11 5.43 -41.41
N THR C 422 -21.66 6.52 -41.94
CA THR C 422 -21.42 6.87 -43.34
C THR C 422 -20.06 7.56 -43.52
N GLN C 423 -19.89 8.72 -42.90
CA GLN C 423 -18.69 9.53 -43.03
C GLN C 423 -18.05 9.73 -41.65
N GLY C 424 -16.93 10.44 -41.63
CA GLY C 424 -16.27 10.79 -40.40
C GLY C 424 -15.37 9.70 -39.87
N LYS C 425 -14.51 10.09 -38.93
CA LYS C 425 -13.54 9.20 -38.32
C LYS C 425 -13.98 8.80 -36.91
N LEU C 426 -13.11 8.10 -36.21
CA LEU C 426 -13.39 7.57 -34.89
C LEU C 426 -12.43 8.17 -33.87
N PHE C 427 -12.85 8.16 -32.60
CA PHE C 427 -12.04 8.76 -31.55
C PHE C 427 -12.32 8.06 -30.23
N PHE C 428 -11.27 7.69 -29.50
CA PHE C 428 -11.39 7.00 -28.23
C PHE C 428 -10.22 7.39 -27.33
N HIS C 429 -10.54 7.92 -26.16
CA HIS C 429 -9.52 8.30 -25.18
C HIS C 429 -10.09 8.18 -23.78
N TYR C 430 -9.27 7.61 -22.88
CA TYR C 430 -9.46 7.53 -21.41
C TYR C 430 -10.72 6.75 -21.03
N ASN C 431 -10.88 5.57 -21.60
CA ASN C 431 -12.02 4.72 -21.28
C ASN C 431 -11.48 3.47 -20.61
N PRO C 432 -11.37 3.44 -19.27
CA PRO C 432 -10.56 2.42 -18.61
C PRO C 432 -11.22 1.05 -18.46
N LYS C 433 -12.52 0.94 -18.72
CA LYS C 433 -13.18 -0.36 -18.73
C LYS C 433 -13.59 -0.78 -20.13
N LEU C 434 -13.03 -0.15 -21.16
CA LEU C 434 -13.37 -0.41 -22.54
C LEU C 434 -12.14 -0.95 -23.27
N CYS C 435 -12.36 -1.94 -24.14
CA CYS C 435 -11.27 -2.71 -24.71
C CYS C 435 -11.19 -2.52 -26.23
N LEU C 436 -9.96 -2.73 -26.74
CA LEU C 436 -9.65 -2.50 -28.15
C LEU C 436 -10.25 -3.58 -29.04
N SER C 437 -10.55 -4.75 -28.49
CA SER C 437 -11.30 -5.78 -29.21
C SER C 437 -12.74 -5.33 -29.47
N GLU C 438 -13.36 -4.65 -28.49
CA GLU C 438 -14.70 -4.10 -28.69
C GLU C 438 -14.70 -2.90 -29.63
N ILE C 439 -13.64 -2.09 -29.58
CA ILE C 439 -13.48 -0.95 -30.51
C ILE C 439 -13.27 -1.44 -31.94
N HIS C 440 -12.44 -2.47 -32.12
CA HIS C 440 -12.23 -3.06 -33.45
C HIS C 440 -13.43 -3.88 -33.91
N LYS C 441 -14.25 -4.39 -32.98
CA LYS C 441 -15.49 -5.07 -33.38
C LYS C 441 -16.54 -4.09 -33.87
N MET C 442 -16.59 -2.88 -33.26
CA MET C 442 -17.47 -1.84 -33.78
C MET C 442 -16.94 -1.30 -35.12
N GLU C 443 -15.61 -1.30 -35.28
CA GLU C 443 -14.97 -0.94 -36.56
C GLU C 443 -15.27 -1.96 -37.66
N GLU C 444 -15.34 -3.25 -37.31
CA GLU C 444 -15.69 -4.26 -38.30
C GLU C 444 -17.19 -4.30 -38.62
N VAL C 445 -18.05 -4.02 -37.63
CA VAL C 445 -19.48 -4.00 -37.87
C VAL C 445 -19.89 -2.75 -38.67
N SER C 446 -19.33 -1.59 -38.30
CA SER C 446 -19.71 -0.31 -38.93
C SER C 446 -19.10 -0.13 -40.31
N GLY C 447 -18.07 -0.90 -40.67
CA GLY C 447 -17.45 -0.78 -41.97
C GLY C 447 -16.49 0.38 -42.12
N THR C 448 -16.11 1.03 -41.03
CA THR C 448 -15.16 2.14 -41.07
C THR C 448 -13.75 1.64 -40.77
N LYS C 449 -13.27 0.71 -41.58
CA LYS C 449 -11.99 0.06 -41.30
C LYS C 449 -10.81 0.93 -41.73
N GLY C 450 -10.69 1.20 -43.02
CA GLY C 450 -9.63 2.04 -43.51
C GLY C 450 -10.04 3.49 -43.67
N ARG C 451 -10.51 4.10 -42.59
CA ARG C 451 -11.03 5.46 -42.69
C ARG C 451 -10.31 6.43 -41.76
N GLN C 452 -10.00 5.99 -40.53
CA GLN C 452 -9.33 6.89 -39.61
C GLN C 452 -7.82 6.79 -39.77
N GLU C 453 -7.13 7.82 -39.28
CA GLU C 453 -5.68 7.85 -39.25
C GLU C 453 -5.17 7.08 -38.03
N ARG C 454 -3.85 6.96 -37.94
CA ARG C 454 -3.24 6.36 -36.77
C ARG C 454 -3.28 7.32 -35.59
N ASN C 455 -3.30 6.74 -34.39
CA ASN C 455 -3.45 7.40 -33.07
C ASN C 455 -4.73 8.25 -32.98
N ASP C 456 -5.80 7.78 -33.63
CA ASP C 456 -7.14 8.30 -33.38
C ASP C 456 -7.82 7.53 -32.27
N ILE C 457 -7.45 6.27 -32.09
CA ILE C 457 -7.84 5.45 -30.96
C ILE C 457 -6.62 5.32 -30.05
N ALA C 458 -6.82 5.55 -28.75
CA ALA C 458 -5.73 5.41 -27.80
C ALA C 458 -5.42 3.93 -27.56
N LEU C 459 -4.16 3.66 -27.21
CA LEU C 459 -3.67 2.30 -27.06
C LEU C 459 -3.40 1.92 -25.63
N LYS C 460 -3.00 2.86 -24.77
CA LYS C 460 -2.61 2.53 -23.41
C LYS C 460 -3.64 2.93 -22.36
N THR C 461 -4.53 3.87 -22.67
CA THR C 461 -5.55 4.26 -21.70
C THR C 461 -6.67 3.24 -21.61
N ASN C 462 -6.99 2.58 -22.72
CA ASN C 462 -8.17 1.75 -22.80
C ASN C 462 -7.91 0.36 -22.21
N GLY C 463 -8.78 -0.06 -21.29
CA GLY C 463 -8.70 -1.40 -20.75
C GLY C 463 -7.60 -1.66 -19.75
N ASP C 464 -7.06 -0.61 -19.12
CA ASP C 464 -6.00 -0.81 -18.13
C ASP C 464 -6.53 -1.30 -16.79
N GLN C 465 -7.83 -1.13 -16.51
CA GLN C 465 -8.44 -1.64 -15.30
C GLN C 465 -9.33 -2.85 -15.53
N ALA C 466 -9.62 -3.18 -16.79
CA ALA C 466 -10.51 -4.29 -17.13
C ALA C 466 -9.69 -5.43 -17.72
N SER C 467 -9.90 -6.64 -17.21
CA SER C 467 -9.19 -7.83 -17.69
C SER C 467 -9.94 -8.39 -18.89
N CYS C 468 -9.53 -7.97 -20.08
CA CYS C 468 -10.12 -8.41 -21.34
C CYS C 468 -9.04 -8.94 -22.27
N GLU C 469 -8.24 -9.87 -21.76
CA GLU C 469 -7.11 -10.45 -22.47
C GLU C 469 -7.50 -11.38 -23.62
N ASN C 470 -8.77 -11.84 -23.65
CA ASN C 470 -9.48 -12.59 -24.73
C ASN C 470 -8.76 -13.87 -25.20
N GLU C 471 -7.98 -14.49 -24.32
CA GLU C 471 -7.41 -15.81 -24.53
C GLU C 471 -7.51 -16.58 -23.24
N LEU C 472 -7.59 -17.91 -23.36
CA LEU C 472 -7.83 -18.77 -22.22
C LEU C 472 -6.60 -19.63 -21.94
N LEU C 473 -6.20 -19.69 -20.67
CA LEU C 473 -5.09 -20.53 -20.22
C LEU C 473 -5.67 -21.64 -19.37
N LYS C 474 -5.62 -22.87 -19.88
CA LYS C 474 -6.18 -24.01 -19.17
C LYS C 474 -5.19 -24.54 -18.14
N PHE C 475 -5.68 -24.73 -16.91
CA PHE C 475 -4.87 -25.35 -15.88
C PHE C 475 -4.80 -26.85 -16.14
N SER C 476 -3.59 -27.39 -16.23
CA SER C 476 -3.40 -28.73 -16.77
C SER C 476 -3.24 -29.80 -15.70
N TYR C 477 -2.55 -29.51 -14.60
CA TYR C 477 -2.08 -30.57 -13.70
C TYR C 477 -2.02 -30.01 -12.29
N ILE C 478 -3.02 -30.33 -11.47
CA ILE C 478 -3.19 -29.77 -10.14
C ILE C 478 -3.12 -30.91 -9.13
N ARG C 479 -2.19 -30.82 -8.18
CA ARG C 479 -2.13 -31.74 -7.06
C ARG C 479 -2.00 -30.97 -5.75
N THR C 480 -2.65 -31.48 -4.72
CA THR C 480 -2.71 -30.84 -3.41
C THR C 480 -1.86 -31.62 -2.40
N SER C 481 -1.66 -31.01 -1.25
CA SER C 481 -0.93 -31.62 -0.15
C SER C 481 -1.48 -31.06 1.16
N PHE C 482 -0.67 -31.11 2.22
CA PHE C 482 -1.00 -30.49 3.50
C PHE C 482 -1.12 -28.97 3.37
N ASP C 483 -0.07 -28.31 2.87
CA ASP C 483 -0.14 -26.86 2.68
C ASP C 483 0.59 -26.41 1.42
N LYS C 484 0.72 -27.28 0.41
CA LYS C 484 1.41 -26.93 -0.82
C LYS C 484 0.58 -27.40 -2.01
N ILE C 485 0.51 -26.56 -3.04
CA ILE C 485 -0.23 -26.84 -4.26
C ILE C 485 0.75 -26.85 -5.44
N LEU C 486 0.75 -27.93 -6.21
CA LEU C 486 1.42 -27.93 -7.51
C LEU C 486 0.45 -27.41 -8.57
N LEU C 487 0.71 -26.21 -9.07
CA LEU C 487 -0.06 -25.63 -10.15
C LEU C 487 0.70 -25.81 -11.45
N ARG C 488 -0.03 -26.08 -12.54
CA ARG C 488 0.54 -26.21 -13.87
C ARG C 488 -0.45 -25.66 -14.89
N TRP C 489 0.06 -25.34 -16.07
CA TRP C 489 -0.77 -24.91 -17.19
C TRP C 489 -0.07 -25.27 -18.49
N GLU C 490 -0.82 -25.16 -19.59
CA GLU C 490 -0.23 -25.28 -20.92
C GLU C 490 0.60 -24.04 -21.24
N PRO C 491 1.71 -24.19 -21.97
CA PRO C 491 2.51 -23.02 -22.32
C PRO C 491 1.87 -22.18 -23.42
N TYR C 492 1.97 -20.86 -23.25
CA TYR C 492 1.49 -19.91 -24.23
C TYR C 492 2.67 -19.10 -24.74
N TRP C 493 2.69 -18.85 -26.04
CA TRP C 493 3.73 -18.03 -26.66
C TRP C 493 3.09 -16.91 -27.47
N PRO C 494 3.37 -15.65 -27.14
CA PRO C 494 3.26 -14.59 -28.14
C PRO C 494 4.29 -14.82 -29.24
N PRO C 495 3.98 -14.40 -30.49
CA PRO C 495 4.80 -14.84 -31.65
C PRO C 495 6.20 -14.24 -31.75
N ASP C 496 6.53 -13.22 -30.99
CA ASP C 496 7.91 -12.94 -30.63
C ASP C 496 8.07 -13.37 -29.18
N PHE C 497 8.85 -14.44 -28.96
CA PHE C 497 8.88 -15.12 -27.67
C PHE C 497 9.67 -14.35 -26.61
N ARG C 498 10.54 -13.43 -27.03
CA ARG C 498 11.26 -12.58 -26.07
C ARG C 498 10.40 -11.46 -25.51
N ASP C 499 9.25 -11.18 -26.13
CA ASP C 499 8.30 -10.23 -25.57
C ASP C 499 7.56 -10.80 -24.36
N LEU C 500 7.49 -12.12 -24.23
CA LEU C 500 6.96 -12.74 -23.03
C LEU C 500 7.97 -12.60 -21.89
N LEU C 501 7.58 -11.89 -20.84
CA LEU C 501 8.47 -11.60 -19.73
C LEU C 501 8.35 -12.63 -18.61
N GLY C 502 7.20 -13.29 -18.50
CA GLY C 502 6.93 -14.27 -17.47
C GLY C 502 5.44 -14.41 -17.25
N PHE C 503 5.07 -14.90 -16.08
CA PHE C 503 3.66 -15.06 -15.73
C PHE C 503 3.36 -14.29 -14.44
N MET C 504 2.26 -13.54 -14.48
CA MET C 504 1.93 -12.56 -13.45
C MET C 504 0.88 -13.21 -12.56
N LEU C 505 1.33 -14.06 -11.65
CA LEU C 505 0.42 -14.90 -10.88
C LEU C 505 -0.17 -14.10 -9.72
N PHE C 506 -1.45 -14.33 -9.47
CA PHE C 506 -2.16 -13.67 -8.37
C PHE C 506 -2.82 -14.72 -7.50
N TYR C 507 -2.78 -14.51 -6.18
CA TYR C 507 -3.38 -15.44 -5.26
C TYR C 507 -4.13 -14.70 -4.15
N LYS C 508 -5.21 -15.32 -3.69
CA LYS C 508 -6.01 -14.82 -2.58
C LYS C 508 -6.73 -15.99 -1.96
N GLU C 509 -7.03 -15.90 -0.67
CA GLU C 509 -7.87 -16.90 -0.04
C GLU C 509 -9.33 -16.65 -0.41
N ALA C 510 -10.11 -17.73 -0.40
CA ALA C 510 -11.50 -17.62 -0.84
C ALA C 510 -12.45 -18.29 0.15
N PRO C 511 -13.13 -17.54 1.00
CA PRO C 511 -14.16 -18.15 1.85
C PRO C 511 -15.46 -18.45 1.09
N TYR C 512 -15.67 -17.82 -0.06
CA TYR C 512 -16.87 -18.00 -0.85
C TYR C 512 -16.48 -18.42 -2.27
N GLN C 513 -17.48 -18.61 -3.11
CA GLN C 513 -17.27 -19.00 -4.50
C GLN C 513 -17.36 -17.83 -5.46
N ASN C 514 -18.10 -16.78 -5.11
CA ASN C 514 -18.27 -15.61 -5.97
C ASN C 514 -17.18 -14.55 -5.74
N VAL C 515 -15.97 -14.94 -6.09
CA VAL C 515 -14.79 -14.08 -5.95
C VAL C 515 -14.71 -13.18 -7.18
N THR C 516 -14.54 -11.87 -6.95
CA THR C 516 -14.50 -10.90 -8.02
C THR C 516 -13.18 -10.97 -8.78
N GLU C 517 -13.18 -10.39 -9.98
CA GLU C 517 -12.03 -10.39 -10.87
C GLU C 517 -11.16 -9.17 -10.62
N PHE C 518 -9.96 -9.21 -11.22
CA PHE C 518 -8.89 -8.19 -11.18
C PHE C 518 -8.44 -7.79 -9.77
N SER C 528 -5.27 -5.78 -0.89
CA SER C 528 -5.39 -7.24 -1.01
C SER C 528 -4.85 -7.72 -2.35
N TRP C 529 -5.13 -9.00 -2.64
CA TRP C 529 -4.76 -9.75 -3.85
C TRP C 529 -3.23 -9.76 -4.05
N THR C 530 -2.58 -10.46 -3.13
CA THR C 530 -1.13 -10.60 -3.08
C THR C 530 -0.60 -11.44 -4.25
N VAL C 531 0.71 -11.33 -4.49
CA VAL C 531 1.29 -11.57 -5.80
C VAL C 531 2.65 -12.27 -5.66
N VAL C 532 2.94 -13.22 -6.56
CA VAL C 532 4.27 -13.73 -6.79
C VAL C 532 4.50 -13.75 -8.31
N ASP C 533 5.76 -13.60 -8.72
CA ASP C 533 6.12 -13.49 -10.12
C ASP C 533 6.90 -14.72 -10.58
N ILE C 534 6.69 -15.10 -11.84
CA ILE C 534 7.13 -16.38 -12.38
C ILE C 534 8.13 -16.12 -13.51
N ASP C 535 9.25 -16.84 -13.46
CA ASP C 535 10.20 -16.84 -14.58
C ASP C 535 9.61 -17.55 -15.80
N PRO C 536 9.96 -17.11 -17.01
CA PRO C 536 9.41 -17.76 -18.23
C PRO C 536 10.07 -19.11 -18.48
N PRO C 537 9.39 -20.03 -19.18
CA PRO C 537 10.02 -21.32 -19.48
C PRO C 537 11.02 -21.24 -20.62
N LEU C 538 11.82 -22.30 -20.72
CA LEU C 538 12.82 -22.43 -21.76
C LEU C 538 12.32 -23.44 -22.77
N ARG C 539 11.96 -22.96 -23.96
CA ARG C 539 11.56 -23.85 -25.03
C ARG C 539 12.77 -24.52 -25.66
N SER C 540 12.59 -25.75 -26.11
CA SER C 540 13.65 -26.54 -26.72
C SER C 540 13.43 -26.75 -28.21
N ASN C 541 12.66 -25.85 -28.85
CA ASN C 541 12.17 -25.81 -30.24
C ASN C 541 11.70 -27.14 -30.85
N ASP C 542 11.03 -27.96 -30.05
CA ASP C 542 10.38 -29.17 -30.53
C ASP C 542 9.04 -29.31 -29.84
N PRO C 543 8.04 -29.95 -30.51
CA PRO C 543 6.73 -30.14 -29.84
C PRO C 543 6.63 -31.43 -29.02
N LYS C 544 7.76 -32.05 -28.68
CA LYS C 544 7.74 -33.35 -28.01
C LYS C 544 7.41 -33.22 -26.53
N SER C 545 8.07 -32.31 -25.82
CA SER C 545 7.89 -32.15 -24.38
C SER C 545 7.33 -30.77 -24.02
N GLN C 546 7.96 -29.71 -24.54
CA GLN C 546 7.59 -28.28 -24.55
C GLN C 546 7.58 -27.55 -23.21
N ASN C 547 7.81 -28.26 -22.09
CA ASN C 547 8.10 -27.74 -20.74
C ASN C 547 6.98 -26.86 -20.19
N HIS C 548 5.85 -27.53 -19.86
CA HIS C 548 4.69 -26.99 -19.15
C HIS C 548 5.11 -26.27 -17.87
N PRO C 549 4.99 -24.90 -17.85
CA PRO C 549 5.78 -24.07 -16.91
C PRO C 549 5.42 -24.19 -15.44
N GLY C 550 4.20 -23.83 -15.06
CA GLY C 550 3.71 -24.04 -13.71
C GLY C 550 4.36 -23.19 -12.62
N TRP C 551 3.92 -23.45 -11.38
CA TRP C 551 4.50 -22.87 -10.19
C TRP C 551 4.20 -23.76 -8.99
N LEU C 552 5.22 -24.03 -8.18
CA LEU C 552 5.07 -24.73 -6.92
C LEU C 552 4.60 -23.72 -5.87
N MET C 553 3.30 -23.76 -5.56
CA MET C 553 2.73 -22.82 -4.61
C MET C 553 2.95 -23.34 -3.19
N ARG C 554 3.48 -22.48 -2.32
CA ARG C 554 4.00 -22.88 -1.01
C ARG C 554 3.49 -21.93 0.07
N GLY C 555 3.61 -22.38 1.32
CA GLY C 555 3.37 -21.56 2.49
C GLY C 555 1.92 -21.17 2.75
N LEU C 556 1.02 -22.15 2.77
CA LEU C 556 -0.42 -21.88 2.84
C LEU C 556 -0.96 -22.14 4.25
N LYS C 557 -2.28 -22.03 4.35
CA LYS C 557 -3.04 -22.39 5.53
C LYS C 557 -3.76 -23.71 5.27
N PRO C 558 -3.70 -24.68 6.18
CA PRO C 558 -4.40 -25.95 5.96
C PRO C 558 -5.91 -25.82 6.14
N TRP C 559 -6.63 -26.56 5.30
CA TRP C 559 -8.10 -26.54 5.10
C TRP C 559 -8.61 -25.12 4.83
N THR C 560 -8.15 -24.57 3.71
CA THR C 560 -8.54 -23.24 3.28
C THR C 560 -8.69 -23.25 1.76
N GLN C 561 -9.86 -22.86 1.28
CA GLN C 561 -10.09 -22.68 -0.15
C GLN C 561 -9.45 -21.37 -0.60
N TYR C 562 -8.67 -21.42 -1.67
CA TYR C 562 -7.98 -20.26 -2.21
C TYR C 562 -8.56 -19.88 -3.57
N ALA C 563 -8.07 -18.78 -4.13
CA ALA C 563 -8.47 -18.28 -5.44
C ALA C 563 -7.23 -18.08 -6.29
N ILE C 564 -7.07 -18.89 -7.33
CA ILE C 564 -5.86 -18.91 -8.15
C ILE C 564 -6.26 -18.58 -9.59
N PHE C 565 -5.65 -17.53 -10.15
CA PHE C 565 -5.68 -17.31 -11.59
C PHE C 565 -4.35 -16.70 -12.02
N VAL C 566 -3.98 -16.98 -13.27
CA VAL C 566 -2.66 -16.64 -13.81
C VAL C 566 -2.86 -15.74 -15.03
N LYS C 567 -2.24 -14.57 -15.01
CA LYS C 567 -2.28 -13.61 -16.10
C LYS C 567 -0.89 -13.54 -16.72
N THR C 568 -0.82 -13.26 -18.03
CA THR C 568 0.44 -13.21 -18.74
C THR C 568 0.97 -11.78 -18.77
N LEU C 569 2.24 -11.61 -18.38
CA LEU C 569 2.89 -10.31 -18.35
C LEU C 569 3.69 -10.16 -19.64
N VAL C 570 3.32 -9.17 -20.45
CA VAL C 570 3.85 -9.02 -21.81
C VAL C 570 4.51 -7.65 -21.98
N THR C 571 4.98 -7.38 -23.20
CA THR C 571 5.66 -6.14 -23.55
C THR C 571 4.86 -5.47 -24.66
N PHE C 572 4.61 -4.17 -24.52
CA PHE C 572 3.78 -3.41 -25.46
C PHE C 572 4.48 -3.21 -26.81
N SER C 573 3.70 -3.31 -27.89
CA SER C 573 4.12 -2.92 -29.22
C SER C 573 2.91 -2.33 -29.93
N ASP C 574 3.04 -1.10 -30.44
CA ASP C 574 1.89 -0.37 -30.95
C ASP C 574 1.50 -0.75 -32.38
N GLU C 575 2.33 -1.53 -33.08
CA GLU C 575 1.97 -1.99 -34.42
C GLU C 575 0.94 -3.12 -34.38
N ARG C 576 0.83 -3.80 -33.26
CA ARG C 576 -0.17 -4.80 -32.94
C ARG C 576 -0.92 -4.30 -31.69
N ARG C 577 -1.68 -5.19 -31.06
CA ARG C 577 -2.21 -4.93 -29.73
C ARG C 577 -1.12 -5.10 -28.66
N THR C 578 -1.51 -4.87 -27.39
CA THR C 578 -0.61 -4.89 -26.24
C THR C 578 0.00 -6.26 -25.97
N TYR C 579 -0.85 -7.20 -25.51
CA TYR C 579 -1.05 -8.62 -25.82
C TYR C 579 -2.04 -9.14 -24.79
N GLY C 580 -2.49 -10.39 -24.92
CA GLY C 580 -3.38 -10.90 -23.90
C GLY C 580 -3.56 -12.40 -23.82
N ALA C 581 -3.37 -12.94 -22.62
CA ALA C 581 -3.76 -14.29 -22.25
C ALA C 581 -3.98 -14.31 -20.74
N LYS C 582 -5.04 -14.99 -20.31
CA LYS C 582 -5.36 -15.07 -18.90
C LYS C 582 -6.07 -16.39 -18.63
N SER C 583 -6.18 -16.72 -17.34
CA SER C 583 -6.84 -17.93 -16.91
C SER C 583 -8.07 -17.56 -16.07
N ASP C 584 -9.00 -18.51 -15.97
CA ASP C 584 -10.16 -18.34 -15.13
C ASP C 584 -9.78 -18.46 -13.66
N ILE C 585 -10.58 -17.84 -12.80
CA ILE C 585 -10.34 -17.87 -11.36
C ILE C 585 -10.83 -19.22 -10.85
N ILE C 586 -9.91 -20.16 -10.69
CA ILE C 586 -10.24 -21.48 -10.21
C ILE C 586 -9.90 -21.55 -8.72
N TYR C 587 -10.42 -22.56 -8.05
CA TYR C 587 -10.24 -22.74 -6.62
C TYR C 587 -9.62 -24.09 -6.32
N VAL C 588 -8.81 -24.14 -5.27
CA VAL C 588 -8.12 -25.36 -4.88
C VAL C 588 -8.34 -25.55 -3.38
N GLN C 589 -8.40 -26.81 -2.95
CA GLN C 589 -8.68 -27.16 -1.57
C GLN C 589 -7.47 -27.86 -0.96
N THR C 590 -6.94 -27.28 0.11
CA THR C 590 -6.10 -28.06 1.01
C THR C 590 -6.99 -28.86 1.95
N ASP C 591 -6.50 -30.04 2.35
CA ASP C 591 -7.36 -30.99 3.04
C ASP C 591 -6.78 -31.40 4.39
N ALA C 592 -5.44 -31.41 4.47
CA ALA C 592 -4.58 -31.62 5.66
C ALA C 592 -4.70 -32.99 6.34
N THR C 593 -3.79 -33.24 7.29
CA THR C 593 -3.73 -34.49 8.01
C THR C 593 -3.94 -34.34 9.50
N ASN C 594 -3.17 -33.47 10.16
CA ASN C 594 -3.25 -33.32 11.61
C ASN C 594 -3.24 -31.85 11.98
N PRO C 595 -4.01 -31.43 13.00
CA PRO C 595 -4.02 -30.03 13.40
C PRO C 595 -2.83 -29.67 14.29
N SER C 596 -2.84 -28.43 14.77
CA SER C 596 -1.74 -27.88 15.55
C SER C 596 -1.91 -28.18 17.03
N VAL C 597 -1.12 -27.50 17.85
CA VAL C 597 -1.13 -27.68 19.32
C VAL C 597 -2.38 -27.03 19.90
N PRO C 598 -3.20 -27.76 20.67
CA PRO C 598 -4.31 -27.10 21.39
C PRO C 598 -3.76 -26.28 22.55
N LEU C 599 -3.87 -24.97 22.44
CA LEU C 599 -3.21 -24.04 23.35
C LEU C 599 -4.10 -23.72 24.54
N ASP C 600 -3.66 -22.73 25.34
CA ASP C 600 -4.13 -22.29 26.66
C ASP C 600 -4.29 -23.43 27.65
N PRO C 601 -3.19 -24.02 28.19
CA PRO C 601 -3.37 -25.03 29.23
C PRO C 601 -3.55 -24.42 30.60
N ILE C 602 -4.78 -24.47 31.11
CA ILE C 602 -5.08 -23.98 32.45
C ILE C 602 -5.79 -25.09 33.22
N SER C 603 -5.51 -25.15 34.52
CA SER C 603 -5.98 -26.23 35.37
C SER C 603 -6.71 -25.64 36.56
N VAL C 604 -8.05 -25.73 36.56
CA VAL C 604 -8.89 -25.29 37.66
C VAL C 604 -9.40 -26.55 38.36
N SER C 605 -9.25 -26.59 39.68
CA SER C 605 -9.62 -27.76 40.47
C SER C 605 -10.55 -27.35 41.60
N ASN C 606 -11.84 -27.30 41.32
CA ASN C 606 -12.82 -27.13 42.39
C ASN C 606 -13.03 -28.46 43.10
N SER C 607 -13.26 -28.38 44.42
CA SER C 607 -13.40 -29.47 45.39
C SER C 607 -12.20 -30.42 45.39
N SER C 608 -12.43 -31.67 45.79
CA SER C 608 -11.33 -32.60 45.99
C SER C 608 -11.36 -33.80 45.05
N SER C 609 -12.51 -34.15 44.50
CA SER C 609 -12.65 -35.35 43.69
C SER C 609 -12.79 -35.06 42.19
N GLN C 610 -12.70 -33.79 41.78
CA GLN C 610 -12.88 -33.45 40.37
C GLN C 610 -11.92 -32.34 39.96
N ILE C 611 -11.56 -32.36 38.68
CA ILE C 611 -10.76 -31.30 38.06
C ILE C 611 -11.45 -30.95 36.73
N ILE C 612 -11.79 -29.68 36.55
CA ILE C 612 -12.31 -29.23 35.26
C ILE C 612 -11.12 -28.81 34.39
N LEU C 613 -11.30 -28.88 33.08
CA LEU C 613 -10.26 -28.54 32.13
C LEU C 613 -10.81 -27.49 31.17
N LYS C 614 -10.02 -26.46 30.90
CA LYS C 614 -10.41 -25.39 29.98
C LYS C 614 -9.30 -25.16 28.97
N TRP C 615 -9.69 -24.98 27.71
CA TRP C 615 -8.72 -24.81 26.63
C TRP C 615 -9.38 -24.04 25.49
N LYS C 616 -8.54 -23.52 24.60
CA LYS C 616 -8.98 -22.84 23.39
C LYS C 616 -8.82 -23.78 22.20
N PRO C 617 -9.59 -23.57 21.11
CA PRO C 617 -9.37 -24.38 19.90
C PRO C 617 -8.05 -24.02 19.23
N PRO C 618 -7.41 -24.98 18.56
CA PRO C 618 -6.12 -24.69 17.92
C PRO C 618 -6.27 -23.92 16.61
N SER C 619 -5.12 -23.58 16.03
CA SER C 619 -5.08 -22.72 14.85
C SER C 619 -5.54 -23.43 13.59
N ASP C 620 -5.47 -24.75 13.54
CA ASP C 620 -5.96 -25.52 12.41
C ASP C 620 -7.30 -26.12 12.76
N PRO C 621 -8.40 -25.72 12.11
CA PRO C 621 -9.67 -26.44 12.29
C PRO C 621 -9.63 -27.82 11.63
N ASN C 622 -9.10 -27.84 10.39
CA ASN C 622 -8.80 -29.03 9.57
C ASN C 622 -10.04 -29.88 9.30
N GLY C 623 -11.16 -29.22 9.01
CA GLY C 623 -12.42 -29.89 8.81
C GLY C 623 -13.29 -29.80 10.03
N ASN C 624 -14.01 -30.87 10.34
CA ASN C 624 -14.76 -30.94 11.58
C ASN C 624 -13.83 -31.17 12.76
N ILE C 625 -14.00 -30.38 13.81
CA ILE C 625 -13.44 -30.76 15.11
C ILE C 625 -14.30 -31.91 15.63
N THR C 626 -13.76 -33.13 15.58
CA THR C 626 -14.53 -34.31 15.97
C THR C 626 -14.62 -34.42 17.48
N HIS C 627 -13.47 -34.54 18.14
CA HIS C 627 -13.43 -34.60 19.59
C HIS C 627 -12.08 -34.10 20.07
N TYR C 628 -12.01 -33.79 21.36
CA TYR C 628 -10.77 -33.48 22.03
C TYR C 628 -10.33 -34.69 22.84
N LEU C 629 -9.18 -35.25 22.50
CA LEU C 629 -8.70 -36.49 23.11
C LEU C 629 -8.02 -36.13 24.43
N VAL C 630 -8.80 -36.16 25.51
CA VAL C 630 -8.31 -35.80 26.84
C VAL C 630 -7.94 -37.09 27.57
N PHE C 631 -6.67 -37.21 27.91
CA PHE C 631 -6.17 -38.34 28.68
C PHE C 631 -5.90 -37.91 30.11
N TRP C 632 -6.20 -38.79 31.06
CA TRP C 632 -5.83 -38.57 32.45
C TRP C 632 -5.35 -39.88 33.06
N GLU C 633 -4.33 -39.79 33.90
CA GLU C 633 -3.81 -40.92 34.64
C GLU C 633 -3.22 -40.42 35.93
N ARG C 634 -3.38 -41.21 37.00
CA ARG C 634 -2.94 -40.80 38.32
C ARG C 634 -1.44 -41.04 38.46
N GLN C 635 -0.70 -39.96 38.61
CA GLN C 635 0.74 -40.07 38.81
C GLN C 635 1.04 -40.31 40.30
N ALA C 636 1.96 -41.24 40.56
CA ALA C 636 2.29 -41.59 41.92
C ALA C 636 3.22 -40.54 42.53
N GLU C 637 3.38 -40.63 43.85
CA GLU C 637 4.23 -39.71 44.58
C GLU C 637 5.71 -40.07 44.37
N ASP C 638 6.57 -39.14 44.75
CA ASP C 638 8.01 -39.31 44.57
C ASP C 638 8.57 -40.26 45.62
N SER C 639 9.59 -41.03 45.20
CA SER C 639 10.19 -42.03 46.08
C SER C 639 11.12 -41.41 47.11
N GLU C 640 11.70 -40.25 46.82
CA GLU C 640 12.71 -39.67 47.69
C GLU C 640 12.14 -38.97 48.91
N LEU C 641 10.83 -38.71 48.94
CA LEU C 641 10.19 -38.08 50.10
C LEU C 641 9.63 -39.10 51.07
N PHE C 642 9.78 -40.40 50.80
CA PHE C 642 9.28 -41.42 51.72
C PHE C 642 10.18 -41.59 52.93
N GLU C 643 11.50 -41.40 52.76
CA GLU C 643 12.48 -41.75 53.77
C GLU C 643 13.25 -40.57 54.34
N LEU C 644 13.04 -39.35 53.82
CA LEU C 644 13.80 -38.19 54.27
C LEU C 644 13.29 -37.70 55.62
N ASP C 645 14.21 -37.50 56.56
CA ASP C 645 13.89 -37.05 57.91
C ASP C 645 13.61 -35.56 57.88
N TYR C 646 12.34 -35.19 58.03
CA TYR C 646 11.95 -33.78 58.07
C TYR C 646 12.01 -33.22 59.49
N CYS C 647 12.35 -34.03 60.48
CA CYS C 647 12.69 -33.52 61.81
C CYS C 647 14.09 -32.92 61.86
N LEU C 648 14.95 -33.25 60.90
CA LEU C 648 16.27 -32.65 60.78
C LEU C 648 16.18 -31.27 60.15
N LYS C 649 17.31 -30.57 60.15
CA LYS C 649 17.38 -29.23 59.55
C LYS C 649 17.39 -29.34 58.04
N GLY C 650 16.49 -28.60 57.38
CA GLY C 650 16.26 -28.78 55.97
C GLY C 650 14.84 -29.24 55.70
N LEU C 651 13.88 -28.76 56.49
CA LEU C 651 12.50 -29.22 56.49
C LEU C 651 11.60 -28.48 55.50
N LYS C 652 12.18 -27.85 54.48
CA LYS C 652 11.40 -27.10 53.48
C LYS C 652 10.72 -28.08 52.54
N LEU C 653 9.40 -28.11 52.58
CA LEU C 653 8.56 -28.99 51.79
C LEU C 653 7.78 -28.18 50.77
N PRO C 654 7.65 -28.66 49.52
CA PRO C 654 6.86 -27.91 48.53
C PRO C 654 5.36 -28.08 48.76
N SER C 655 4.65 -26.96 48.80
CA SER C 655 3.19 -26.95 48.89
C SER C 655 2.64 -27.03 47.47
N ARG C 656 2.14 -28.20 47.10
CA ARG C 656 1.75 -28.47 45.72
C ARG C 656 0.23 -28.39 45.55
N GLN C 691 12.42 0.05 -10.48
CA GLN C 691 11.06 -0.48 -10.43
C GLN C 691 10.88 -1.66 -11.39
N ILE C 692 9.63 -1.95 -11.71
CA ILE C 692 9.31 -2.99 -12.69
C ILE C 692 9.66 -2.52 -14.09
N LEU C 693 9.49 -1.22 -14.35
CA LEU C 693 9.71 -0.61 -15.66
C LEU C 693 11.19 -0.59 -16.06
N LYS C 694 12.10 -0.59 -15.09
CA LYS C 694 13.52 -0.79 -15.38
C LYS C 694 13.80 -2.22 -15.86
N GLU C 695 13.05 -3.21 -15.35
CA GLU C 695 13.21 -4.57 -15.83
C GLU C 695 12.56 -4.77 -17.20
N LEU C 696 11.46 -4.05 -17.47
CA LEU C 696 10.88 -3.99 -18.82
C LEU C 696 11.83 -3.34 -19.82
N GLU C 697 12.51 -2.28 -19.40
CA GLU C 697 13.51 -1.62 -20.23
C GLU C 697 14.76 -2.49 -20.42
N GLU C 698 15.09 -3.32 -19.42
CA GLU C 698 16.18 -4.27 -19.52
C GLU C 698 15.88 -5.39 -20.53
N SER C 699 14.63 -5.89 -20.52
CA SER C 699 14.22 -6.91 -21.48
C SER C 699 14.12 -6.37 -22.90
N SER C 700 13.62 -5.15 -23.06
CA SER C 700 13.58 -4.52 -24.38
C SER C 700 14.98 -4.08 -24.84
N PHE C 701 15.89 -3.81 -23.90
CA PHE C 701 17.27 -3.52 -24.22
C PHE C 701 18.01 -4.75 -24.72
N ARG C 702 17.72 -5.91 -24.13
CA ARG C 702 18.26 -7.19 -24.62
C ARG C 702 17.71 -7.55 -26.00
N LYS C 703 16.41 -7.28 -26.23
CA LYS C 703 15.80 -7.52 -27.54
C LYS C 703 16.33 -6.55 -28.60
N THR C 704 16.62 -5.31 -28.21
CA THR C 704 17.17 -4.32 -29.13
C THR C 704 18.63 -4.63 -29.48
N PHE C 705 19.38 -5.20 -28.52
CA PHE C 705 20.75 -5.60 -28.80
C PHE C 705 20.82 -6.84 -29.69
N GLU C 706 19.89 -7.79 -29.51
CA GLU C 706 19.82 -8.95 -30.41
C GLU C 706 19.34 -8.54 -31.81
N ASP C 707 18.45 -7.53 -31.87
CA ASP C 707 17.99 -6.92 -33.12
C ASP C 707 19.13 -6.27 -33.90
N TYR C 708 19.96 -5.48 -33.20
CA TYR C 708 21.08 -4.79 -33.83
C TYR C 708 22.21 -5.74 -34.20
N LEU C 709 22.43 -6.81 -33.41
CA LEU C 709 23.48 -7.77 -33.72
C LEU C 709 23.12 -8.64 -34.92
N HIS C 710 21.85 -9.05 -35.03
CA HIS C 710 21.42 -9.82 -36.20
C HIS C 710 21.36 -8.95 -37.46
N ASN C 711 21.01 -7.66 -37.31
CA ASN C 711 21.01 -6.73 -38.44
C ASN C 711 22.41 -6.41 -38.95
N VAL C 712 23.38 -6.30 -38.03
CA VAL C 712 24.75 -6.01 -38.44
C VAL C 712 25.42 -7.24 -39.06
N VAL C 713 25.24 -8.42 -38.43
CA VAL C 713 25.97 -9.62 -38.86
C VAL C 713 25.37 -10.20 -40.14
N PHE C 714 24.04 -10.37 -40.19
CA PHE C 714 23.46 -11.09 -41.32
C PHE C 714 23.07 -10.09 -42.42
N VAL C 715 23.90 -9.99 -43.45
CA VAL C 715 23.68 -9.08 -44.56
C VAL C 715 23.51 -9.93 -45.83
N PRO C 716 22.63 -9.56 -46.77
CA PRO C 716 22.61 -10.26 -48.05
C PRO C 716 23.61 -9.67 -49.04
N ARG C 717 23.97 -10.48 -50.03
CA ARG C 717 24.97 -10.10 -51.02
C ARG C 717 24.39 -9.13 -52.05
N GLU C 754 -0.71 -51.52 23.77
CA GLU C 754 -0.73 -50.32 24.59
C GLU C 754 -1.34 -50.59 25.95
N GLU C 755 -1.42 -49.54 26.77
CA GLU C 755 -2.07 -49.59 28.07
C GLU C 755 -3.27 -48.67 28.04
N HIS C 756 -4.42 -49.14 28.51
CA HIS C 756 -5.66 -48.37 28.45
C HIS C 756 -5.65 -47.34 29.57
N ARG C 757 -5.33 -46.11 29.23
CA ARG C 757 -5.58 -45.00 30.13
C ARG C 757 -7.06 -44.63 30.06
N PRO C 758 -7.64 -44.11 31.16
CA PRO C 758 -9.01 -43.58 31.09
C PRO C 758 -9.05 -42.28 30.31
N PHE C 759 -9.80 -42.28 29.22
CA PHE C 759 -9.89 -41.13 28.32
C PHE C 759 -11.35 -40.86 27.99
N GLU C 760 -11.59 -39.76 27.30
CA GLU C 760 -12.96 -39.33 27.02
C GLU C 760 -13.04 -38.74 25.61
N LYS C 761 -14.07 -39.15 24.87
CA LYS C 761 -14.42 -38.53 23.60
C LYS C 761 -15.23 -37.28 23.91
N VAL C 762 -14.59 -36.12 23.85
CA VAL C 762 -15.18 -34.86 24.30
C VAL C 762 -15.65 -34.09 23.07
N VAL C 763 -16.95 -34.18 22.78
CA VAL C 763 -17.52 -33.67 21.55
C VAL C 763 -18.19 -32.33 21.81
N ASN C 764 -17.79 -31.32 21.02
CA ASN C 764 -18.47 -30.03 20.81
C ASN C 764 -18.55 -29.18 22.09
N LYS C 765 -17.51 -29.27 22.92
CA LYS C 765 -17.42 -28.42 24.09
C LYS C 765 -15.95 -28.14 24.39
N GLU C 766 -15.68 -26.94 24.89
CA GLU C 766 -14.33 -26.53 25.25
C GLU C 766 -14.05 -26.73 26.74
N SER C 767 -14.98 -27.36 27.47
CA SER C 767 -14.81 -27.64 28.89
C SER C 767 -15.12 -29.10 29.15
N LEU C 768 -14.39 -29.69 30.10
CA LEU C 768 -14.60 -31.08 30.49
C LEU C 768 -14.25 -31.23 31.96
N VAL C 769 -15.20 -31.71 32.74
CA VAL C 769 -14.95 -32.08 34.13
C VAL C 769 -14.40 -33.51 34.16
N ILE C 770 -13.34 -33.71 34.95
CA ILE C 770 -12.71 -35.01 35.13
C ILE C 770 -12.92 -35.40 36.60
N SER C 771 -13.97 -36.17 36.87
CA SER C 771 -14.35 -36.51 38.23
C SER C 771 -13.83 -37.90 38.60
N GLY C 772 -14.21 -38.37 39.78
CA GLY C 772 -13.80 -39.68 40.27
C GLY C 772 -12.35 -39.79 40.67
N LEU C 773 -11.85 -38.85 41.46
CA LEU C 773 -10.43 -38.79 41.77
C LEU C 773 -10.16 -38.86 43.27
N ARG C 774 -9.09 -39.60 43.57
CA ARG C 774 -8.09 -39.27 44.56
C ARG C 774 -7.83 -37.78 44.72
N HIS C 775 -7.78 -37.38 45.99
CA HIS C 775 -7.69 -36.00 46.40
C HIS C 775 -6.26 -35.64 46.79
N PHE C 776 -5.84 -34.44 46.34
CA PHE C 776 -4.49 -33.87 46.49
C PHE C 776 -3.37 -34.77 45.94
N THR C 777 -3.52 -35.23 44.69
CA THR C 777 -2.39 -35.83 43.96
C THR C 777 -2.26 -35.27 42.56
N GLY C 778 -1.07 -35.49 41.98
CA GLY C 778 -0.78 -35.02 40.65
C GLY C 778 -1.40 -35.91 39.60
N TYR C 779 -1.70 -35.31 38.45
CA TYR C 779 -2.25 -36.04 37.31
C TYR C 779 -1.49 -35.61 36.05
N ARG C 780 -1.46 -36.50 35.07
CA ARG C 780 -0.91 -36.18 33.76
C ARG C 780 -2.08 -35.94 32.82
N ILE C 781 -2.13 -34.76 32.22
CA ILE C 781 -3.23 -34.39 31.33
C ILE C 781 -2.66 -34.23 29.94
N GLU C 782 -3.11 -35.07 29.02
CA GLU C 782 -2.70 -35.04 27.62
C GLU C 782 -3.91 -34.67 26.78
N LEU C 783 -3.79 -33.62 25.98
CA LEU C 783 -4.89 -33.10 25.17
C LEU C 783 -4.48 -33.09 23.71
N GLN C 784 -5.33 -33.68 22.86
CA GLN C 784 -5.10 -33.72 21.43
C GLN C 784 -6.36 -33.24 20.71
N ALA C 785 -6.16 -32.65 19.54
CA ALA C 785 -7.26 -32.14 18.71
C ALA C 785 -7.44 -33.07 17.52
N CYS C 786 -8.50 -33.88 17.55
CA CYS C 786 -8.75 -34.88 16.52
C CYS C 786 -9.68 -34.28 15.46
N ASN C 787 -9.17 -34.14 14.25
CA ASN C 787 -9.95 -33.64 13.12
C ASN C 787 -10.65 -34.75 12.35
N GLN C 788 -10.35 -36.01 12.62
CA GLN C 788 -10.95 -37.13 11.92
C GLN C 788 -11.14 -38.29 12.90
N ASP C 789 -12.34 -38.84 12.93
CA ASP C 789 -12.69 -39.90 13.88
C ASP C 789 -13.10 -41.20 13.21
N THR C 790 -14.06 -41.15 12.28
CA THR C 790 -14.71 -42.36 11.77
C THR C 790 -13.86 -43.14 10.76
N PRO C 791 -13.23 -42.54 9.66
CA PRO C 791 -12.26 -43.41 8.93
C PRO C 791 -10.86 -43.27 9.56
N GLU C 792 -10.70 -44.01 10.67
CA GLU C 792 -9.68 -44.04 11.74
C GLU C 792 -9.30 -42.70 12.37
N GLU C 793 -8.72 -42.78 13.57
CA GLU C 793 -8.52 -41.59 14.41
C GLU C 793 -7.24 -40.88 13.99
N ARG C 794 -7.38 -39.70 13.40
CA ARG C 794 -6.28 -38.79 13.15
C ARG C 794 -6.36 -37.67 14.18
N CYS C 795 -5.34 -37.56 15.03
CA CYS C 795 -5.33 -36.58 16.10
C CYS C 795 -4.01 -35.81 16.07
N SER C 796 -4.01 -34.66 16.76
CA SER C 796 -2.91 -33.72 16.69
C SER C 796 -1.77 -34.12 17.63
N VAL C 797 -0.72 -33.28 17.63
CA VAL C 797 0.37 -33.44 18.57
C VAL C 797 -0.08 -32.97 19.96
N ALA C 798 0.32 -33.73 20.98
CA ALA C 798 -0.24 -33.60 22.33
C ALA C 798 0.26 -32.36 23.05
N ALA C 799 -0.56 -31.89 24.00
CA ALA C 799 -0.21 -30.82 24.91
C ALA C 799 -0.24 -31.35 26.33
N TYR C 800 0.81 -31.06 27.10
CA TYR C 800 1.01 -31.66 28.42
C TYR C 800 0.87 -30.59 29.50
N VAL C 801 0.08 -30.91 30.53
CA VAL C 801 -0.10 -30.04 31.69
C VAL C 801 -0.39 -30.95 32.88
N SER C 802 -0.05 -30.49 34.08
CA SER C 802 -0.30 -31.23 35.31
C SER C 802 -1.18 -30.40 36.25
N ALA C 803 -1.86 -31.09 37.17
CA ALA C 803 -2.84 -30.47 38.04
C ALA C 803 -2.88 -31.20 39.37
N ARG C 804 -3.46 -30.55 40.38
CA ARG C 804 -3.64 -31.15 41.69
C ARG C 804 -4.93 -30.57 42.28
N THR C 805 -5.70 -31.40 42.97
CA THR C 805 -6.98 -30.98 43.52
C THR C 805 -6.78 -30.19 44.81
N MET C 806 -7.87 -29.65 45.35
CA MET C 806 -7.84 -29.04 46.67
C MET C 806 -7.83 -30.15 47.73
N PRO C 807 -7.20 -29.90 48.89
CA PRO C 807 -7.26 -30.88 49.98
C PRO C 807 -8.62 -30.97 50.64
N GLU C 808 -8.88 -32.11 51.26
CA GLU C 808 -10.10 -32.31 52.03
C GLU C 808 -9.97 -31.67 53.41
N ALA C 809 -11.09 -31.65 54.14
CA ALA C 809 -11.09 -31.07 55.46
C ALA C 809 -10.57 -32.04 56.51
N LYS C 810 -11.07 -33.28 56.52
CA LYS C 810 -10.76 -34.24 57.56
C LYS C 810 -9.93 -35.42 57.07
N ALA C 811 -9.27 -35.28 55.92
CA ALA C 811 -8.35 -36.32 55.47
C ALA C 811 -7.04 -36.27 56.26
N ASP C 812 -6.57 -35.06 56.58
CA ASP C 812 -5.38 -34.89 57.39
C ASP C 812 -5.68 -34.79 58.88
N ASP C 813 -6.95 -34.79 59.26
CA ASP C 813 -7.32 -34.78 60.67
C ASP C 813 -7.15 -36.17 61.25
N ILE C 814 -6.49 -36.26 62.40
CA ILE C 814 -6.21 -37.55 63.03
C ILE C 814 -7.47 -38.03 63.75
N VAL C 815 -8.00 -39.16 63.29
CA VAL C 815 -9.18 -39.76 63.89
C VAL C 815 -8.76 -40.94 64.76
N GLY C 816 -9.59 -41.25 65.74
CA GLY C 816 -9.30 -42.30 66.68
C GLY C 816 -8.62 -41.77 67.93
N PRO C 817 -8.75 -42.48 69.06
CA PRO C 817 -8.09 -42.03 70.28
C PRO C 817 -6.59 -42.32 70.28
N VAL C 818 -5.88 -41.58 71.12
CA VAL C 818 -4.44 -41.76 71.31
C VAL C 818 -4.26 -42.44 72.65
N THR C 819 -3.78 -43.68 72.62
CA THR C 819 -3.57 -44.48 73.83
C THR C 819 -2.09 -44.57 74.16
N HIS C 820 -1.81 -44.79 75.43
CA HIS C 820 -0.44 -44.75 75.95
C HIS C 820 -0.07 -46.09 76.57
N GLU C 821 1.21 -46.41 76.54
CA GLU C 821 1.78 -47.57 77.22
C GLU C 821 2.84 -47.04 78.18
N ILE C 822 2.44 -46.78 79.42
CA ILE C 822 3.38 -46.32 80.44
C ILE C 822 4.17 -47.52 80.93
N PHE C 823 5.49 -47.49 80.71
CA PHE C 823 6.35 -48.58 81.14
C PHE C 823 6.73 -48.42 82.61
N GLU C 824 7.53 -49.35 83.10
CA GLU C 824 7.84 -49.45 84.52
C GLU C 824 8.97 -48.52 84.95
N ASN C 825 9.63 -47.85 84.02
CA ASN C 825 10.66 -46.87 84.31
C ASN C 825 10.37 -45.49 83.71
N ASN C 826 9.08 -45.08 83.82
CA ASN C 826 8.51 -43.80 83.37
C ASN C 826 8.72 -43.55 81.87
N VAL C 827 8.51 -44.59 81.07
CA VAL C 827 8.60 -44.50 79.61
C VAL C 827 7.19 -44.64 79.05
N VAL C 828 6.76 -43.63 78.29
CA VAL C 828 5.42 -43.61 77.70
C VAL C 828 5.55 -43.96 76.23
N HIS C 829 4.84 -45.01 75.80
CA HIS C 829 4.82 -45.45 74.42
C HIS C 829 3.42 -45.20 73.88
N LEU C 830 3.31 -44.39 72.83
CA LEU C 830 2.04 -43.83 72.41
C LEU C 830 1.53 -44.55 71.17
N MET C 831 0.31 -45.09 71.27
CA MET C 831 -0.38 -45.72 70.16
C MET C 831 -1.51 -44.82 69.68
N TRP C 832 -1.65 -44.67 68.36
CA TRP C 832 -2.79 -43.97 67.79
C TRP C 832 -3.12 -44.56 66.43
N GLN C 833 -4.32 -44.22 65.94
CA GLN C 833 -4.77 -44.63 64.63
C GLN C 833 -4.42 -43.54 63.62
N GLU C 834 -3.56 -43.86 62.67
CA GLU C 834 -3.13 -42.93 61.65
C GLU C 834 -4.24 -42.73 60.61
N PRO C 835 -4.24 -41.59 59.90
CA PRO C 835 -5.13 -41.45 58.73
C PRO C 835 -4.68 -42.35 57.58
N LYS C 836 -5.60 -43.19 57.11
CA LYS C 836 -5.28 -44.16 56.07
C LYS C 836 -5.16 -43.50 54.70
N GLU C 837 -6.09 -42.58 54.38
CA GLU C 837 -6.12 -41.89 53.10
C GLU C 837 -6.03 -40.39 53.35
N PRO C 838 -4.82 -39.82 53.52
CA PRO C 838 -4.70 -38.39 53.80
C PRO C 838 -4.63 -37.56 52.52
N ASN C 839 -4.39 -36.25 52.65
CA ASN C 839 -4.27 -35.40 51.46
C ASN C 839 -2.85 -35.52 50.92
N GLY C 840 -2.68 -36.42 49.95
CA GLY C 840 -1.39 -36.73 49.38
C GLY C 840 -0.59 -37.70 50.24
N LEU C 841 0.04 -37.17 51.29
CA LEU C 841 0.87 -37.90 52.25
C LEU C 841 1.12 -36.97 53.43
N ILE C 842 1.34 -37.56 54.61
CA ILE C 842 1.66 -36.81 55.81
C ILE C 842 3.14 -37.02 56.12
N VAL C 843 3.90 -35.92 56.13
CA VAL C 843 5.34 -36.04 56.33
C VAL C 843 5.76 -35.98 57.79
N LEU C 844 5.00 -35.31 58.66
CA LEU C 844 5.43 -35.10 60.04
C LEU C 844 4.26 -35.28 61.00
N TYR C 845 4.61 -35.79 62.18
CA TYR C 845 3.70 -35.90 63.32
C TYR C 845 4.28 -35.05 64.45
N GLU C 846 3.67 -33.90 64.70
CA GLU C 846 4.13 -33.03 65.78
C GLU C 846 3.44 -33.43 67.08
N VAL C 847 4.18 -33.35 68.19
CA VAL C 847 3.68 -33.71 69.51
C VAL C 847 3.84 -32.48 70.40
N SER C 848 2.71 -31.99 70.92
CA SER C 848 2.70 -30.88 71.87
C SER C 848 2.15 -31.42 73.19
N TYR C 849 3.06 -31.76 74.10
CA TYR C 849 2.71 -32.34 75.39
C TYR C 849 3.03 -31.36 76.50
N ARG C 850 2.10 -31.22 77.45
CA ARG C 850 2.19 -30.21 78.50
C ARG C 850 1.89 -30.86 79.84
N ARG C 851 2.89 -30.89 80.72
CA ARG C 851 2.63 -31.20 82.12
C ARG C 851 1.96 -30.01 82.79
N TYR C 852 1.16 -30.27 83.82
CA TYR C 852 0.54 -29.20 84.58
C TYR C 852 1.58 -28.53 85.48
N GLY C 853 1.56 -27.21 85.50
CA GLY C 853 2.61 -26.43 86.13
C GLY C 853 3.83 -26.21 85.27
N ASP C 854 3.83 -26.66 84.03
CA ASP C 854 4.94 -26.53 83.10
C ASP C 854 4.50 -25.79 81.85
N GLU C 855 5.39 -25.74 80.86
CA GLU C 855 5.18 -25.05 79.60
C GLU C 855 5.04 -26.06 78.46
N GLU C 856 5.00 -25.56 77.23
CA GLU C 856 4.87 -26.42 76.07
C GLU C 856 6.22 -27.03 75.69
N LEU C 857 6.25 -28.35 75.60
CA LEU C 857 7.45 -29.09 75.19
C LEU C 857 7.17 -29.77 73.86
N HIS C 858 8.17 -29.75 72.97
CA HIS C 858 8.02 -30.22 71.61
C HIS C 858 8.84 -31.48 71.39
N LEU C 859 8.30 -32.40 70.59
CA LEU C 859 9.02 -33.58 70.15
C LEU C 859 8.56 -33.93 68.74
N CYS C 860 9.51 -34.12 67.84
CA CYS C 860 9.21 -34.37 66.44
C CYS C 860 9.21 -35.87 66.14
N VAL C 861 8.15 -36.33 65.47
CA VAL C 861 8.04 -37.69 64.99
C VAL C 861 7.93 -37.65 63.48
N SER C 862 8.89 -38.27 62.80
CA SER C 862 8.88 -38.36 61.35
C SER C 862 8.20 -39.67 60.93
N ARG C 863 8.31 -40.01 59.64
CA ARG C 863 7.71 -41.25 59.15
C ARG C 863 8.54 -42.47 59.54
N LYS C 864 9.87 -42.36 59.46
CA LYS C 864 10.72 -43.46 59.88
C LYS C 864 10.79 -43.58 61.40
N HIS C 865 10.56 -42.47 62.11
CA HIS C 865 10.42 -42.50 63.56
C HIS C 865 9.13 -43.21 63.98
N PHE C 866 8.05 -43.01 63.20
CA PHE C 866 6.79 -43.73 63.39
C PHE C 866 6.93 -45.21 63.07
N ALA C 867 7.67 -45.54 62.01
CA ALA C 867 7.87 -46.95 61.65
C ALA C 867 8.84 -47.65 62.60
N LEU C 868 9.78 -46.90 63.18
CA LEU C 868 10.70 -47.47 64.15
C LEU C 868 10.04 -47.69 65.52
N GLU C 869 9.26 -46.72 65.99
CA GLU C 869 8.72 -46.77 67.34
C GLU C 869 7.25 -47.17 67.39
N ARG C 870 6.67 -47.59 66.24
CA ARG C 870 5.25 -47.86 65.90
C ARG C 870 4.25 -46.85 66.49
N GLY C 871 4.61 -45.58 66.45
CA GLY C 871 3.99 -44.55 67.25
C GLY C 871 5.05 -43.59 67.75
N CYS C 872 4.99 -43.24 69.03
CA CYS C 872 6.00 -42.38 69.64
C CYS C 872 6.39 -42.92 71.01
N ARG C 873 7.65 -42.74 71.36
CA ARG C 873 8.18 -43.17 72.65
C ARG C 873 8.80 -41.98 73.36
N LEU C 874 8.43 -41.78 74.61
CA LEU C 874 8.97 -40.73 75.47
C LEU C 874 9.87 -41.38 76.51
N ARG C 875 11.09 -40.85 76.67
CA ARG C 875 12.07 -41.44 77.57
C ARG C 875 12.67 -40.37 78.47
N GLY C 876 12.69 -40.64 79.77
CA GLY C 876 13.32 -39.75 80.74
C GLY C 876 12.59 -38.45 81.00
N LEU C 877 11.40 -38.53 81.61
CA LEU C 877 10.56 -37.36 81.81
C LEU C 877 10.22 -37.18 83.28
N SER C 878 9.83 -35.96 83.62
CA SER C 878 9.42 -35.62 84.98
C SER C 878 8.04 -36.22 85.28
N PRO C 879 7.78 -36.65 86.51
CA PRO C 879 6.46 -37.21 86.84
C PRO C 879 5.39 -36.14 86.97
N GLY C 880 4.18 -36.52 86.57
CA GLY C 880 3.03 -35.62 86.65
C GLY C 880 2.00 -35.99 85.60
N ASN C 881 0.88 -35.28 85.65
CA ASN C 881 -0.18 -35.45 84.67
C ASN C 881 0.12 -34.61 83.44
N TYR C 882 -0.04 -35.21 82.27
CA TYR C 882 0.32 -34.57 81.01
C TYR C 882 -0.91 -34.33 80.15
N SER C 883 -0.77 -33.42 79.19
CA SER C 883 -1.82 -33.08 78.24
C SER C 883 -1.21 -33.14 76.84
N VAL C 884 -1.43 -34.24 76.13
CA VAL C 884 -0.74 -34.53 74.88
C VAL C 884 -1.69 -34.24 73.72
N ARG C 885 -1.34 -33.27 72.89
CA ARG C 885 -2.08 -32.98 71.65
C ARG C 885 -1.15 -33.22 70.47
N ILE C 886 -1.64 -33.96 69.48
CA ILE C 886 -0.86 -34.37 68.32
C ILE C 886 -1.57 -33.89 67.06
N ARG C 887 -0.85 -33.12 66.24
CA ARG C 887 -1.33 -32.73 64.91
C ARG C 887 -0.47 -33.41 63.85
N ALA C 888 -1.04 -33.58 62.66
CA ALA C 888 -0.35 -34.16 61.53
C ALA C 888 -0.12 -33.09 60.47
N THR C 889 1.13 -32.92 60.05
CA THR C 889 1.49 -31.96 59.03
C THR C 889 1.70 -32.70 57.70
N SER C 890 0.87 -32.39 56.72
CA SER C 890 0.85 -33.10 55.46
C SER C 890 1.57 -32.31 54.37
N LEU C 891 1.44 -32.77 53.13
CA LEU C 891 1.89 -31.99 51.98
C LEU C 891 1.04 -30.75 51.78
N ALA C 892 -0.26 -30.85 52.09
CA ALA C 892 -1.13 -29.67 52.07
C ALA C 892 -0.85 -28.76 53.27
N GLY C 893 -0.65 -29.33 54.44
CA GLY C 893 -0.37 -28.55 55.62
C GLY C 893 -0.82 -29.29 56.88
N ASN C 894 -1.11 -28.51 57.91
CA ASN C 894 -1.46 -29.05 59.22
C ASN C 894 -2.89 -29.57 59.23
N GLY C 895 -3.12 -30.60 60.04
CA GLY C 895 -4.46 -31.14 60.22
C GLY C 895 -5.14 -30.56 61.45
N SER C 896 -5.72 -31.43 62.27
CA SER C 896 -6.36 -31.03 63.51
C SER C 896 -5.68 -31.70 64.70
N TRP C 897 -5.66 -31.00 65.83
CA TRP C 897 -5.03 -31.50 67.03
C TRP C 897 -5.90 -32.59 67.67
N THR C 898 -5.24 -33.55 68.30
CA THR C 898 -5.95 -34.57 69.06
C THR C 898 -6.34 -34.04 70.44
N GLU C 899 -7.16 -34.81 71.13
CA GLU C 899 -7.61 -34.44 72.48
C GLU C 899 -6.46 -34.64 73.48
N PRO C 900 -6.39 -33.79 74.54
CA PRO C 900 -5.35 -33.98 75.56
C PRO C 900 -5.59 -35.19 76.45
N THR C 901 -4.75 -36.21 76.28
CA THR C 901 -4.88 -37.45 77.04
C THR C 901 -4.25 -37.26 78.41
N TYR C 902 -5.07 -37.31 79.46
CA TYR C 902 -4.60 -37.09 80.83
C TYR C 902 -4.20 -38.42 81.43
N PHE C 903 -2.90 -38.59 81.70
CA PHE C 903 -2.41 -39.78 82.36
C PHE C 903 -1.34 -39.36 83.36
N TYR C 904 -1.34 -39.98 84.53
CA TYR C 904 -0.38 -39.70 85.58
C TYR C 904 0.64 -40.84 85.61
N VAL C 905 1.89 -40.54 85.26
CA VAL C 905 2.94 -41.53 85.33
C VAL C 905 3.44 -41.66 86.77
N THR C 906 4.25 -42.69 87.01
CA THR C 906 4.60 -43.10 88.37
C THR C 906 5.68 -42.19 88.94
N ASP C 907 5.40 -41.62 90.11
CA ASP C 907 6.33 -40.69 90.75
C ASP C 907 7.49 -41.44 91.42
N TYR C 908 7.20 -42.65 91.94
CA TYR C 908 8.07 -43.49 92.80
C TYR C 908 8.57 -42.75 94.04
N LEU C 909 7.74 -41.88 94.61
CA LEU C 909 8.04 -41.16 95.84
C LEU C 909 7.00 -41.40 96.92
N ASP C 910 5.72 -41.29 96.58
CA ASP C 910 4.64 -41.46 97.54
C ASP C 910 4.14 -42.90 97.55
N GLY D 1 17.08 -5.48 -43.46
CA GLY D 1 17.70 -6.51 -42.66
C GLY D 1 16.98 -7.84 -42.71
N ILE D 2 17.08 -8.61 -41.63
CA ILE D 2 16.52 -9.95 -41.58
C ILE D 2 15.31 -9.99 -40.67
N VAL D 3 15.33 -9.22 -39.57
CA VAL D 3 14.33 -9.26 -38.51
C VAL D 3 12.97 -8.70 -38.96
N GLU D 4 12.95 -7.68 -39.83
CA GLU D 4 11.68 -7.17 -40.33
C GLU D 4 11.11 -8.00 -41.47
N GLN D 5 11.92 -8.91 -42.03
CA GLN D 5 11.40 -9.92 -42.95
C GLN D 5 10.86 -11.16 -42.25
N CYS D 6 11.59 -11.72 -41.28
CA CYS D 6 11.24 -13.05 -40.76
C CYS D 6 11.01 -13.11 -39.26
N CYS D 7 10.90 -11.98 -38.56
CA CYS D 7 10.48 -11.98 -37.16
C CYS D 7 9.20 -11.21 -36.95
N THR D 8 9.09 -10.03 -37.55
CA THR D 8 7.82 -9.29 -37.51
C THR D 8 6.81 -9.89 -38.49
N SER D 9 7.30 -10.49 -39.58
CA SER D 9 6.47 -10.99 -40.67
C SER D 9 6.74 -12.47 -40.89
N ILE D 10 6.09 -13.05 -41.91
CA ILE D 10 6.22 -14.47 -42.23
C ILE D 10 7.40 -14.63 -43.18
N CYS D 11 8.19 -15.68 -42.97
CA CYS D 11 9.40 -15.88 -43.78
C CYS D 11 9.19 -17.09 -44.69
N SER D 12 9.64 -16.95 -45.95
CA SER D 12 9.63 -18.06 -46.89
C SER D 12 11.00 -18.73 -46.93
N LEU D 13 11.17 -19.67 -47.86
CA LEU D 13 12.40 -20.48 -47.89
C LEU D 13 13.41 -19.98 -48.92
N TYR D 14 12.93 -19.45 -50.05
CA TYR D 14 13.81 -18.96 -51.11
C TYR D 14 14.49 -17.65 -50.75
N GLN D 15 13.89 -16.86 -49.87
CA GLN D 15 14.64 -15.73 -49.33
C GLN D 15 15.64 -16.16 -48.27
N LEU D 16 15.48 -17.35 -47.67
CA LEU D 16 16.56 -17.87 -46.81
C LEU D 16 17.71 -18.45 -47.63
N GLU D 17 17.43 -19.00 -48.83
CA GLU D 17 18.45 -19.23 -49.87
C GLU D 17 19.20 -17.95 -50.24
N ASN D 18 18.48 -16.83 -50.40
CA ASN D 18 19.12 -15.55 -50.67
C ASN D 18 19.91 -15.03 -49.47
N TYR D 19 19.42 -15.24 -48.25
CA TYR D 19 19.99 -14.62 -47.05
C TYR D 19 21.00 -15.47 -46.31
N CYS D 20 21.28 -16.71 -46.72
CA CYS D 20 22.32 -17.48 -46.03
C CYS D 20 23.70 -17.35 -46.70
N HIS D 21 23.88 -16.34 -47.56
CA HIS D 21 25.19 -16.06 -48.14
C HIS D 21 26.15 -15.44 -47.12
N SER D 22 25.62 -14.85 -46.04
CA SER D 22 26.47 -14.44 -44.93
C SER D 22 27.03 -15.64 -44.16
N LEU D 23 26.35 -16.78 -44.18
CA LEU D 23 26.99 -18.02 -43.74
C LEU D 23 27.93 -18.57 -44.79
N GLN D 24 27.56 -18.48 -46.07
CA GLN D 24 28.29 -19.17 -47.12
C GLN D 24 29.62 -18.49 -47.51
N ASN E 3 6.21 -23.61 -39.73
CA ASN E 3 6.44 -22.30 -40.33
C ASN E 3 5.88 -21.20 -39.43
N GLN E 4 6.55 -20.95 -38.32
CA GLN E 4 6.21 -19.89 -37.39
C GLN E 4 7.05 -18.66 -37.68
N HIS E 5 7.00 -17.69 -36.77
CA HIS E 5 7.95 -16.60 -36.79
C HIS E 5 9.30 -17.08 -36.25
N LEU E 6 10.38 -16.62 -36.88
CA LEU E 6 11.73 -17.04 -36.49
C LEU E 6 12.49 -15.82 -35.97
N CYS E 7 12.60 -15.73 -34.65
CA CYS E 7 13.36 -14.69 -33.99
C CYS E 7 14.40 -15.35 -33.08
N GLY E 8 15.26 -14.51 -32.49
CA GLY E 8 16.20 -14.93 -31.46
C GLY E 8 17.29 -15.89 -31.86
N SER E 9 17.57 -16.86 -30.98
CA SER E 9 18.52 -17.92 -31.30
C SER E 9 17.93 -18.97 -32.22
N GLU E 10 16.60 -19.07 -32.30
CA GLU E 10 15.97 -20.00 -33.23
C GLU E 10 16.07 -19.54 -34.67
N LEU E 11 16.28 -18.24 -34.92
CA LEU E 11 16.56 -17.71 -36.26
C LEU E 11 17.88 -18.23 -36.81
N VAL E 12 18.95 -18.13 -36.02
CA VAL E 12 20.26 -18.61 -36.48
C VAL E 12 20.33 -20.14 -36.41
N GLU E 13 19.58 -20.76 -35.50
CA GLU E 13 19.57 -22.22 -35.40
C GLU E 13 18.74 -22.86 -36.51
N ALA E 14 17.72 -22.17 -37.02
CA ALA E 14 17.01 -22.70 -38.18
C ALA E 14 17.69 -22.29 -39.48
N LEU E 15 18.38 -21.15 -39.49
CA LEU E 15 19.04 -20.67 -40.71
C LEU E 15 20.34 -21.43 -40.97
N TYR E 16 20.93 -22.03 -39.93
CA TYR E 16 22.08 -22.90 -40.11
C TYR E 16 21.70 -24.21 -40.82
N LEU E 17 20.49 -24.71 -40.59
CA LEU E 17 20.01 -25.95 -41.20
C LEU E 17 19.46 -25.76 -42.61
N VAL E 18 19.46 -24.52 -43.11
CA VAL E 18 18.94 -24.23 -44.44
C VAL E 18 19.92 -24.68 -45.52
N CYS E 19 21.18 -24.24 -45.43
CA CYS E 19 22.16 -24.50 -46.48
C CYS E 19 23.42 -25.13 -45.92
N LEU E 20 23.27 -26.16 -45.09
CA LEU E 20 24.42 -26.91 -44.59
C LEU E 20 24.72 -28.06 -45.54
N GLY F 1 24.37 -28.11 -2.56
CA GLY F 1 24.32 -26.67 -2.67
C GLY F 1 23.00 -26.15 -3.20
N ILE F 2 21.91 -26.54 -2.54
CA ILE F 2 20.58 -26.04 -2.90
C ILE F 2 19.83 -25.57 -1.65
N VAL F 3 20.28 -25.95 -0.46
CA VAL F 3 19.50 -25.78 0.76
C VAL F 3 19.71 -24.41 1.40
N GLU F 4 20.75 -23.68 0.99
CA GLU F 4 20.92 -22.31 1.42
C GLU F 4 20.41 -21.33 0.38
N GLN F 5 19.98 -21.85 -0.77
CA GLN F 5 19.56 -21.03 -1.90
C GLN F 5 18.06 -21.17 -2.18
N CYS F 6 17.41 -22.19 -1.63
CA CYS F 6 15.96 -22.25 -1.66
C CYS F 6 15.28 -22.06 -0.31
N CYS F 7 15.98 -21.51 0.69
CA CYS F 7 15.37 -20.79 1.80
C CYS F 7 15.21 -19.32 1.44
N THR F 8 15.26 -18.42 2.46
CA THR F 8 14.86 -17.00 2.45
C THR F 8 15.45 -16.08 1.36
N SER F 9 16.41 -16.52 0.55
CA SER F 9 16.79 -15.84 -0.68
C SER F 9 15.72 -15.94 -1.77
N ILE F 10 14.88 -17.01 -1.67
CA ILE F 10 13.75 -17.51 -2.50
C ILE F 10 14.18 -17.88 -3.92
N CYS F 11 13.63 -18.98 -4.40
CA CYS F 11 14.14 -19.58 -5.63
C CYS F 11 12.98 -20.08 -6.47
N SER F 12 13.28 -20.47 -7.70
CA SER F 12 12.31 -20.91 -8.66
C SER F 12 12.13 -22.43 -8.58
N LEU F 13 11.51 -22.99 -9.63
CA LEU F 13 11.06 -24.39 -9.58
C LEU F 13 11.87 -25.34 -10.45
N TYR F 14 12.51 -24.85 -11.52
CA TYR F 14 13.15 -25.67 -12.56
C TYR F 14 14.38 -26.43 -12.05
N GLN F 15 15.08 -25.86 -11.07
CA GLN F 15 16.24 -26.51 -10.48
C GLN F 15 15.84 -27.66 -9.54
N LEU F 16 14.57 -27.72 -9.11
CA LEU F 16 14.14 -28.77 -8.20
C LEU F 16 13.97 -30.11 -8.92
N GLU F 17 13.29 -30.12 -10.09
CA GLU F 17 13.30 -31.38 -10.83
C GLU F 17 14.56 -31.52 -11.67
N ASN F 18 15.37 -30.47 -11.83
CA ASN F 18 16.73 -30.68 -12.35
C ASN F 18 17.64 -31.40 -11.37
N TYR F 19 17.51 -31.11 -10.07
CA TYR F 19 18.24 -31.83 -9.03
C TYR F 19 17.66 -33.23 -8.80
N CYS F 20 16.35 -33.37 -8.99
CA CYS F 20 15.70 -34.68 -8.96
C CYS F 20 16.10 -35.56 -10.13
N HIS F 21 16.33 -34.96 -11.31
CA HIS F 21 16.85 -35.73 -12.43
C HIS F 21 18.36 -35.90 -12.36
N SER F 22 19.05 -35.15 -11.48
CA SER F 22 20.48 -35.38 -11.28
C SER F 22 20.71 -36.45 -10.21
N LEU F 23 19.82 -36.55 -9.24
CA LEU F 23 19.95 -37.57 -8.19
C LEU F 23 19.59 -38.95 -8.70
N GLN F 24 18.55 -39.06 -9.51
CA GLN F 24 18.16 -40.33 -10.10
C GLN F 24 18.70 -40.46 -11.52
N HIS G 5 9.57 -19.22 0.77
CA HIS G 5 10.70 -19.49 1.66
C HIS G 5 10.35 -20.59 2.69
N LEU G 6 11.14 -21.66 2.67
CA LEU G 6 10.82 -22.88 3.42
C LEU G 6 12.05 -23.54 4.02
N CYS G 7 12.52 -23.10 5.19
CA CYS G 7 13.57 -23.84 5.87
C CYS G 7 12.97 -24.99 6.68
N GLY G 8 13.43 -26.21 6.39
CA GLY G 8 13.00 -27.39 7.12
C GLY G 8 12.86 -28.61 6.22
N SER G 9 11.94 -29.50 6.58
CA SER G 9 11.61 -30.70 5.81
C SER G 9 10.52 -30.44 4.77
N GLU G 10 10.09 -29.20 4.62
CA GLU G 10 9.14 -28.83 3.58
C GLU G 10 9.77 -28.84 2.21
N LEU G 11 11.10 -28.70 2.11
CA LEU G 11 11.81 -28.95 0.85
C LEU G 11 11.73 -30.40 0.38
N VAL G 12 11.94 -31.40 1.25
CA VAL G 12 11.93 -32.78 0.79
C VAL G 12 10.49 -33.27 0.61
N GLU G 13 9.55 -32.65 1.33
CA GLU G 13 8.13 -32.79 1.01
C GLU G 13 7.79 -32.12 -0.32
N ALA G 14 8.47 -31.02 -0.66
CA ALA G 14 8.20 -30.32 -1.92
C ALA G 14 8.76 -31.05 -3.14
N LEU G 15 9.97 -31.63 -3.04
CA LEU G 15 10.42 -32.53 -4.12
C LEU G 15 10.00 -33.98 -3.92
N TYR G 16 9.18 -34.31 -2.95
CA TYR G 16 8.26 -35.40 -3.23
C TYR G 16 7.16 -34.94 -4.19
N LEU G 17 6.61 -33.74 -3.97
CA LEU G 17 5.44 -33.30 -4.73
C LEU G 17 5.76 -32.84 -6.16
N VAL G 18 7.00 -32.47 -6.50
CA VAL G 18 7.21 -32.00 -7.87
C VAL G 18 7.52 -33.20 -8.79
N CYS G 19 7.84 -34.36 -8.22
CA CYS G 19 8.43 -35.47 -8.98
C CYS G 19 7.53 -36.70 -9.06
N LEU G 20 6.24 -36.58 -8.83
CA LEU G 20 5.35 -37.74 -9.00
C LEU G 20 4.79 -37.81 -10.42
N GLY H 1 -20.45 19.88 24.39
CA GLY H 1 -20.66 18.86 23.36
C GLY H 1 -19.65 18.94 22.22
N ILE H 2 -18.37 18.92 22.56
CA ILE H 2 -17.31 18.89 21.56
C ILE H 2 -16.28 17.81 21.88
N VAL H 3 -16.29 17.28 23.10
CA VAL H 3 -15.19 16.43 23.57
C VAL H 3 -15.40 14.97 23.21
N GLU H 4 -16.61 14.58 22.81
CA GLU H 4 -16.82 13.24 22.29
C GLU H 4 -16.82 13.23 20.77
N GLN H 5 -16.71 14.41 20.16
CA GLN H 5 -16.78 14.56 18.72
C GLN H 5 -15.45 14.98 18.10
N CYS H 6 -14.51 15.47 18.93
CA CYS H 6 -13.15 15.68 18.47
C CYS H 6 -12.12 14.72 19.06
N CYS H 7 -12.55 13.60 19.63
CA CYS H 7 -11.72 12.39 19.74
C CYS H 7 -11.91 11.52 18.50
N THR H 8 -11.78 10.19 18.65
CA THR H 8 -11.61 9.15 17.60
C THR H 8 -12.64 9.11 16.45
N SER H 9 -13.74 9.87 16.49
CA SER H 9 -14.58 10.12 15.33
C SER H 9 -13.89 11.01 14.28
N ILE H 10 -12.92 11.84 14.75
CA ILE H 10 -12.05 12.85 14.12
C ILE H 10 -12.84 14.01 13.50
N CYS H 11 -12.31 15.21 13.69
CA CYS H 11 -13.08 16.40 13.40
C CYS H 11 -12.18 17.44 12.75
N SER H 12 -12.80 18.50 12.24
CA SER H 12 -12.12 19.56 11.53
C SER H 12 -11.69 20.67 12.50
N LEU H 13 -11.36 21.84 11.93
CA LEU H 13 -10.71 22.89 12.70
C LEU H 13 -11.60 24.10 12.98
N TYR H 14 -12.62 24.35 12.13
CA TYR H 14 -13.42 25.59 12.15
C TYR H 14 -14.30 25.72 13.39
N GLN H 15 -14.74 24.59 13.94
CA GLN H 15 -15.54 24.58 15.16
C GLN H 15 -14.70 24.88 16.40
N LEU H 16 -13.37 24.77 16.32
CA LEU H 16 -12.51 25.02 17.48
C LEU H 16 -12.39 26.51 17.77
N GLU H 17 -12.11 27.34 16.74
CA GLU H 17 -12.17 28.77 17.03
C GLU H 17 -13.60 29.31 16.96
N ASN H 18 -14.56 28.53 16.46
CA ASN H 18 -15.96 28.90 16.66
C ASN H 18 -16.40 28.72 18.13
N TYR H 19 -15.92 27.67 18.80
CA TYR H 19 -16.17 27.47 20.22
C TYR H 19 -15.35 28.43 21.07
N CYS H 20 -14.15 28.80 20.60
CA CYS H 20 -13.34 29.82 21.24
C CYS H 20 -13.95 31.20 21.12
N HIS H 21 -14.62 31.50 20.00
CA HIS H 21 -15.35 32.75 19.88
C HIS H 21 -16.72 32.69 20.55
N SER H 22 -17.21 31.49 20.90
CA SER H 22 -18.44 31.40 21.67
C SER H 22 -18.18 31.49 23.16
N LEU H 23 -17.01 31.02 23.61
CA LEU H 23 -16.66 31.10 25.03
C LEU H 23 -16.27 32.51 25.45
N GLN H 24 -15.54 33.21 24.59
CA GLN H 24 -15.17 34.59 24.88
C GLN H 24 -16.09 35.56 24.15
N HIS I 5 -6.69 11.92 16.23
CA HIS I 5 -7.56 11.41 17.28
C HIS I 5 -6.93 11.56 18.67
N LEU I 6 -7.63 12.29 19.55
CA LEU I 6 -7.06 12.72 20.83
C LEU I 6 -8.09 12.68 21.96
N CYS I 7 -8.32 11.53 22.59
CA CYS I 7 -9.14 11.51 23.80
C CYS I 7 -8.30 11.88 25.02
N GLY I 8 -8.73 12.92 25.72
CA GLY I 8 -8.07 13.35 26.94
C GLY I 8 -8.07 14.87 27.09
N SER I 9 -7.03 15.38 27.77
CA SER I 9 -6.80 16.82 27.94
C SER I 9 -6.00 17.43 26.81
N GLU I 10 -5.69 16.66 25.77
CA GLU I 10 -5.02 17.18 24.60
C GLU I 10 -5.95 18.04 23.75
N LEU I 11 -7.28 17.86 23.86
CA LEU I 11 -8.23 18.81 23.28
C LEU I 11 -8.16 20.21 23.91
N VAL I 12 -8.11 20.33 25.24
CA VAL I 12 -8.11 21.67 25.84
C VAL I 12 -6.72 22.30 25.75
N GLU I 13 -5.68 21.47 25.65
CA GLU I 13 -4.36 21.92 25.22
C GLU I 13 -4.38 22.36 23.74
N ALA I 14 -5.19 21.70 22.90
CA ALA I 14 -5.25 22.04 21.48
C ALA I 14 -6.02 23.34 21.22
N LEU I 15 -7.13 23.57 21.94
CA LEU I 15 -7.75 24.91 21.86
C LEU I 15 -7.21 25.89 22.89
N TYR I 16 -6.18 25.57 23.64
CA TYR I 16 -5.27 26.66 23.97
C TYR I 16 -4.46 27.08 22.76
N LEU I 17 -3.95 26.10 21.99
CA LEU I 17 -3.01 26.41 20.91
C LEU I 17 -3.66 26.99 19.65
N VAL I 18 -4.97 26.81 19.42
CA VAL I 18 -5.52 27.36 18.17
C VAL I 18 -5.95 28.81 18.39
N CYS I 19 -6.06 29.27 19.64
CA CYS I 19 -6.73 30.53 19.97
C CYS I 19 -5.80 31.59 20.55
N LEU I 20 -4.49 31.48 20.36
CA LEU I 20 -3.59 32.54 20.83
C LEU I 20 -3.37 33.60 19.75
N HIS J 1 58.68 -1.94 -25.99
CA HIS J 1 59.63 -2.02 -27.08
C HIS J 1 59.05 -1.41 -28.36
N LEU J 2 59.46 -1.94 -29.51
CA LEU J 2 59.00 -1.46 -30.80
C LEU J 2 57.76 -2.25 -31.23
N TYR J 3 57.37 -2.13 -32.50
CA TYR J 3 56.23 -2.85 -33.07
C TYR J 3 56.73 -3.77 -34.18
N PRO J 4 57.09 -5.03 -33.86
CA PRO J 4 57.44 -5.98 -34.94
C PRO J 4 56.20 -6.51 -35.63
N GLY J 5 55.95 -6.02 -36.83
CA GLY J 5 54.79 -6.46 -37.58
C GLY J 5 54.36 -5.42 -38.59
N GLU J 6 53.35 -5.80 -39.36
CA GLU J 6 52.78 -4.96 -40.40
C GLU J 6 51.55 -4.26 -39.81
N VAL J 7 51.03 -3.26 -40.53
CA VAL J 7 49.98 -2.36 -40.04
C VAL J 7 48.65 -3.10 -39.87
N CYS J 8 48.33 -4.03 -40.80
CA CYS J 8 47.23 -5.01 -40.80
C CYS J 8 45.83 -4.42 -40.62
N PRO J 9 45.22 -3.86 -41.66
CA PRO J 9 43.84 -3.37 -41.55
C PRO J 9 42.84 -4.50 -41.35
N GLY J 10 41.71 -4.14 -40.73
CA GLY J 10 40.82 -5.13 -40.12
C GLY J 10 39.99 -5.90 -41.12
N MET J 11 40.04 -7.23 -41.01
CA MET J 11 39.33 -8.14 -41.89
C MET J 11 38.23 -8.86 -41.11
N ASP J 12 37.48 -9.69 -41.82
CA ASP J 12 36.32 -10.37 -41.28
C ASP J 12 36.43 -11.87 -41.58
N ILE J 13 36.22 -12.70 -40.57
CA ILE J 13 36.48 -14.14 -40.66
C ILE J 13 35.15 -14.88 -40.54
N ARG J 14 34.88 -15.78 -41.50
CA ARG J 14 33.59 -16.47 -41.53
C ARG J 14 33.74 -17.93 -41.95
N ASN J 15 33.21 -18.83 -41.12
CA ASN J 15 32.75 -20.20 -41.39
C ASN J 15 33.81 -21.27 -41.66
N ASN J 16 35.06 -20.86 -41.85
CA ASN J 16 36.22 -21.75 -41.93
C ASN J 16 37.48 -20.96 -41.61
N LEU J 17 38.50 -21.68 -41.14
CA LEU J 17 39.60 -21.12 -40.37
C LEU J 17 40.78 -20.73 -41.25
N THR J 18 40.61 -20.73 -42.57
CA THR J 18 41.74 -20.52 -43.49
C THR J 18 42.14 -19.05 -43.58
N ARG J 19 41.22 -18.12 -43.34
CA ARG J 19 41.56 -16.70 -43.37
C ARG J 19 42.05 -16.20 -42.03
N LEU J 20 42.07 -17.04 -41.00
CA LEU J 20 42.74 -16.69 -39.74
C LEU J 20 44.25 -16.83 -39.84
N HIS J 21 44.75 -17.51 -40.87
CA HIS J 21 46.18 -17.69 -41.13
C HIS J 21 46.87 -16.43 -41.65
N GLU J 22 46.13 -15.39 -42.01
CA GLU J 22 46.68 -14.11 -42.45
C GLU J 22 47.08 -13.18 -41.31
N LEU J 23 46.95 -13.61 -40.06
CA LEU J 23 47.32 -12.82 -38.89
C LEU J 23 48.64 -13.28 -38.29
N GLU J 24 49.61 -13.66 -39.12
CA GLU J 24 50.91 -14.12 -38.61
C GLU J 24 51.77 -12.95 -38.15
N ASN J 25 52.15 -12.09 -39.08
CA ASN J 25 53.02 -10.95 -38.80
C ASN J 25 52.20 -9.67 -38.66
N CYS J 26 51.33 -9.67 -37.65
CA CYS J 26 50.46 -8.54 -37.35
C CYS J 26 50.77 -8.11 -35.93
N SER J 27 51.27 -6.88 -35.77
CA SER J 27 51.49 -6.31 -34.45
C SER J 27 50.28 -5.50 -34.00
N VAL J 28 49.75 -4.67 -34.89
CA VAL J 28 48.62 -3.80 -34.61
C VAL J 28 47.52 -4.13 -35.59
N ILE J 29 46.31 -3.69 -35.26
CA ILE J 29 45.16 -3.78 -36.14
C ILE J 29 44.57 -2.38 -36.27
N GLU J 30 44.54 -1.85 -37.49
CA GLU J 30 43.88 -0.58 -37.77
C GLU J 30 42.50 -0.89 -38.32
N GLY J 31 41.51 -0.94 -37.44
CA GLY J 31 40.18 -1.35 -37.82
C GLY J 31 39.54 -2.21 -36.75
N HIS J 32 38.56 -3.01 -37.14
CA HIS J 32 37.88 -3.91 -36.22
C HIS J 32 38.12 -5.34 -36.65
N LEU J 33 38.17 -6.24 -35.67
CA LEU J 33 38.32 -7.67 -35.94
C LEU J 33 37.09 -8.39 -35.42
N GLN J 34 36.42 -9.13 -36.31
CA GLN J 34 35.20 -9.85 -35.98
C GLN J 34 35.42 -11.34 -36.26
N ILE J 35 35.62 -12.12 -35.22
CA ILE J 35 35.69 -13.57 -35.33
C ILE J 35 34.28 -14.11 -35.06
N LEU J 36 33.53 -14.41 -36.12
CA LEU J 36 32.12 -14.74 -35.96
C LEU J 36 31.75 -15.95 -36.79
N LEU J 37 30.76 -16.69 -36.27
CA LEU J 37 30.01 -17.79 -36.90
C LEU J 37 30.94 -18.95 -37.30
N MET J 38 31.52 -19.58 -36.29
CA MET J 38 32.50 -20.64 -36.49
C MET J 38 31.80 -21.95 -36.13
N PHE J 39 31.30 -22.66 -37.14
CA PHE J 39 30.39 -23.79 -36.91
C PHE J 39 31.11 -25.13 -36.85
N LYS J 40 31.85 -25.49 -37.91
CA LYS J 40 32.51 -26.80 -37.97
C LYS J 40 33.93 -26.71 -37.41
N THR J 41 33.98 -26.47 -36.10
CA THR J 41 35.22 -26.40 -35.34
C THR J 41 35.22 -27.44 -34.24
N ARG J 42 36.41 -27.73 -33.73
CA ARG J 42 36.64 -28.63 -32.63
C ARG J 42 37.62 -27.97 -31.68
N PRO J 43 37.67 -28.40 -30.40
CA PRO J 43 38.79 -27.97 -29.52
C PRO J 43 40.17 -28.46 -29.96
N GLU J 44 40.27 -29.54 -30.74
CA GLU J 44 41.54 -29.97 -31.33
C GLU J 44 41.96 -29.10 -32.51
N ASP J 45 41.06 -28.30 -33.09
CA ASP J 45 41.39 -27.40 -34.18
C ASP J 45 41.96 -26.07 -33.72
N PHE J 46 41.88 -25.76 -32.42
CA PHE J 46 42.21 -24.43 -31.93
C PHE J 46 43.47 -24.37 -31.08
N ARG J 47 43.88 -25.48 -30.46
CA ARG J 47 45.03 -25.46 -29.56
C ARG J 47 46.37 -25.57 -30.29
N ASP J 48 46.35 -25.84 -31.59
CA ASP J 48 47.58 -26.02 -32.36
C ASP J 48 48.06 -24.74 -33.03
N LEU J 49 47.37 -23.62 -32.81
CA LEU J 49 47.70 -22.36 -33.48
C LEU J 49 47.70 -21.22 -32.46
N SER J 50 48.57 -20.24 -32.70
CA SER J 50 48.68 -19.09 -31.82
C SER J 50 49.17 -17.89 -32.61
N PHE J 51 48.70 -16.71 -32.21
CA PHE J 51 49.13 -15.43 -32.80
C PHE J 51 49.56 -14.50 -31.67
N PRO J 52 50.78 -14.64 -31.15
CA PRO J 52 51.19 -13.84 -30.00
C PRO J 52 51.75 -12.47 -30.34
N LYS J 53 51.85 -12.11 -31.62
CA LYS J 53 52.45 -10.83 -31.99
C LYS J 53 51.48 -9.67 -31.89
N LEU J 54 50.17 -9.93 -31.79
CA LEU J 54 49.18 -8.88 -31.91
C LEU J 54 49.02 -8.14 -30.59
N ILE J 55 49.06 -6.80 -30.67
CA ILE J 55 49.14 -5.93 -29.51
C ILE J 55 47.90 -5.04 -29.40
N MET J 56 47.52 -4.39 -30.49
CA MET J 56 46.55 -3.29 -30.46
C MET J 56 45.37 -3.55 -31.39
N ILE J 57 44.16 -3.37 -30.86
CA ILE J 57 42.94 -3.24 -31.66
C ILE J 57 42.52 -1.78 -31.60
N THR J 58 42.29 -1.17 -32.76
CA THR J 58 41.76 0.19 -32.74
C THR J 58 40.26 0.22 -32.42
N ASP J 59 39.43 -0.38 -33.28
CA ASP J 59 37.98 -0.13 -33.16
C ASP J 59 37.29 -1.00 -32.11
N TYR J 60 37.15 -2.30 -32.39
CA TYR J 60 36.46 -3.23 -31.49
C TYR J 60 36.83 -4.67 -31.82
N LEU J 61 36.46 -5.56 -30.91
CA LEU J 61 36.61 -7.01 -31.09
C LEU J 61 35.26 -7.66 -30.83
N LEU J 62 34.81 -8.48 -31.78
CA LEU J 62 33.47 -9.06 -31.75
C LEU J 62 33.57 -10.58 -31.88
N LEU J 63 32.88 -11.29 -30.98
CA LEU J 63 32.82 -12.75 -31.00
C LEU J 63 31.36 -13.17 -31.03
N PHE J 64 31.00 -14.04 -31.96
CA PHE J 64 29.59 -14.40 -32.16
C PHE J 64 29.49 -15.82 -32.73
N ARG J 65 29.03 -16.75 -31.89
CA ARG J 65 28.77 -18.18 -32.18
C ARG J 65 30.02 -18.89 -32.69
N VAL J 66 31.01 -18.98 -31.82
CA VAL J 66 32.27 -19.69 -32.07
C VAL J 66 32.28 -20.92 -31.19
N TYR J 67 32.41 -22.09 -31.81
CA TYR J 67 32.36 -23.36 -31.09
C TYR J 67 33.76 -23.87 -30.81
N GLY J 68 33.90 -24.59 -29.69
CA GLY J 68 35.12 -25.33 -29.41
C GLY J 68 36.21 -24.57 -28.70
N LEU J 69 36.15 -23.25 -28.66
CA LEU J 69 37.14 -22.46 -27.95
C LEU J 69 36.78 -22.44 -26.47
N GLU J 70 37.65 -22.99 -25.63
CA GLU J 70 37.43 -23.02 -24.19
C GLU J 70 38.10 -21.88 -23.46
N SER J 71 39.18 -21.33 -24.01
CA SER J 71 39.75 -20.07 -23.57
C SER J 71 40.32 -19.37 -24.78
N LEU J 72 40.30 -18.04 -24.76
CA LEU J 72 40.72 -17.25 -25.92
C LEU J 72 42.22 -16.93 -25.86
N LYS J 73 42.91 -17.35 -24.79
CA LYS J 73 44.34 -17.08 -24.61
C LYS J 73 45.24 -17.89 -25.55
N ASP J 74 44.72 -18.95 -26.17
CA ASP J 74 45.46 -19.63 -27.23
C ASP J 74 45.57 -18.76 -28.47
N LEU J 75 44.56 -17.94 -28.74
CA LEU J 75 44.63 -17.01 -29.87
C LEU J 75 45.51 -15.81 -29.53
N PHE J 76 45.09 -15.01 -28.55
CA PHE J 76 45.67 -13.70 -28.24
C PHE J 76 46.20 -13.70 -26.81
N PRO J 77 47.48 -14.03 -26.61
CA PRO J 77 48.06 -13.92 -25.27
C PRO J 77 48.71 -12.58 -24.97
N ASN J 78 48.79 -11.66 -25.94
CA ASN J 78 49.52 -10.41 -25.77
C ASN J 78 48.70 -9.21 -26.21
N LEU J 79 47.37 -9.31 -26.14
CA LEU J 79 46.50 -8.18 -26.47
C LEU J 79 46.48 -7.23 -25.29
N THR J 80 46.86 -5.97 -25.52
CA THR J 80 47.10 -5.04 -24.42
C THR J 80 46.00 -4.01 -24.21
N VAL J 81 45.72 -3.19 -25.21
CA VAL J 81 44.84 -2.01 -25.07
C VAL J 81 43.88 -2.01 -26.25
N ILE J 82 42.58 -1.97 -25.95
CA ILE J 82 41.54 -1.78 -26.96
C ILE J 82 41.26 -0.29 -27.00
N ARG J 83 41.37 0.34 -28.18
CA ARG J 83 41.25 1.80 -28.21
C ARG J 83 39.80 2.26 -28.25
N GLY J 84 39.07 1.91 -29.30
CA GLY J 84 37.68 2.33 -29.39
C GLY J 84 37.46 3.62 -30.15
N SER J 85 37.95 3.69 -31.39
CA SER J 85 37.63 4.82 -32.25
C SER J 85 36.20 4.71 -32.77
N ARG J 86 35.91 3.65 -33.50
CA ARG J 86 34.54 3.27 -33.81
C ARG J 86 34.09 2.20 -32.81
N LEU J 87 32.81 2.19 -32.50
CA LEU J 87 32.30 1.38 -31.41
C LEU J 87 31.32 0.35 -31.95
N PHE J 88 30.68 -0.37 -31.02
CA PHE J 88 29.72 -1.41 -31.39
C PHE J 88 28.63 -1.44 -30.31
N PHE J 89 27.57 -0.64 -30.55
CA PHE J 89 26.45 -0.34 -29.64
C PHE J 89 26.95 0.12 -28.28
N ASN J 90 27.76 1.19 -28.32
CA ASN J 90 28.76 1.68 -27.35
C ASN J 90 29.49 0.60 -26.55
N TYR J 91 29.98 -0.45 -27.23
CA TYR J 91 30.91 -1.39 -26.66
C TYR J 91 32.09 -1.58 -27.60
N ALA J 92 33.22 -1.98 -27.02
CA ALA J 92 34.40 -2.33 -27.79
C ALA J 92 34.77 -3.80 -27.64
N LEU J 93 34.08 -4.56 -26.80
CA LEU J 93 34.34 -5.99 -26.60
C LEU J 93 33.00 -6.68 -26.37
N VAL J 94 32.45 -7.25 -27.44
CA VAL J 94 31.18 -7.96 -27.38
C VAL J 94 31.48 -9.45 -27.52
N ILE J 95 31.18 -10.21 -26.47
CA ILE J 95 31.33 -11.65 -26.46
C ILE J 95 29.93 -12.23 -26.31
N PHE J 96 29.37 -12.72 -27.43
CA PHE J 96 27.98 -13.12 -27.50
C PHE J 96 27.90 -14.58 -27.95
N GLU J 97 27.23 -15.40 -27.13
CA GLU J 97 26.77 -16.78 -27.44
C GLU J 97 27.93 -17.74 -27.74
N MET J 98 28.87 -17.80 -26.80
CA MET J 98 29.95 -18.79 -26.84
C MET J 98 29.48 -20.08 -26.18
N VAL J 99 29.37 -21.12 -26.98
CA VAL J 99 29.16 -22.47 -26.47
C VAL J 99 30.54 -23.10 -26.28
N HIS J 100 30.68 -23.89 -25.20
CA HIS J 100 31.89 -24.58 -24.74
C HIS J 100 33.03 -23.63 -24.41
N LEU J 101 32.75 -22.43 -23.91
CA LEU J 101 33.75 -21.53 -23.36
C LEU J 101 33.60 -21.49 -21.85
N LYS J 102 34.69 -21.74 -21.14
CA LYS J 102 34.65 -21.80 -19.68
C LYS J 102 35.37 -20.65 -18.98
N GLU J 103 36.40 -20.07 -19.60
CA GLU J 103 37.12 -18.97 -18.98
C GLU J 103 37.69 -18.07 -20.07
N LEU J 104 38.04 -16.85 -19.67
CA LEU J 104 38.52 -15.85 -20.63
C LEU J 104 40.01 -16.04 -20.93
N GLY J 105 40.86 -15.87 -19.92
CA GLY J 105 42.28 -15.95 -20.10
C GLY J 105 42.95 -14.70 -20.65
N LEU J 106 42.29 -13.55 -20.55
CA LEU J 106 42.80 -12.32 -21.15
C LEU J 106 43.56 -11.50 -20.11
N TYR J 107 44.71 -12.04 -19.70
CA TYR J 107 45.46 -11.47 -18.58
C TYR J 107 46.23 -10.20 -18.92
N ASN J 108 46.44 -9.90 -20.19
CA ASN J 108 47.30 -8.79 -20.56
C ASN J 108 46.52 -7.51 -20.84
N LEU J 109 45.24 -7.47 -20.50
CA LEU J 109 44.42 -6.26 -20.60
C LEU J 109 44.39 -5.54 -19.27
N MET J 110 44.69 -4.25 -19.27
CA MET J 110 44.23 -3.41 -18.17
C MET J 110 43.70 -2.05 -18.56
N ASN J 111 43.70 -1.65 -19.83
CA ASN J 111 42.95 -0.44 -20.17
C ASN J 111 42.25 -0.61 -21.51
N ILE J 112 40.95 -0.31 -21.51
CA ILE J 112 40.17 -0.02 -22.70
C ILE J 112 39.70 1.42 -22.57
N THR J 113 39.98 2.23 -23.60
CA THR J 113 39.83 3.68 -23.47
C THR J 113 38.37 4.13 -23.56
N ARG J 114 37.72 3.87 -24.69
CA ARG J 114 36.36 4.34 -24.93
C ARG J 114 35.45 3.16 -25.24
N GLY J 115 34.40 3.01 -24.43
CA GLY J 115 33.41 1.97 -24.63
C GLY J 115 33.16 1.18 -23.37
N SER J 116 32.49 0.04 -23.53
CA SER J 116 32.18 -0.85 -22.43
C SER J 116 32.36 -2.29 -22.91
N VAL J 117 32.11 -3.23 -22.01
CA VAL J 117 32.22 -4.67 -22.30
C VAL J 117 30.88 -5.31 -21.97
N ARG J 118 30.27 -5.96 -22.96
CA ARG J 118 29.04 -6.74 -22.75
C ARG J 118 29.32 -8.19 -23.11
N ILE J 119 29.26 -9.08 -22.10
CA ILE J 119 29.39 -10.51 -22.29
C ILE J 119 28.10 -11.15 -21.78
N GLU J 120 27.43 -11.92 -22.64
CA GLU J 120 26.22 -12.61 -22.23
C GLU J 120 26.05 -13.88 -23.03
N LYS J 121 25.13 -14.74 -22.53
CA LYS J 121 24.58 -15.93 -23.19
C LYS J 121 25.62 -17.00 -23.48
N ASN J 122 26.66 -17.08 -22.64
CA ASN J 122 27.65 -18.14 -22.71
C ASN J 122 27.28 -19.17 -21.65
N ASN J 123 26.87 -20.36 -22.10
CA ASN J 123 26.18 -21.32 -21.25
C ASN J 123 27.10 -22.10 -20.33
N GLU J 124 28.42 -21.99 -20.48
CA GLU J 124 29.35 -22.72 -19.63
C GLU J 124 30.41 -21.82 -19.02
N LEU J 125 30.19 -20.51 -19.00
CA LEU J 125 31.23 -19.56 -18.65
C LEU J 125 31.37 -19.41 -17.13
N CYS J 126 32.62 -19.46 -16.67
CA CYS J 126 32.97 -19.14 -15.30
C CYS J 126 34.04 -18.07 -15.30
N TYR J 127 34.62 -17.80 -14.11
CA TYR J 127 35.66 -16.78 -13.83
C TYR J 127 35.24 -15.37 -14.27
N LEU J 128 33.97 -15.02 -14.02
CA LEU J 128 33.46 -13.72 -14.44
C LEU J 128 33.50 -12.69 -13.33
N ALA J 129 33.12 -13.09 -12.11
CA ALA J 129 33.05 -12.16 -11.00
C ALA J 129 34.39 -11.94 -10.30
N THR J 130 35.44 -12.68 -10.68
CA THR J 130 36.75 -12.54 -10.08
C THR J 130 37.67 -11.61 -10.87
N ILE J 131 37.09 -10.68 -11.64
CA ILE J 131 37.85 -9.68 -12.38
C ILE J 131 37.37 -8.31 -11.91
N ASP J 132 38.29 -7.51 -11.38
CA ASP J 132 37.98 -6.14 -10.98
C ASP J 132 37.98 -5.27 -12.23
N TRP J 133 36.79 -4.89 -12.69
CA TRP J 133 36.65 -4.08 -13.90
C TRP J 133 36.85 -2.60 -13.68
N SER J 134 37.01 -2.16 -12.42
CA SER J 134 37.18 -0.74 -12.11
C SER J 134 38.53 -0.19 -12.54
N ARG J 135 39.58 -1.01 -12.50
CA ARG J 135 40.87 -0.61 -13.03
C ARG J 135 41.04 -0.95 -14.51
N ILE J 136 40.06 -1.61 -15.11
CA ILE J 136 40.08 -1.91 -16.54
C ILE J 136 39.46 -0.79 -17.35
N LEU J 137 38.28 -0.36 -16.95
CA LEU J 137 37.43 0.56 -17.71
C LEU J 137 37.27 1.87 -16.96
N ASP J 138 36.76 2.87 -17.68
CA ASP J 138 36.47 4.17 -17.08
C ASP J 138 35.01 4.26 -16.63
N SER J 139 34.08 4.10 -17.57
CA SER J 139 32.65 4.10 -17.26
C SER J 139 32.24 2.67 -16.96
N VAL J 140 32.46 2.26 -15.70
CA VAL J 140 32.23 0.87 -15.30
C VAL J 140 30.78 0.58 -14.93
N GLU J 141 29.93 1.60 -14.87
CA GLU J 141 28.51 1.39 -14.63
C GLU J 141 27.73 1.10 -15.90
N ASP J 142 28.36 1.23 -17.06
CA ASP J 142 27.74 0.88 -18.34
C ASP J 142 28.08 -0.53 -18.78
N ASN J 143 28.68 -1.33 -17.91
CA ASN J 143 28.88 -2.74 -18.16
C ASN J 143 27.56 -3.48 -18.11
N TYR J 144 27.48 -4.57 -18.87
CA TYR J 144 26.29 -5.42 -18.87
C TYR J 144 26.74 -6.87 -19.05
N ILE J 145 26.99 -7.55 -17.92
CA ILE J 145 27.36 -8.96 -17.90
C ILE J 145 26.28 -9.69 -17.11
N VAL J 146 25.51 -10.55 -17.79
CA VAL J 146 24.38 -11.25 -17.21
C VAL J 146 24.20 -12.51 -18.04
N LEU J 147 23.47 -13.49 -17.46
CA LEU J 147 22.91 -14.69 -18.12
C LEU J 147 24.00 -15.63 -18.64
N ASN J 148 24.85 -16.07 -17.71
CA ASN J 148 25.92 -17.01 -18.02
C ASN J 148 25.85 -18.17 -17.04
N LYS J 149 26.89 -19.01 -17.00
CA LYS J 149 26.92 -20.07 -15.99
C LYS J 149 27.52 -19.62 -14.67
N ASP J 150 28.21 -18.46 -14.66
CA ASP J 150 28.85 -18.01 -13.42
C ASP J 150 27.88 -17.30 -12.49
N ASP J 151 26.70 -16.91 -12.96
CA ASP J 151 25.67 -16.36 -12.09
C ASP J 151 24.44 -17.24 -11.97
N ASN J 152 24.22 -18.17 -12.91
CA ASN J 152 23.16 -19.16 -12.75
C ASN J 152 23.57 -20.23 -11.74
N GLU J 153 24.82 -20.67 -11.79
CA GLU J 153 25.32 -21.74 -10.94
C GLU J 153 26.46 -21.24 -10.07
N GLU J 154 27.10 -22.17 -9.37
CA GLU J 154 28.13 -21.91 -8.37
C GLU J 154 29.38 -22.73 -8.68
N CYS J 155 29.87 -22.60 -9.91
CA CYS J 155 31.05 -23.32 -10.37
C CYS J 155 32.32 -22.85 -9.66
N GLY J 156 33.22 -23.79 -9.40
CA GLY J 156 34.39 -23.52 -8.60
C GLY J 156 35.49 -22.76 -9.32
N ASP J 157 35.69 -21.51 -8.92
CA ASP J 157 36.76 -20.68 -9.47
C ASP J 157 38.02 -20.95 -8.67
N ILE J 158 38.86 -21.83 -9.20
CA ILE J 158 40.14 -22.16 -8.56
C ILE J 158 41.11 -21.02 -8.81
N CYS J 159 41.53 -20.36 -7.74
CA CYS J 159 42.36 -19.17 -7.87
C CYS J 159 43.79 -19.46 -7.45
N PRO J 160 44.80 -18.85 -8.11
CA PRO J 160 46.18 -19.05 -7.67
C PRO J 160 46.50 -18.21 -6.44
N GLY J 161 46.60 -18.88 -5.29
CA GLY J 161 46.91 -18.18 -4.05
C GLY J 161 48.24 -18.60 -3.45
N THR J 162 48.62 -19.86 -3.65
CA THR J 162 49.85 -20.39 -3.09
C THR J 162 50.42 -21.51 -3.96
N ASN J 168 48.87 -15.32 -4.04
CA ASN J 168 49.82 -14.60 -4.87
C ASN J 168 49.13 -13.52 -5.69
N CYS J 169 47.85 -13.74 -5.97
CA CYS J 169 47.04 -12.72 -6.62
C CYS J 169 46.71 -11.61 -5.63
N PRO J 170 46.63 -10.35 -6.09
CA PRO J 170 46.23 -9.26 -5.18
C PRO J 170 44.73 -9.30 -4.90
N ALA J 171 44.39 -9.15 -3.62
CA ALA J 171 43.00 -9.18 -3.17
C ALA J 171 42.48 -7.75 -3.05
N THR J 172 41.64 -7.34 -3.98
CA THR J 172 41.06 -6.01 -4.01
C THR J 172 39.59 -6.08 -3.60
N VAL J 173 38.97 -4.91 -3.49
CA VAL J 173 37.58 -4.79 -3.06
C VAL J 173 36.72 -4.46 -4.27
N ILE J 174 35.48 -4.97 -4.29
CA ILE J 174 34.46 -4.56 -5.26
C ILE J 174 33.19 -4.05 -4.58
N ASN J 175 32.75 -4.68 -3.48
CA ASN J 175 31.69 -4.09 -2.66
C ASN J 175 32.06 -4.02 -1.18
N GLY J 176 32.53 -5.11 -0.56
CA GLY J 176 33.01 -5.03 0.80
C GLY J 176 34.08 -6.03 1.19
N GLN J 177 34.55 -6.84 0.24
CA GLN J 177 35.35 -8.01 0.57
C GLN J 177 36.62 -8.05 -0.26
N PHE J 178 37.69 -8.57 0.34
CA PHE J 178 38.99 -8.67 -0.33
C PHE J 178 39.11 -10.08 -0.88
N VAL J 179 38.59 -10.29 -2.10
CA VAL J 179 38.74 -11.55 -2.81
C VAL J 179 39.79 -11.36 -3.90
N GLU J 180 40.46 -12.46 -4.24
CA GLU J 180 41.59 -12.42 -5.16
C GLU J 180 41.13 -12.25 -6.60
N ARG J 181 41.88 -11.49 -7.37
CA ARG J 181 41.53 -11.18 -8.75
C ARG J 181 42.21 -12.20 -9.67
N CYS J 182 41.41 -13.05 -10.30
CA CYS J 182 41.90 -14.22 -11.02
C CYS J 182 41.38 -14.21 -12.46
N TRP J 183 42.23 -14.66 -13.38
CA TRP J 183 41.85 -14.86 -14.77
C TRP J 183 41.67 -16.33 -15.11
N THR J 184 42.69 -17.15 -14.85
CA THR J 184 42.62 -18.59 -15.05
C THR J 184 42.97 -19.23 -13.70
N HIS J 185 43.21 -20.54 -13.72
CA HIS J 185 43.64 -21.25 -12.53
C HIS J 185 45.13 -21.05 -12.24
N SER J 186 45.91 -20.50 -13.18
CA SER J 186 47.34 -20.30 -12.97
C SER J 186 47.81 -18.95 -13.52
N HIS J 187 46.92 -17.95 -13.57
CA HIS J 187 47.30 -16.60 -14.01
C HIS J 187 46.66 -15.58 -13.09
N CYS J 188 47.49 -14.78 -12.43
CA CYS J 188 46.98 -13.71 -11.58
C CYS J 188 46.64 -12.49 -12.43
N GLN J 189 45.83 -11.60 -11.84
CA GLN J 189 45.52 -10.32 -12.46
C GLN J 189 46.46 -9.26 -11.92
N LYS J 190 47.13 -8.56 -12.83
CA LYS J 190 48.13 -7.58 -12.46
C LYS J 190 47.44 -6.29 -12.03
N VAL J 191 47.73 -5.85 -10.80
CA VAL J 191 47.20 -4.59 -10.26
C VAL J 191 48.40 -3.72 -9.93
N CYS J 192 48.50 -2.57 -10.60
CA CYS J 192 49.57 -1.63 -10.36
C CYS J 192 49.31 -0.85 -9.08
N PRO J 193 50.36 -0.32 -8.43
CA PRO J 193 50.16 0.68 -7.38
C PRO J 193 49.63 1.99 -7.94
N THR J 194 49.00 2.77 -7.07
CA THR J 194 48.23 3.95 -7.48
C THR J 194 49.10 5.16 -7.82
N ILE J 195 50.41 5.12 -7.57
CA ILE J 195 51.30 6.14 -8.10
C ILE J 195 51.42 6.01 -9.62
N CYS J 196 51.50 4.77 -10.13
CA CYS J 196 51.32 4.53 -11.55
C CYS J 196 49.84 4.64 -11.86
N LYS J 197 49.43 5.81 -12.36
CA LYS J 197 48.00 6.12 -12.50
C LYS J 197 47.38 5.41 -13.72
N SER J 198 47.87 5.75 -14.91
CA SER J 198 47.47 5.06 -16.12
C SER J 198 48.66 4.61 -16.94
N HIS J 199 49.88 4.94 -16.52
CA HIS J 199 51.09 4.56 -17.23
C HIS J 199 51.46 3.10 -17.04
N GLY J 200 50.95 2.47 -15.98
CA GLY J 200 51.25 1.08 -15.70
C GLY J 200 52.55 0.90 -14.95
N CYS J 201 52.77 -0.35 -14.51
CA CYS J 201 53.96 -0.70 -13.76
C CYS J 201 54.65 -1.89 -14.42
N THR J 202 55.90 -2.11 -14.02
CA THR J 202 56.68 -3.24 -14.50
C THR J 202 56.52 -4.43 -13.55
N ALA J 203 57.38 -5.44 -13.70
CA ALA J 203 57.26 -6.66 -12.91
C ALA J 203 57.67 -6.48 -11.44
N GLU J 204 58.52 -5.49 -11.16
CA GLU J 204 58.87 -5.16 -9.79
C GLU J 204 58.04 -4.01 -9.21
N GLY J 205 57.06 -3.52 -9.95
CA GLY J 205 56.16 -2.51 -9.42
C GLY J 205 56.62 -1.08 -9.54
N LEU J 206 57.56 -0.80 -10.44
CA LEU J 206 58.05 0.55 -10.65
C LEU J 206 57.28 1.20 -11.80
N CYS J 207 56.99 2.50 -11.65
CA CYS J 207 56.18 3.22 -12.62
C CYS J 207 56.96 3.50 -13.90
N CYS J 208 56.26 3.42 -15.03
CA CYS J 208 56.86 3.52 -16.35
C CYS J 208 56.93 4.99 -16.78
N HIS J 209 57.20 5.20 -18.08
CA HIS J 209 57.25 6.53 -18.67
C HIS J 209 55.85 7.14 -18.78
N SER J 210 55.81 8.47 -18.95
CA SER J 210 54.55 9.20 -19.07
C SER J 210 53.82 8.94 -20.37
N GLU J 211 54.55 8.56 -21.43
CA GLU J 211 53.93 8.16 -22.69
C GLU J 211 53.83 6.65 -22.83
N CYS J 212 54.20 5.89 -21.80
CA CYS J 212 53.92 4.46 -21.77
C CYS J 212 52.45 4.23 -21.42
N LEU J 213 51.99 3.01 -21.66
CA LEU J 213 50.59 2.66 -21.39
C LEU J 213 50.51 1.16 -21.11
N GLY J 214 50.17 0.81 -19.87
CA GLY J 214 49.94 -0.57 -19.50
C GLY J 214 51.15 -1.33 -18.99
N ASN J 215 52.06 -1.68 -19.89
CA ASN J 215 53.20 -2.53 -19.56
C ASN J 215 54.48 -1.94 -20.13
N CYS J 216 55.56 -1.98 -19.35
CA CYS J 216 56.88 -1.60 -19.81
C CYS J 216 57.89 -2.63 -19.33
N SER J 217 58.92 -2.86 -20.16
CA SER J 217 60.00 -3.74 -19.74
C SER J 217 61.00 -3.01 -18.86
N GLN J 218 61.24 -1.73 -19.16
CA GLN J 218 62.09 -0.87 -18.35
C GLN J 218 61.28 0.30 -17.83
N PRO J 219 61.33 0.59 -16.53
CA PRO J 219 60.56 1.73 -16.01
C PRO J 219 61.21 3.07 -16.34
N ASP J 220 60.34 4.06 -16.56
CA ASP J 220 60.64 5.45 -16.97
C ASP J 220 61.45 5.45 -18.28
N ASP J 221 60.96 4.69 -19.25
CA ASP J 221 61.64 4.52 -20.53
C ASP J 221 60.63 4.70 -21.66
N PRO J 222 60.79 5.70 -22.53
CA PRO J 222 59.85 5.85 -23.66
C PRO J 222 60.09 4.86 -24.78
N THR J 223 61.28 4.26 -24.87
CA THR J 223 61.58 3.28 -25.90
C THR J 223 61.10 1.88 -25.53
N LYS J 224 60.71 1.64 -24.27
CA LYS J 224 60.39 0.30 -23.81
C LYS J 224 58.92 0.15 -23.44
N CYS J 225 58.05 1.02 -23.96
CA CYS J 225 56.62 0.83 -23.79
C CYS J 225 56.13 -0.28 -24.71
N VAL J 226 55.26 -1.14 -24.18
CA VAL J 226 54.62 -2.15 -25.02
C VAL J 226 53.58 -1.49 -25.92
N ALA J 227 52.77 -0.60 -25.35
CA ALA J 227 51.79 0.17 -26.12
C ALA J 227 51.98 1.65 -25.85
N CYS J 228 51.92 2.46 -26.91
CA CYS J 228 51.98 3.91 -26.75
C CYS J 228 50.66 4.45 -26.22
N ARG J 229 50.75 5.50 -25.39
CA ARG J 229 49.54 6.10 -24.85
C ARG J 229 48.89 7.04 -25.85
N ASN J 230 49.66 7.95 -26.43
CA ASN J 230 49.11 8.98 -27.30
C ASN J 230 49.50 8.76 -28.77
N PHE J 231 50.79 8.70 -29.08
CA PHE J 231 51.22 8.62 -30.47
C PHE J 231 52.47 7.77 -30.57
N TYR J 232 52.72 7.26 -31.77
CA TYR J 232 53.83 6.35 -32.06
C TYR J 232 54.67 6.92 -33.19
N LEU J 233 56.00 6.93 -32.98
CA LEU J 233 56.94 7.36 -34.03
C LEU J 233 58.25 6.61 -33.82
N ASP J 234 58.42 5.50 -34.56
CA ASP J 234 59.68 4.74 -34.74
C ASP J 234 60.24 4.17 -33.45
N GLY J 235 59.36 3.59 -32.62
CA GLY J 235 59.76 3.05 -31.34
C GLY J 235 59.74 4.04 -30.20
N ARG J 236 59.41 5.30 -30.46
CA ARG J 236 59.36 6.34 -29.44
C ARG J 236 57.90 6.78 -29.27
N CYS J 237 57.36 6.52 -28.08
CA CYS J 237 56.02 6.99 -27.74
C CYS J 237 56.08 8.48 -27.44
N VAL J 238 55.32 9.27 -28.18
CA VAL J 238 55.39 10.73 -28.08
C VAL J 238 54.01 11.26 -27.74
N GLU J 239 54.00 12.44 -27.11
CA GLU J 239 52.75 13.13 -26.79
C GLU J 239 52.14 13.79 -28.01
N THR J 240 52.98 14.26 -28.94
CA THR J 240 52.51 14.87 -30.17
C THR J 240 53.49 14.55 -31.28
N CYS J 241 53.01 14.71 -32.52
CA CYS J 241 53.86 14.48 -33.68
C CYS J 241 54.67 15.74 -33.98
N PRO J 242 55.99 15.68 -34.03
CA PRO J 242 56.78 16.82 -34.48
C PRO J 242 56.67 16.99 -35.98
N PRO J 243 56.92 18.20 -36.52
CA PRO J 243 56.92 18.37 -37.98
C PRO J 243 58.15 17.73 -38.60
N PRO J 244 58.04 17.17 -39.82
CA PRO J 244 56.90 17.14 -40.75
C PRO J 244 55.95 15.95 -40.58
N TYR J 245 56.06 15.20 -39.48
CA TYR J 245 55.17 14.07 -39.25
C TYR J 245 53.80 14.55 -38.79
N TYR J 246 52.76 13.94 -39.34
CA TYR J 246 51.38 14.32 -39.06
C TYR J 246 50.70 13.26 -38.22
N HIS J 247 49.66 13.69 -37.49
CA HIS J 247 48.87 12.76 -36.68
C HIS J 247 47.97 11.91 -37.58
N PHE J 248 47.80 10.65 -37.20
CA PHE J 248 46.96 9.73 -37.97
C PHE J 248 46.24 8.79 -37.01
N GLN J 249 44.89 8.90 -37.00
CA GLN J 249 43.93 8.05 -36.27
C GLN J 249 44.10 8.08 -34.75
N ASP J 250 44.68 9.17 -34.22
CA ASP J 250 44.94 9.46 -32.80
C ASP J 250 45.79 8.39 -32.09
N TRP J 251 46.65 7.69 -32.83
CA TRP J 251 47.52 6.69 -32.21
C TRP J 251 48.93 6.64 -32.76
N ARG J 252 49.24 7.25 -33.90
CA ARG J 252 50.55 7.13 -34.51
C ARG J 252 50.88 8.38 -35.32
N CYS J 253 52.15 8.51 -35.66
CA CYS J 253 52.63 9.62 -36.48
C CYS J 253 53.02 9.09 -37.86
N VAL J 254 52.37 9.61 -38.90
CA VAL J 254 52.76 9.31 -40.27
C VAL J 254 53.25 10.59 -40.92
N ASN J 255 53.91 10.44 -42.06
CA ASN J 255 54.41 11.56 -42.83
C ASN J 255 53.44 11.96 -43.95
N PHE J 256 53.89 12.88 -44.80
CA PHE J 256 53.03 13.45 -45.85
C PHE J 256 52.78 12.46 -46.99
N SER J 257 53.74 11.57 -47.23
CA SER J 257 53.63 10.64 -48.36
C SER J 257 52.63 9.52 -48.09
N PHE J 258 52.40 9.17 -46.82
CA PHE J 258 51.42 8.13 -46.50
C PHE J 258 49.99 8.62 -46.68
N CYS J 259 49.69 9.83 -46.20
CA CYS J 259 48.38 10.44 -46.41
C CYS J 259 48.17 10.86 -47.87
N GLN J 260 49.26 11.21 -48.56
CA GLN J 260 49.19 11.50 -49.99
C GLN J 260 48.97 10.24 -50.83
N ASP J 261 49.56 9.12 -50.41
CA ASP J 261 49.36 7.86 -51.11
C ASP J 261 47.96 7.29 -50.83
N LEU J 262 47.43 7.52 -49.64
CA LEU J 262 46.05 7.15 -49.38
C LEU J 262 45.05 8.09 -50.03
N HIS J 263 45.45 9.33 -50.33
CA HIS J 263 44.67 10.18 -51.22
C HIS J 263 44.69 9.66 -52.65
N HIS J 264 45.86 9.21 -53.12
CA HIS J 264 46.01 8.71 -54.48
C HIS J 264 45.38 7.34 -54.67
N LYS J 265 45.21 6.56 -53.60
CA LYS J 265 44.55 5.26 -53.67
C LYS J 265 43.03 5.35 -53.54
N CYS J 266 42.50 6.56 -53.38
CA CYS J 266 41.06 6.81 -53.47
C CYS J 266 40.70 7.70 -54.65
N LYS J 267 41.61 8.58 -55.09
CA LYS J 267 41.34 9.42 -56.25
C LYS J 267 41.41 8.63 -57.55
N ASN J 268 42.34 7.67 -57.63
CA ASN J 268 42.49 6.81 -58.79
C ASN J 268 41.78 5.48 -58.61
N SER J 269 40.76 5.43 -57.77
CA SER J 269 40.01 4.19 -57.50
C SER J 269 38.57 4.57 -57.18
N ARG J 270 37.84 3.65 -56.58
CA ARG J 270 36.44 3.87 -56.23
C ARG J 270 36.33 4.77 -55.00
N CYS J 274 35.12 5.28 -49.28
CA CYS J 274 36.48 5.21 -49.80
C CYS J 274 37.43 6.05 -48.95
N HIS J 275 36.90 7.18 -48.45
CA HIS J 275 37.54 8.12 -47.51
C HIS J 275 38.84 8.70 -48.08
N GLN J 276 38.66 9.56 -49.07
CA GLN J 276 39.74 10.36 -49.67
C GLN J 276 40.31 11.32 -48.64
N TYR J 277 41.52 11.03 -48.16
CA TYR J 277 42.06 11.71 -47.00
C TYR J 277 42.57 13.12 -47.32
N VAL J 278 42.37 14.02 -46.36
CA VAL J 278 42.88 15.39 -46.40
C VAL J 278 43.78 15.58 -45.19
N ILE J 279 44.37 16.77 -45.08
CA ILE J 279 45.14 17.15 -43.90
C ILE J 279 44.66 18.50 -43.37
N HIS J 280 44.54 18.59 -42.05
CA HIS J 280 44.24 19.83 -41.35
C HIS J 280 44.77 19.72 -39.93
N ASN J 281 45.43 20.81 -39.48
CA ASN J 281 46.04 20.98 -38.14
C ASN J 281 47.07 19.89 -37.83
N ASN J 282 47.85 19.54 -38.86
CA ASN J 282 48.85 18.44 -38.90
C ASN J 282 48.25 17.09 -38.53
N LYS J 283 47.01 16.84 -38.98
CA LYS J 283 46.32 15.59 -38.74
C LYS J 283 45.76 15.09 -40.06
N CYS J 284 46.00 13.83 -40.39
CA CYS J 284 45.44 13.23 -41.61
C CYS J 284 44.00 12.83 -41.31
N ILE J 285 43.05 13.62 -41.82
CA ILE J 285 41.64 13.57 -41.45
C ILE J 285 40.89 13.06 -42.68
N PRO J 286 39.80 12.28 -42.52
CA PRO J 286 39.01 11.85 -43.70
C PRO J 286 38.34 12.96 -44.51
N GLU J 287 37.74 13.96 -43.88
CA GLU J 287 37.07 15.01 -44.63
C GLU J 287 37.30 16.36 -43.96
N CYS J 288 37.32 17.41 -44.78
CA CYS J 288 37.44 18.77 -44.27
C CYS J 288 36.12 19.19 -43.61
N PRO J 289 36.18 19.85 -42.44
CA PRO J 289 34.93 20.34 -41.81
C PRO J 289 34.40 21.63 -42.42
N SER J 290 33.41 22.23 -41.73
CA SER J 290 32.69 23.39 -42.24
C SER J 290 33.55 24.64 -42.27
N GLY J 291 33.41 25.42 -43.34
CA GLY J 291 34.25 26.56 -43.60
C GLY J 291 35.50 26.27 -44.39
N TYR J 292 35.78 25.02 -44.71
CA TYR J 292 36.99 24.62 -45.42
C TYR J 292 36.64 23.96 -46.76
N THR J 293 37.65 23.75 -47.58
CA THR J 293 37.45 23.21 -48.93
C THR J 293 38.66 22.37 -49.32
N MET J 294 38.69 21.96 -50.59
CA MET J 294 39.69 21.04 -51.13
C MET J 294 40.34 21.74 -52.32
N ASN J 295 41.68 21.79 -52.33
CA ASN J 295 42.44 22.37 -53.41
C ASN J 295 42.70 21.33 -54.51
N SER J 296 43.64 21.64 -55.40
CA SER J 296 44.15 20.69 -56.38
C SER J 296 45.61 20.34 -56.16
N SER J 297 46.43 21.32 -55.77
CA SER J 297 47.86 21.08 -55.59
C SER J 297 48.15 20.45 -54.23
N ASN J 298 47.85 21.17 -53.16
CA ASN J 298 48.07 20.68 -51.81
C ASN J 298 46.79 20.09 -51.22
N LEU J 299 46.96 19.31 -50.16
CA LEU J 299 45.86 18.57 -49.55
C LEU J 299 45.28 19.27 -48.33
N LEU J 300 45.66 20.52 -48.09
CA LEU J 300 45.28 21.22 -46.87
C LEU J 300 43.85 21.73 -46.94
N CYS J 301 43.22 21.82 -45.76
CA CYS J 301 41.88 22.39 -45.63
C CYS J 301 42.02 23.92 -45.52
N THR J 302 42.18 24.56 -46.68
CA THR J 302 42.20 26.01 -46.76
C THR J 302 40.79 26.58 -46.49
N PRO J 303 40.68 27.77 -45.89
CA PRO J 303 39.35 28.32 -45.55
C PRO J 303 38.53 28.74 -46.75
N CYS J 304 37.36 28.13 -46.87
CA CYS J 304 36.42 28.39 -47.96
C CYS J 304 35.64 29.67 -47.67
N LEU J 305 35.58 30.55 -48.65
CA LEU J 305 34.94 31.86 -48.46
C LEU J 305 33.42 31.74 -48.53
N GLY J 306 32.74 32.56 -47.76
CA GLY J 306 31.29 32.57 -47.72
C GLY J 306 30.74 31.49 -46.80
N PRO J 307 29.41 31.30 -46.81
CA PRO J 307 28.82 30.18 -46.05
C PRO J 307 29.10 28.84 -46.73
N CYS J 308 30.02 28.07 -46.15
CA CYS J 308 30.58 26.88 -46.80
C CYS J 308 30.53 25.71 -45.82
N PRO J 309 29.35 25.13 -45.57
CA PRO J 309 29.22 24.16 -44.47
C PRO J 309 29.52 22.73 -44.87
N LYS J 310 29.39 21.82 -43.91
CA LYS J 310 29.45 20.38 -44.17
C LYS J 310 28.03 19.85 -44.21
N VAL J 311 27.63 19.29 -45.34
CA VAL J 311 26.27 18.82 -45.57
C VAL J 311 26.31 17.30 -45.69
N CYS J 312 25.61 16.62 -44.79
CA CYS J 312 25.57 15.17 -44.76
C CYS J 312 24.22 14.68 -45.24
N HIS J 313 24.23 13.74 -46.19
CA HIS J 313 23.01 13.15 -46.72
C HIS J 313 22.68 11.87 -45.97
N LEU J 314 21.41 11.71 -45.63
CA LEU J 314 20.93 10.51 -44.98
C LEU J 314 20.42 9.52 -46.03
N LEU J 315 20.55 8.23 -45.71
CA LEU J 315 20.05 7.19 -46.60
C LEU J 315 18.54 7.08 -46.46
N GLU J 316 17.84 7.23 -47.60
CA GLU J 316 16.39 7.34 -47.84
C GLU J 316 15.60 8.17 -46.83
N GLY J 317 16.17 9.31 -46.40
CA GLY J 317 15.47 10.28 -45.60
C GLY J 317 15.56 10.07 -44.09
N GLU J 318 15.48 8.83 -43.62
CA GLU J 318 15.39 8.55 -42.20
C GLU J 318 16.65 7.87 -41.71
N LYS J 319 17.18 8.35 -40.58
CA LYS J 319 18.28 7.70 -39.87
C LYS J 319 17.85 7.49 -38.44
N THR J 320 17.90 6.23 -37.99
CA THR J 320 17.47 5.87 -36.65
C THR J 320 18.67 5.90 -35.72
N ILE J 321 18.73 6.90 -34.84
CA ILE J 321 19.80 6.96 -33.86
C ILE J 321 19.46 6.01 -32.72
N ASP J 322 20.32 5.02 -32.50
CA ASP J 322 20.11 4.03 -31.45
C ASP J 322 21.23 3.94 -30.44
N SER J 323 22.47 4.21 -30.85
CA SER J 323 23.62 4.18 -29.94
C SER J 323 24.72 5.09 -30.47
N VAL J 324 25.90 4.95 -29.87
CA VAL J 324 27.07 5.76 -30.17
C VAL J 324 27.65 5.41 -31.54
N THR J 325 27.52 4.15 -31.97
CA THR J 325 28.01 3.76 -33.30
C THR J 325 27.12 4.25 -34.44
N SER J 326 25.89 4.68 -34.16
CA SER J 326 25.09 5.41 -35.13
C SER J 326 25.20 6.91 -34.94
N ALA J 327 25.53 7.35 -33.72
CA ALA J 327 25.71 8.78 -33.48
C ALA J 327 27.03 9.30 -34.04
N GLN J 328 28.05 8.44 -34.14
CA GLN J 328 29.36 8.84 -34.60
C GLN J 328 29.44 8.97 -36.12
N GLU J 329 28.46 8.43 -36.85
CA GLU J 329 28.38 8.60 -38.30
C GLU J 329 28.00 10.03 -38.70
N LEU J 330 27.28 10.74 -37.83
CA LEU J 330 26.91 12.13 -38.07
C LEU J 330 27.85 13.12 -37.40
N ARG J 331 29.12 12.75 -37.24
CA ARG J 331 30.09 13.62 -36.61
C ARG J 331 30.56 14.70 -37.57
N GLY J 332 30.51 15.96 -37.12
CA GLY J 332 30.96 17.07 -37.93
C GLY J 332 29.95 17.60 -38.92
N CYS J 333 28.73 17.08 -38.93
CA CYS J 333 27.71 17.55 -39.85
C CYS J 333 27.12 18.88 -39.37
N THR J 334 26.59 19.65 -40.31
CA THR J 334 25.87 20.89 -40.01
C THR J 334 24.47 20.94 -40.60
N VAL J 335 24.30 20.44 -41.83
CA VAL J 335 23.01 20.43 -42.51
C VAL J 335 22.62 18.97 -42.72
N ILE J 336 21.47 18.58 -42.21
CA ILE J 336 21.00 17.20 -42.26
C ILE J 336 19.95 17.08 -43.36
N ASN J 337 20.24 16.26 -44.37
CA ASN J 337 19.28 15.95 -45.42
C ASN J 337 18.30 14.88 -44.97
N GLY J 338 17.22 15.28 -44.31
CA GLY J 338 16.18 14.35 -43.91
C GLY J 338 15.85 14.46 -42.44
N SER J 339 15.37 13.36 -41.88
CA SER J 339 14.79 13.33 -40.55
C SER J 339 15.58 12.39 -39.64
N LEU J 340 15.69 12.78 -38.37
CA LEU J 340 16.35 11.98 -37.35
C LEU J 340 15.31 11.36 -36.44
N ILE J 341 15.36 10.03 -36.30
CA ILE J 341 14.49 9.32 -35.39
C ILE J 341 15.33 8.84 -34.22
N ILE J 342 15.38 9.64 -33.16
CA ILE J 342 16.21 9.29 -32.00
C ILE J 342 15.41 8.30 -31.15
N ASN J 343 15.91 7.07 -31.06
CA ASN J 343 15.28 6.03 -30.25
C ASN J 343 16.42 5.32 -29.52
N ILE J 344 16.77 5.81 -28.35
CA ILE J 344 17.76 5.14 -27.52
C ILE J 344 17.02 4.39 -26.41
N ARG J 345 16.99 3.08 -26.55
CA ARG J 345 16.50 2.19 -25.50
C ARG J 345 17.69 1.89 -24.59
N GLY J 346 17.62 2.37 -23.35
CA GLY J 346 18.81 2.32 -22.51
C GLY J 346 18.61 1.96 -21.06
N GLY J 347 19.10 2.81 -20.18
CA GLY J 347 19.19 2.52 -18.77
C GLY J 347 20.46 3.11 -18.21
N ASN J 348 21.30 3.62 -19.11
CA ASN J 348 22.55 4.29 -18.75
C ASN J 348 22.57 5.67 -19.39
N ASN J 349 23.28 6.60 -18.73
CA ASN J 349 23.27 7.99 -19.16
C ASN J 349 24.22 8.14 -20.35
N LEU J 350 23.64 8.31 -21.54
CA LEU J 350 24.40 8.49 -22.77
C LEU J 350 24.39 9.93 -23.26
N ALA J 351 24.13 10.89 -22.39
CA ALA J 351 23.99 12.28 -22.82
C ALA J 351 25.34 12.94 -23.09
N ALA J 352 26.40 12.48 -22.43
CA ALA J 352 27.72 13.08 -22.62
C ALA J 352 28.36 12.67 -23.94
N GLU J 353 28.20 11.39 -24.31
CA GLU J 353 28.74 10.91 -25.58
C GLU J 353 27.93 11.39 -26.76
N LEU J 354 26.62 11.58 -26.58
CA LEU J 354 25.78 12.19 -27.61
C LEU J 354 26.01 13.69 -27.69
N GLU J 355 26.42 14.31 -26.58
CA GLU J 355 26.86 15.70 -26.59
C GLU J 355 28.17 15.87 -27.35
N ALA J 356 29.10 14.93 -27.17
CA ALA J 356 30.38 15.00 -27.85
C ALA J 356 30.30 14.61 -29.33
N ASN J 357 29.27 13.87 -29.72
CA ASN J 357 29.15 13.45 -31.12
C ASN J 357 28.24 14.39 -31.92
N LEU J 358 27.03 14.63 -31.42
CA LEU J 358 26.09 15.52 -32.08
C LEU J 358 26.26 16.94 -31.54
N GLY J 359 25.32 17.83 -31.84
CA GLY J 359 25.37 19.19 -31.34
C GLY J 359 26.09 20.16 -32.24
N LEU J 360 26.83 19.69 -33.22
CA LEU J 360 27.45 20.55 -34.23
C LEU J 360 26.52 20.80 -35.42
N ILE J 361 25.35 20.17 -35.43
CA ILE J 361 24.40 20.37 -36.52
C ILE J 361 23.65 21.67 -36.30
N GLU J 362 23.32 22.34 -37.41
CA GLU J 362 22.58 23.59 -37.38
C GLU J 362 21.14 23.43 -37.84
N GLU J 363 20.94 22.81 -39.01
CA GLU J 363 19.64 22.78 -39.66
C GLU J 363 19.24 21.34 -39.95
N ILE J 364 17.99 21.02 -39.67
CA ILE J 364 17.40 19.72 -40.02
C ILE J 364 16.32 19.99 -41.06
N SER J 365 16.44 19.35 -42.23
CA SER J 365 15.49 19.56 -43.30
C SER J 365 14.16 18.87 -43.03
N GLY J 366 14.20 17.68 -42.43
CA GLY J 366 12.99 16.96 -42.11
C GLY J 366 12.44 17.31 -40.74
N TYR J 367 12.13 16.29 -39.95
CA TYR J 367 11.51 16.46 -38.65
C TYR J 367 12.36 15.78 -37.58
N LEU J 368 12.33 16.34 -36.38
CA LEU J 368 12.97 15.71 -35.23
C LEU J 368 11.93 14.91 -34.47
N LYS J 369 12.19 13.61 -34.31
CA LYS J 369 11.26 12.72 -33.63
C LYS J 369 11.99 12.02 -32.49
N ILE J 370 11.48 12.21 -31.28
CA ILE J 370 11.90 11.45 -30.10
C ILE J 370 10.78 10.47 -29.74
N ARG J 371 11.16 9.21 -29.52
CA ARG J 371 10.19 8.15 -29.29
C ARG J 371 10.80 7.11 -28.37
N ARG J 372 10.10 6.83 -27.26
CA ARG J 372 10.30 5.71 -26.34
C ARG J 372 11.66 5.69 -25.65
N SER J 373 12.30 6.85 -25.49
CA SER J 373 13.63 6.89 -24.89
C SER J 373 13.49 6.98 -23.38
N TYR J 374 14.13 6.05 -22.66
CA TYR J 374 13.98 5.98 -21.22
C TYR J 374 15.05 6.79 -20.51
N ALA J 375 16.28 6.76 -21.01
CA ALA J 375 17.44 7.20 -20.26
C ALA J 375 17.82 8.66 -20.51
N LEU J 376 17.13 9.37 -21.39
CA LEU J 376 17.37 10.80 -21.53
C LEU J 376 16.76 11.58 -20.38
N VAL J 377 17.46 12.64 -19.99
CA VAL J 377 16.94 13.58 -19.02
C VAL J 377 16.73 14.97 -19.62
N SER J 378 17.35 15.28 -20.77
CA SER J 378 17.21 16.56 -21.42
C SER J 378 17.45 16.40 -22.91
N LEU J 379 16.99 17.37 -23.68
CA LEU J 379 17.26 17.43 -25.11
C LEU J 379 18.20 18.58 -25.46
N SER J 380 19.10 18.92 -24.53
CA SER J 380 20.03 20.02 -24.70
C SER J 380 21.38 19.57 -25.27
N PHE J 381 21.48 18.34 -25.77
CA PHE J 381 22.71 17.94 -26.45
C PHE J 381 22.84 18.56 -27.83
N PHE J 382 21.72 18.94 -28.45
CA PHE J 382 21.77 19.80 -29.63
C PHE J 382 22.11 21.22 -29.20
N ARG J 383 23.40 21.54 -29.15
CA ARG J 383 23.83 22.86 -28.70
C ARG J 383 23.65 23.94 -29.76
N LYS J 384 23.51 23.56 -31.03
CA LYS J 384 23.48 24.52 -32.13
C LYS J 384 22.24 24.35 -33.01
N LEU J 385 21.16 23.79 -32.48
CA LEU J 385 19.96 23.56 -33.28
C LEU J 385 19.17 24.86 -33.41
N ARG J 386 19.00 25.33 -34.64
CA ARG J 386 18.31 26.59 -34.89
C ARG J 386 17.06 26.43 -35.72
N LEU J 387 17.16 25.76 -36.87
CA LEU J 387 16.09 25.75 -37.87
C LEU J 387 15.65 24.31 -38.12
N ILE J 388 14.39 24.02 -37.84
CA ILE J 388 13.76 22.77 -38.28
C ILE J 388 12.87 23.14 -39.47
N ARG J 389 13.23 22.64 -40.65
CA ARG J 389 12.56 23.06 -41.89
C ARG J 389 11.23 22.35 -42.06
N GLY J 390 11.22 21.03 -41.94
CA GLY J 390 10.00 20.26 -42.14
C GLY J 390 9.56 20.16 -43.58
N GLU J 391 10.50 20.00 -44.52
CA GLU J 391 10.15 19.79 -45.92
C GLU J 391 9.57 18.40 -46.13
N THR J 392 10.19 17.39 -45.53
CA THR J 392 9.57 16.08 -45.38
C THR J 392 8.96 16.00 -43.99
N LEU J 393 7.68 15.66 -43.93
CA LEU J 393 6.94 15.70 -42.68
C LEU J 393 6.48 14.31 -42.26
N GLU J 394 6.30 14.16 -40.96
CA GLU J 394 5.60 13.01 -40.39
C GLU J 394 4.11 13.09 -40.79
N ILE J 395 3.52 11.93 -41.03
CA ILE J 395 2.13 11.86 -41.49
C ILE J 395 1.20 12.20 -40.33
N GLY J 396 0.27 13.12 -40.59
CA GLY J 396 -0.37 13.91 -39.57
C GLY J 396 0.13 15.34 -39.50
N ASN J 397 1.06 15.70 -40.42
CA ASN J 397 1.64 17.05 -40.60
C ASN J 397 2.36 17.57 -39.36
N TYR J 398 3.21 16.73 -38.78
CA TYR J 398 3.96 17.06 -37.58
C TYR J 398 5.44 17.23 -37.93
N SER J 399 6.04 18.32 -37.49
CA SER J 399 7.48 18.52 -37.59
C SER J 399 8.19 18.17 -36.30
N PHE J 400 7.46 17.74 -35.28
CA PHE J 400 8.04 17.39 -33.99
C PHE J 400 7.15 16.33 -33.36
N TYR J 401 7.77 15.27 -32.87
CA TYR J 401 7.03 14.11 -32.36
C TYR J 401 7.71 13.66 -31.08
N ALA J 402 6.94 13.61 -29.99
CA ALA J 402 7.47 13.27 -28.68
C ALA J 402 6.50 12.30 -28.00
N LEU J 403 6.82 11.01 -28.06
CA LEU J 403 5.96 9.97 -27.53
C LEU J 403 6.75 9.09 -26.56
N ASP J 404 6.18 8.89 -25.36
CA ASP J 404 6.60 7.90 -24.34
C ASP J 404 8.01 8.13 -23.81
N ASN J 405 8.46 9.38 -23.77
CA ASN J 405 9.75 9.71 -23.16
C ASN J 405 9.58 9.72 -21.65
N GLN J 406 10.25 8.80 -20.97
CA GLN J 406 9.90 8.51 -19.57
C GLN J 406 10.53 9.51 -18.61
N ASN J 407 11.81 9.83 -18.78
CA ASN J 407 12.53 10.68 -17.84
C ASN J 407 12.90 12.02 -18.44
N LEU J 408 12.20 12.46 -19.49
CA LEU J 408 12.48 13.74 -20.12
C LEU J 408 11.82 14.86 -19.33
N ARG J 409 12.64 15.73 -18.72
CA ARG J 409 12.13 16.82 -17.91
C ARG J 409 12.17 18.15 -18.64
N GLN J 410 13.31 18.53 -19.20
CA GLN J 410 13.47 19.81 -19.88
C GLN J 410 13.75 19.59 -21.36
N LEU J 411 13.13 20.42 -22.20
CA LEU J 411 13.52 20.49 -23.61
C LEU J 411 14.85 21.22 -23.74
N TRP J 412 14.86 22.50 -23.37
CA TRP J 412 16.04 23.34 -23.41
C TRP J 412 15.95 24.34 -22.27
N ASP J 413 17.02 25.09 -22.07
CA ASP J 413 17.03 26.19 -21.11
C ASP J 413 16.81 27.48 -21.90
N TRP J 414 15.68 28.14 -21.67
CA TRP J 414 15.25 29.27 -22.49
C TRP J 414 15.81 30.61 -22.00
N SER J 415 16.72 30.59 -21.03
CA SER J 415 17.52 31.78 -20.75
C SER J 415 18.49 32.07 -21.89
N LYS J 416 19.01 31.04 -22.54
CA LYS J 416 19.93 31.21 -23.66
C LYS J 416 19.47 30.59 -24.96
N HIS J 417 18.81 29.42 -24.92
CA HIS J 417 18.59 28.65 -26.13
C HIS J 417 17.31 29.07 -26.83
N ASN J 418 17.31 28.92 -28.16
CA ASN J 418 16.24 29.37 -29.02
C ASN J 418 16.19 28.51 -30.29
N LEU J 419 14.97 28.35 -30.81
CA LEU J 419 14.70 27.43 -31.89
C LEU J 419 13.65 28.05 -32.80
N THR J 420 13.87 27.93 -34.11
CA THR J 420 12.95 28.49 -35.11
C THR J 420 12.35 27.33 -35.90
N ILE J 421 11.10 27.00 -35.61
CA ILE J 421 10.38 25.96 -36.33
C ILE J 421 9.57 26.63 -37.45
N THR J 422 9.85 26.26 -38.69
CA THR J 422 9.24 26.95 -39.83
C THR J 422 7.83 26.43 -40.09
N GLN J 423 7.70 25.15 -40.42
CA GLN J 423 6.41 24.54 -40.76
C GLN J 423 6.13 23.38 -39.81
N GLY J 424 4.98 22.75 -40.01
CA GLY J 424 4.62 21.57 -39.24
C GLY J 424 3.98 21.91 -37.90
N LYS J 425 3.36 20.90 -37.31
CA LYS J 425 2.65 21.03 -36.05
C LYS J 425 3.47 20.40 -34.92
N LEU J 426 2.87 20.34 -33.74
CA LEU J 426 3.52 19.83 -32.54
C LEU J 426 2.78 18.60 -32.02
N PHE J 427 3.49 17.79 -31.25
CA PHE J 427 2.92 16.55 -30.74
C PHE J 427 3.60 16.19 -29.42
N PHE J 428 2.79 15.85 -28.41
CA PHE J 428 3.29 15.49 -27.10
C PHE J 428 2.35 14.47 -26.46
N HIS J 429 2.89 13.32 -26.09
CA HIS J 429 2.12 12.27 -25.43
C HIS J 429 3.02 11.45 -24.53
N TYR J 430 2.50 11.17 -23.32
CA TYR J 430 3.07 10.24 -22.31
C TYR J 430 4.44 10.66 -21.83
N ASN J 431 4.58 11.92 -21.45
CA ASN J 431 5.84 12.43 -20.92
C ASN J 431 5.61 12.82 -19.47
N PRO J 432 5.84 11.91 -18.51
CA PRO J 432 5.32 12.11 -17.16
C PRO J 432 6.13 13.07 -16.29
N LYS J 433 7.33 13.45 -16.70
CA LYS J 433 8.09 14.47 -15.98
C LYS J 433 8.19 15.77 -16.76
N LEU J 434 7.33 15.97 -17.75
CA LEU J 434 7.34 17.14 -18.61
C LEU J 434 6.03 17.90 -18.43
N CYS J 435 6.12 19.23 -18.41
CA CYS J 435 5.02 20.07 -18.00
C CYS J 435 4.53 20.96 -19.15
N LEU J 436 3.25 21.34 -19.05
CA LEU J 436 2.59 22.10 -20.10
C LEU J 436 3.05 23.56 -20.13
N SER J 437 3.59 24.06 -19.00
CA SER J 437 4.24 25.37 -18.99
C SER J 437 5.51 25.36 -19.82
N GLU J 438 6.28 24.27 -19.78
CA GLU J 438 7.48 24.15 -20.62
C GLU J 438 7.13 23.93 -22.08
N ILE J 439 6.03 23.19 -22.36
CA ILE J 439 5.54 22.99 -23.73
C ILE J 439 5.03 24.31 -24.33
N HIS J 440 4.29 25.09 -23.53
CA HIS J 440 3.81 26.40 -23.97
C HIS J 440 4.94 27.44 -24.03
N LYS J 441 6.01 27.25 -23.25
CA LYS J 441 7.17 28.13 -23.35
C LYS J 441 7.97 27.87 -24.62
N MET J 442 8.04 26.59 -25.05
CA MET J 442 8.66 26.27 -26.34
C MET J 442 7.77 26.75 -27.50
N GLU J 443 6.44 26.73 -27.27
CA GLU J 443 5.48 27.28 -28.24
C GLU J 443 5.60 28.81 -28.38
N GLU J 444 5.88 29.50 -27.27
CA GLU J 444 6.07 30.95 -27.34
C GLU J 444 7.44 31.34 -27.90
N VAL J 445 8.49 30.55 -27.62
CA VAL J 445 9.81 30.84 -28.17
C VAL J 445 9.87 30.53 -29.66
N SER J 446 9.33 29.39 -30.07
CA SER J 446 9.40 28.93 -31.46
C SER J 446 8.44 29.68 -32.38
N GLY J 447 7.45 30.37 -31.84
CA GLY J 447 6.52 31.12 -32.68
C GLY J 447 5.44 30.30 -33.34
N THR J 448 5.28 29.04 -32.94
CA THR J 448 4.24 28.17 -33.49
C THR J 448 3.00 28.17 -32.60
N LYS J 449 2.43 29.36 -32.39
CA LYS J 449 1.34 29.51 -31.44
C LYS J 449 0.01 29.06 -32.04
N GLY J 450 -0.45 29.74 -33.09
CA GLY J 450 -1.69 29.37 -33.74
C GLY J 450 -1.47 28.47 -34.94
N ARG J 451 -0.80 27.33 -34.74
CA ARG J 451 -0.47 26.47 -35.87
C ARG J 451 -1.03 25.06 -35.71
N GLN J 452 -0.98 24.50 -34.49
CA GLN J 452 -1.49 23.16 -34.31
C GLN J 452 -2.98 23.18 -33.99
N GLU J 453 -3.61 22.04 -34.18
CA GLU J 453 -5.01 21.85 -33.82
C GLU J 453 -5.13 21.52 -32.33
N ARG J 454 -6.37 21.41 -31.86
CA ARG J 454 -6.60 20.98 -30.50
C ARG J 454 -6.38 19.48 -30.37
N ASN J 455 -6.01 19.07 -29.14
CA ASN J 455 -5.59 17.71 -28.74
C ASN J 455 -4.42 17.17 -29.56
N ASP J 456 -3.50 18.05 -29.95
CA ASP J 456 -2.20 17.65 -30.47
C ASP J 456 -1.20 17.51 -29.35
N ILE J 457 -1.40 18.26 -28.26
CA ILE J 457 -0.66 18.12 -27.03
C ILE J 457 -1.58 17.47 -26.02
N ALA J 458 -1.10 16.43 -25.34
CA ALA J 458 -1.90 15.77 -24.32
C ALA J 458 -1.99 16.63 -23.06
N LEU J 459 -3.09 16.47 -22.34
CA LEU J 459 -3.39 17.30 -21.18
C LEU J 459 -3.26 16.57 -19.86
N LYS J 460 -3.53 15.26 -19.83
CA LYS J 460 -3.54 14.53 -18.57
C LYS J 460 -2.33 13.62 -18.38
N THR J 461 -1.63 13.23 -19.45
CA THR J 461 -0.45 12.40 -19.30
C THR J 461 0.75 13.19 -18.82
N ASN J 462 0.85 14.45 -19.21
CA ASN J 462 2.06 15.23 -18.99
C ASN J 462 2.09 15.80 -17.57
N GLY J 463 3.19 15.56 -16.87
CA GLY J 463 3.39 16.15 -15.55
C GLY J 463 2.60 15.53 -14.43
N ASP J 464 2.12 14.30 -14.57
CA ASP J 464 1.37 13.65 -13.50
C ASP J 464 2.26 13.15 -12.37
N GLN J 465 3.56 12.96 -12.62
CA GLN J 465 4.50 12.56 -11.58
C GLN J 465 5.42 13.68 -11.15
N ALA J 466 5.43 14.81 -11.85
CA ALA J 466 6.30 15.93 -11.53
C ALA J 466 5.47 17.07 -10.96
N SER J 467 5.93 17.63 -9.84
CA SER J 467 5.25 18.73 -9.17
C SER J 467 5.74 20.04 -9.79
N CYS J 468 5.00 20.51 -10.79
CA CYS J 468 5.31 21.75 -11.51
C CYS J 468 4.09 22.67 -11.51
N GLU J 469 3.54 22.90 -10.31
CA GLU J 469 2.33 23.70 -10.13
C GLU J 469 2.52 25.19 -10.39
N ASN J 470 3.78 25.68 -10.39
CA ASN J 470 4.26 27.04 -10.80
C ASN J 470 3.57 28.20 -10.06
N GLU J 471 3.11 27.96 -8.85
CA GLU J 471 2.64 29.01 -7.95
C GLU J 471 3.13 28.69 -6.55
N LEU J 472 3.32 29.73 -5.75
CA LEU J 472 3.91 29.60 -4.43
C LEU J 472 2.87 29.90 -3.35
N LEU J 473 2.82 29.04 -2.35
CA LEU J 473 1.94 29.22 -1.19
C LEU J 473 2.82 29.50 0.02
N LYS J 474 2.76 30.73 0.52
CA LYS J 474 3.60 31.13 1.65
C LYS J 474 2.95 30.70 2.96
N PHE J 475 3.73 30.04 3.81
CA PHE J 475 3.27 29.70 5.15
C PHE J 475 3.29 30.96 6.01
N SER J 476 2.15 31.28 6.62
CA SER J 476 1.98 32.60 7.21
C SER J 476 2.18 32.62 8.73
N TYR J 477 1.78 31.59 9.45
CA TYR J 477 1.65 31.70 10.89
C TYR J 477 1.88 30.31 11.50
N ILE J 478 3.08 30.09 12.04
CA ILE J 478 3.51 28.79 12.52
C ILE J 478 3.81 28.91 14.02
N ARG J 479 3.14 28.10 14.82
CA ARG J 479 3.45 27.99 16.25
C ARG J 479 3.57 26.52 16.64
N THR J 480 4.51 26.24 17.54
CA THR J 480 4.81 24.89 17.98
C THR J 480 4.33 24.69 19.42
N SER J 481 4.35 23.44 19.85
CA SER J 481 3.98 23.05 21.21
C SER J 481 4.78 21.80 21.56
N PHE J 482 4.27 21.04 22.53
CA PHE J 482 4.84 19.74 22.90
C PHE J 482 4.77 18.74 21.74
N ASP J 483 3.58 18.51 21.21
CA ASP J 483 3.45 17.60 20.07
C ASP J 483 2.39 18.07 19.07
N LYS J 484 2.10 19.36 19.02
CA LYS J 484 1.11 19.89 18.10
C LYS J 484 1.65 21.12 17.39
N ILE J 485 1.37 21.24 16.10
CA ILE J 485 1.81 22.35 15.27
C ILE J 485 0.58 23.05 14.72
N LEU J 486 0.50 24.37 14.92
CA LEU J 486 -0.46 25.19 14.20
C LEU J 486 0.15 25.65 12.88
N LEU J 487 -0.33 25.09 11.78
CA LEU J 487 0.09 25.49 10.44
C LEU J 487 -0.96 26.43 9.87
N ARG J 488 -0.49 27.45 9.13
CA ARG J 488 -1.35 28.40 8.45
C ARG J 488 -0.71 28.80 7.13
N TRP J 489 -1.54 29.32 6.22
CA TRP J 489 -1.04 29.87 4.96
C TRP J 489 -2.00 30.94 4.49
N GLU J 490 -1.56 31.70 3.47
CA GLU J 490 -2.44 32.64 2.80
C GLU J 490 -3.44 31.88 1.92
N PRO J 491 -4.68 32.37 1.81
CA PRO J 491 -5.66 31.68 0.96
C PRO J 491 -5.40 31.90 -0.53
N TYR J 492 -5.58 30.83 -1.29
CA TYR J 492 -5.45 30.85 -2.74
C TYR J 492 -6.79 30.51 -3.35
N TRP J 493 -7.17 31.22 -4.42
CA TRP J 493 -8.40 30.94 -5.14
C TRP J 493 -8.10 30.75 -6.62
N PRO J 494 -8.42 29.59 -7.19
CA PRO J 494 -8.66 29.52 -8.63
C PRO J 494 -9.90 30.33 -8.97
N PRO J 495 -9.96 30.92 -10.19
CA PRO J 495 -10.98 31.96 -10.48
C PRO J 495 -12.41 31.46 -10.62
N ASP J 496 -12.65 30.15 -10.71
CA ASP J 496 -13.92 29.56 -10.33
C ASP J 496 -13.67 28.87 -8.99
N PHE J 497 -14.26 29.41 -7.92
CA PHE J 497 -13.91 29.01 -6.56
C PHE J 497 -14.48 27.66 -6.17
N ARG J 498 -15.52 27.18 -6.87
CA ARG J 498 -16.06 25.86 -6.62
C ARG J 498 -15.20 24.74 -7.22
N ASP J 499 -14.28 25.08 -8.12
CA ASP J 499 -13.32 24.10 -8.61
C ASP J 499 -12.26 23.75 -7.57
N LEU J 500 -12.01 24.63 -6.60
CA LEU J 500 -11.14 24.30 -5.48
C LEU J 500 -11.86 23.33 -4.56
N LEU J 501 -11.28 22.14 -4.41
CA LEU J 501 -11.90 21.08 -3.63
C LEU J 501 -11.41 21.06 -2.19
N GLY J 502 -10.21 21.57 -1.93
CA GLY J 502 -9.59 21.61 -0.63
C GLY J 502 -8.09 21.71 -0.76
N PHE J 503 -7.39 21.29 0.28
CA PHE J 503 -5.94 21.31 0.30
C PHE J 503 -5.41 19.91 0.58
N MET J 504 -4.43 19.51 -0.22
CA MET J 504 -3.95 18.12 -0.28
C MET J 504 -2.64 18.09 0.51
N LEU J 505 -2.78 18.03 1.83
CA LEU J 505 -1.63 18.21 2.71
C LEU J 505 -0.86 16.90 2.82
N PHE J 506 0.47 17.01 2.83
CA PHE J 506 1.35 15.86 2.95
C PHE J 506 2.30 16.08 4.11
N TYR J 507 2.58 15.03 4.87
CA TYR J 507 3.48 15.13 6.00
C TYR J 507 4.39 13.91 6.07
N LYS J 508 5.62 14.14 6.53
CA LYS J 508 6.61 13.10 6.77
C LYS J 508 7.58 13.61 7.82
N GLU J 509 8.17 12.68 8.56
CA GLU J 509 9.24 13.05 9.47
C GLU J 509 10.53 13.28 8.69
N ALA J 510 11.39 14.12 9.24
CA ALA J 510 12.61 14.49 8.52
C ALA J 510 13.83 14.40 9.42
N PRO J 511 14.63 13.33 9.32
CA PRO J 511 15.90 13.30 10.07
C PRO J 511 16.98 14.16 9.45
N TYR J 512 16.85 14.51 8.17
CA TYR J 512 17.82 15.32 7.45
C TYR J 512 17.13 16.55 6.87
N GLN J 513 17.92 17.36 6.17
CA GLN J 513 17.40 18.57 5.54
C GLN J 513 17.14 18.40 4.05
N ASN J 514 17.84 17.47 3.39
CA ASN J 514 17.66 17.24 1.95
C ASN J 514 16.57 16.20 1.66
N VAL J 515 15.35 16.60 1.98
CA VAL J 515 14.16 15.78 1.78
C VAL J 515 13.69 15.96 0.35
N THR J 516 13.46 14.84 -0.34
CA THR J 516 13.06 14.87 -1.74
C THR J 516 11.61 15.30 -1.89
N GLU J 517 11.26 15.71 -3.12
CA GLU J 517 9.93 16.20 -3.45
C GLU J 517 9.02 15.06 -3.89
N PHE J 518 7.72 15.38 -3.98
CA PHE J 518 6.60 14.51 -4.38
C PHE J 518 6.48 13.21 -3.58
N SER J 528 5.41 5.36 1.90
CA SER J 528 5.64 6.50 2.79
C SER J 528 4.84 7.71 2.34
N TRP J 529 5.17 8.86 2.95
CA TRP J 529 4.58 10.19 2.72
C TRP J 529 3.07 10.18 2.97
N THR J 530 2.73 10.00 4.25
CA THR J 530 1.35 9.91 4.73
C THR J 530 0.64 11.27 4.62
N VAL J 531 -0.69 11.22 4.71
CA VAL J 531 -1.55 12.24 4.12
C VAL J 531 -2.76 12.50 5.04
N VAL J 532 -3.16 13.77 5.14
CA VAL J 532 -4.45 14.17 5.68
C VAL J 532 -5.04 15.19 4.69
N ASP J 533 -6.37 15.25 4.61
CA ASP J 533 -7.08 16.09 3.66
C ASP J 533 -7.81 17.21 4.38
N ILE J 534 -7.89 18.37 3.73
CA ILE J 534 -8.31 19.63 4.35
C ILE J 534 -9.58 20.10 3.65
N ASP J 535 -10.59 20.48 4.45
CA ASP J 535 -11.78 21.14 3.91
C ASP J 535 -11.44 22.55 3.42
N PRO J 536 -12.11 23.04 2.37
CA PRO J 536 -11.83 24.40 1.86
C PRO J 536 -12.38 25.48 2.77
N PRO J 537 -11.81 26.69 2.75
CA PRO J 537 -12.36 27.77 3.58
C PRO J 537 -13.61 28.38 3.00
N LEU J 538 -14.30 29.13 3.84
CA LEU J 538 -15.52 29.84 3.47
C LEU J 538 -15.18 31.32 3.35
N ARG J 539 -15.19 31.82 2.12
CA ARG J 539 -14.97 33.24 1.89
C ARG J 539 -16.22 34.02 2.22
N SER J 540 -16.03 35.25 2.71
CA SER J 540 -17.13 36.12 3.09
C SER J 540 -17.27 37.32 2.16
N ASN J 541 -16.77 37.19 0.92
CA ASN J 541 -16.65 38.15 -0.19
C ASN J 541 -16.21 39.57 0.19
N ASP J 542 -15.29 39.70 1.14
CA ASP J 542 -14.66 40.96 1.48
C ASP J 542 -13.17 40.73 1.72
N PRO J 543 -12.31 41.74 1.45
CA PRO J 543 -10.88 41.55 1.72
C PRO J 543 -10.44 41.93 3.13
N LYS J 544 -11.39 42.03 4.08
CA LYS J 544 -11.07 42.52 5.42
C LYS J 544 -10.40 41.44 6.27
N SER J 545 -10.96 40.22 6.28
CA SER J 545 -10.44 39.15 7.11
C SER J 545 -9.95 37.97 6.29
N GLN J 546 -10.80 37.48 5.36
CA GLN J 546 -10.57 36.50 4.29
C GLN J 546 -10.31 35.05 4.70
N ASN J 547 -10.19 34.77 6.01
CA ASN J 547 -10.19 33.44 6.65
C ASN J 547 -9.06 32.54 6.14
N HIS J 548 -7.82 32.91 6.56
CA HIS J 548 -6.57 32.16 6.38
C HIS J 548 -6.74 30.72 6.87
N PRO J 549 -6.76 29.73 5.92
CA PRO J 549 -7.36 28.42 6.19
C PRO J 549 -6.65 27.53 7.19
N GLY J 550 -5.41 27.12 6.90
CA GLY J 550 -4.58 26.41 7.84
C GLY J 550 -5.04 24.98 8.17
N TRP J 551 -4.27 24.37 9.08
CA TRP J 551 -4.58 23.06 9.65
C TRP J 551 -3.93 22.93 11.01
N LEU J 552 -4.69 22.46 11.99
CA LEU J 552 -4.16 22.11 13.31
C LEU J 552 -3.54 20.71 13.22
N MET J 553 -2.22 20.66 13.14
CA MET J 553 -1.53 19.39 13.01
C MET J 553 -1.32 18.77 14.39
N ARG J 554 -1.72 17.50 14.53
CA ARG J 554 -1.84 16.84 15.83
C ARG J 554 -1.19 15.46 15.79
N GLY J 555 -0.96 14.92 16.99
CA GLY J 555 -0.50 13.55 17.17
C GLY J 555 0.91 13.24 16.72
N LEU J 556 1.88 14.02 17.19
CA LEU J 556 3.26 13.92 16.69
C LEU J 556 4.15 13.21 17.71
N LYS J 557 5.44 13.18 17.37
CA LYS J 557 6.51 12.72 18.24
C LYS J 557 7.27 13.91 18.78
N PRO J 558 7.53 13.99 20.09
CA PRO J 558 8.28 15.12 20.64
C PRO J 558 9.76 15.05 20.31
N TRP J 559 10.32 16.24 20.05
CA TRP J 559 11.69 16.50 19.55
C TRP J 559 11.97 15.72 18.26
N THR J 560 11.19 16.04 17.23
CA THR J 560 11.34 15.43 15.92
C THR J 560 11.11 16.48 14.85
N GLN J 561 12.07 16.65 13.96
CA GLN J 561 11.92 17.52 12.81
C GLN J 561 11.06 16.82 11.76
N TYR J 562 10.06 17.52 11.25
CA TYR J 562 9.14 16.98 10.26
C TYR J 562 9.33 17.70 8.93
N ALA J 563 8.59 17.24 7.91
CA ALA J 563 8.63 17.82 6.58
C ALA J 563 7.19 18.12 6.15
N ILE J 564 6.86 19.41 6.03
CA ILE J 564 5.50 19.86 5.78
C ILE J 564 5.49 20.64 4.48
N PHE J 565 4.66 20.21 3.52
CA PHE J 565 4.31 21.05 2.38
C PHE J 565 2.87 20.76 1.99
N VAL J 566 2.23 21.78 1.41
CA VAL J 566 0.79 21.78 1.15
C VAL J 566 0.59 21.98 -0.35
N LYS J 567 -0.12 21.06 -1.00
CA LYS J 567 -0.44 21.12 -2.41
C LYS J 567 -1.95 21.35 -2.55
N THR J 568 -2.35 22.04 -3.61
CA THR J 568 -3.76 22.36 -3.83
C THR J 568 -4.42 21.30 -4.69
N LEU J 569 -5.56 20.79 -4.23
CA LEU J 569 -6.31 19.76 -4.94
C LEU J 569 -7.42 20.45 -5.74
N VAL J 570 -7.35 20.33 -7.07
CA VAL J 570 -8.21 21.10 -7.97
C VAL J 570 -9.02 20.17 -8.86
N THR J 571 -9.81 20.76 -9.76
CA THR J 571 -10.67 20.04 -10.69
C THR J 571 -10.24 20.40 -12.11
N PHE J 572 -10.10 19.39 -12.96
CA PHE J 572 -9.61 19.57 -14.32
C PHE J 572 -10.64 20.27 -15.22
N SER J 573 -10.14 21.16 -16.07
CA SER J 573 -10.92 21.75 -17.15
C SER J 573 -9.98 21.93 -18.34
N ASP J 574 -10.36 21.38 -19.51
CA ASP J 574 -9.45 21.32 -20.64
C ASP J 574 -9.38 22.62 -21.45
N GLU J 575 -10.28 23.58 -21.19
CA GLU J 575 -10.22 24.86 -21.89
C GLU J 575 -9.11 25.75 -21.34
N ARG J 576 -8.65 25.49 -20.12
CA ARG J 576 -7.50 26.10 -19.47
C ARG J 576 -6.53 24.96 -19.15
N ARG J 577 -5.55 25.24 -18.29
CA ARG J 577 -4.74 24.19 -17.69
C ARG J 577 -5.51 23.47 -16.56
N THR J 578 -4.84 22.48 -15.96
CA THR J 578 -5.43 21.61 -14.93
C THR J 578 -5.81 22.35 -13.65
N TYR J 579 -4.79 22.80 -12.90
CA TYR J 579 -4.52 24.07 -12.18
C TYR J 579 -3.26 23.83 -11.38
N GLY J 580 -2.75 24.86 -10.72
CA GLY J 580 -1.58 24.63 -9.89
C GLY J 580 -1.24 25.68 -8.85
N ALA J 581 -1.06 25.21 -7.61
CA ALA J 581 -0.47 25.97 -6.52
C ALA J 581 0.12 24.98 -5.53
N LYS J 582 1.31 25.28 -5.03
CA LYS J 582 1.98 24.40 -4.09
C LYS J 582 2.87 25.25 -3.18
N SER J 583 3.32 24.61 -2.10
CA SER J 583 4.19 25.26 -1.13
C SER J 583 5.53 24.54 -1.11
N ASP J 584 6.54 25.25 -0.62
CA ASP J 584 7.87 24.66 -0.46
C ASP J 584 7.87 23.71 0.74
N ILE J 585 8.80 22.75 0.70
CA ILE J 585 8.91 21.76 1.78
C ILE J 585 9.66 22.43 2.93
N ILE J 586 8.90 22.91 3.90
CA ILE J 586 9.46 23.56 5.06
C ILE J 586 9.52 22.55 6.21
N TYR J 587 10.29 22.88 7.24
CA TYR J 587 10.48 22.01 8.38
C TYR J 587 10.09 22.73 9.66
N VAL J 588 9.58 21.96 10.61
CA VAL J 588 9.13 22.50 11.89
C VAL J 588 9.73 21.63 12.99
N GLN J 589 10.02 22.25 14.14
CA GLN J 589 10.67 21.59 15.25
C GLN J 589 9.72 21.55 16.45
N THR J 590 9.41 20.35 16.91
CA THR J 590 8.90 20.21 18.27
C THR J 590 10.07 20.24 19.25
N ASP J 591 9.81 20.76 20.45
CA ASP J 591 10.90 21.06 21.36
C ASP J 591 10.72 20.37 22.71
N ALA J 592 9.45 20.18 23.11
CA ALA J 592 8.94 19.44 24.27
C ALA J 592 9.35 19.97 25.64
N THR J 593 8.74 19.40 26.69
CA THR J 593 8.98 19.81 28.07
C THR J 593 9.54 18.70 28.94
N ASN J 594 8.87 17.55 28.98
CA ASN J 594 9.30 16.46 29.84
C ASN J 594 9.23 15.14 29.09
N PRO J 595 10.17 14.22 29.32
CA PRO J 595 10.14 12.92 28.62
C PRO J 595 9.18 11.93 29.29
N SER J 596 9.19 10.72 28.77
CA SER J 596 8.27 9.67 29.19
C SER J 596 8.84 8.89 30.37
N VAL J 597 8.20 7.75 30.66
CA VAL J 597 8.59 6.89 31.78
C VAL J 597 9.87 6.15 31.42
N PRO J 598 10.93 6.23 32.24
CA PRO J 598 12.11 5.37 32.03
C PRO J 598 11.79 3.93 32.40
N LEU J 599 11.74 3.07 31.39
CA LEU J 599 11.23 1.72 31.54
C LEU J 599 12.35 0.75 31.92
N ASP J 600 12.03 -0.55 31.90
CA ASP J 600 12.76 -1.73 32.38
C ASP J 600 13.27 -1.57 33.80
N PRO J 601 12.40 -1.63 34.84
CA PRO J 601 12.93 -1.58 36.21
C PRO J 601 13.39 -2.95 36.69
N ILE J 602 14.71 -3.14 36.76
CA ILE J 602 15.27 -4.38 37.28
C ILE J 602 16.25 -4.04 38.38
N SER J 603 16.31 -4.90 39.38
CA SER J 603 17.09 -4.66 40.59
C SER J 603 18.03 -5.84 40.82
N VAL J 604 19.31 -5.63 40.55
CA VAL J 604 20.35 -6.62 40.80
C VAL J 604 21.14 -6.15 42.02
N SER J 605 21.33 -7.04 42.99
CA SER J 605 22.00 -6.68 44.24
C SER J 605 23.12 -7.67 44.50
N ASN J 606 24.31 -7.38 43.96
CA ASN J 606 25.49 -8.14 44.34
C ASN J 606 26.00 -7.65 45.68
N SER J 607 26.55 -8.59 46.47
CA SER J 607 27.02 -8.45 47.86
C SER J 607 25.97 -7.89 48.81
N SER J 608 26.41 -7.24 49.89
CA SER J 608 25.49 -6.81 50.93
C SER J 608 25.40 -5.30 51.10
N SER J 609 26.42 -4.55 50.67
CA SER J 609 26.48 -3.11 50.89
C SER J 609 26.21 -2.29 49.65
N GLN J 610 25.89 -2.93 48.52
CA GLN J 610 25.69 -2.20 47.28
C GLN J 610 24.55 -2.81 46.46
N ILE J 611 23.89 -1.96 45.68
CA ILE J 611 22.85 -2.36 44.74
C ILE J 611 23.16 -1.65 43.41
N ILE J 612 23.32 -2.41 42.33
CA ILE J 612 23.45 -1.80 41.02
C ILE J 612 22.06 -1.63 40.43
N LEU J 613 21.91 -0.65 39.54
CA LEU J 613 20.64 -0.35 38.90
C LEU J 613 20.83 -0.39 37.39
N LYS J 614 19.90 -1.03 36.70
CA LYS J 614 19.94 -1.13 35.24
C LYS J 614 18.60 -0.72 34.66
N TRP J 615 18.64 0.05 33.57
CA TRP J 615 17.43 0.57 32.95
C TRP J 615 17.71 0.86 31.49
N LYS J 616 16.63 1.01 30.72
CA LYS J 616 16.68 1.40 29.33
C LYS J 616 16.33 2.87 29.19
N PRO J 617 16.77 3.54 28.11
CA PRO J 617 16.35 4.93 27.89
C PRO J 617 14.88 5.00 27.52
N PRO J 618 14.19 6.09 27.86
CA PRO J 618 12.75 6.18 27.55
C PRO J 618 12.50 6.54 26.09
N SER J 619 11.22 6.58 25.73
CA SER J 619 10.80 6.77 24.35
C SER J 619 10.99 8.20 23.85
N ASP J 620 11.05 9.17 24.76
CA ASP J 620 11.33 10.55 24.38
C ASP J 620 12.76 10.88 24.71
N PRO J 621 13.62 11.16 23.71
CA PRO J 621 14.96 11.67 24.03
C PRO J 621 14.90 13.11 24.52
N ASN J 622 14.10 13.92 23.81
CA ASN J 622 13.72 15.31 24.14
C ASN J 622 14.93 16.24 24.24
N GLY J 623 15.86 16.08 23.31
CA GLY J 623 17.10 16.83 23.32
C GLY J 623 18.24 16.01 23.87
N ASN J 624 19.11 16.64 24.65
CA ASN J 624 20.15 15.91 25.36
C ASN J 624 19.56 15.18 26.56
N ILE J 625 19.91 13.90 26.70
CA ILE J 625 19.73 13.23 27.98
C ILE J 625 20.79 13.80 28.91
N THR J 626 20.38 14.66 29.84
CA THR J 626 21.33 15.32 30.73
C THR J 626 21.81 14.37 31.82
N HIS J 627 20.88 13.89 32.64
CA HIS J 627 21.20 12.93 33.69
C HIS J 627 19.97 12.11 34.00
N TYR J 628 20.19 11.00 34.69
CA TYR J 628 19.12 10.18 35.25
C TYR J 628 19.03 10.47 36.74
N LEU J 629 17.89 10.98 37.17
CA LEU J 629 17.70 11.40 38.56
C LEU J 629 17.34 10.18 39.38
N VAL J 630 18.36 9.54 39.95
CA VAL J 630 18.18 8.32 40.73
C VAL J 630 18.13 8.70 42.20
N PHE J 631 16.99 8.43 42.84
CA PHE J 631 16.82 8.66 44.27
C PHE J 631 16.88 7.34 45.01
N TRP J 632 17.49 7.37 46.20
CA TRP J 632 17.43 6.22 47.09
C TRP J 632 17.26 6.70 48.52
N GLU J 633 16.47 5.95 49.29
CA GLU J 633 16.28 6.22 50.70
C GLU J 633 15.97 4.91 51.39
N ARG J 634 16.47 4.76 52.62
CA ARG J 634 16.34 3.52 53.36
C ARG J 634 14.94 3.44 53.98
N GLN J 635 14.15 2.48 53.53
CA GLN J 635 12.83 2.27 54.10
C GLN J 635 12.93 1.41 55.35
N ALA J 636 12.21 1.81 56.39
CA ALA J 636 12.24 1.09 57.66
C ALA J 636 11.41 -0.18 57.58
N GLU J 637 11.59 -1.03 58.58
CA GLU J 637 10.85 -2.29 58.65
C GLU J 637 9.42 -2.03 59.14
N ASP J 638 8.58 -3.06 58.97
CA ASP J 638 7.17 -2.95 59.31
C ASP J 638 6.98 -3.04 60.82
N SER J 639 5.97 -2.30 61.31
CA SER J 639 5.72 -2.24 62.74
C SER J 639 5.00 -3.49 63.27
N GLU J 640 4.26 -4.18 62.41
CA GLU J 640 3.44 -5.30 62.85
C GLU J 640 4.23 -6.59 63.06
N LEU J 641 5.47 -6.67 62.58
CA LEU J 641 6.30 -7.84 62.79
C LEU J 641 7.20 -7.72 64.02
N PHE J 642 7.10 -6.61 64.76
CA PHE J 642 7.91 -6.45 65.96
C PHE J 642 7.36 -7.25 67.14
N GLU J 643 6.04 -7.40 67.21
CA GLU J 643 5.37 -7.95 68.39
C GLU J 643 4.66 -9.27 68.16
N LEU J 644 4.61 -9.77 66.92
CA LEU J 644 3.87 -10.99 66.62
C LEU J 644 4.64 -12.21 67.08
N ASP J 645 3.96 -13.09 67.81
CA ASP J 645 4.56 -14.30 68.35
C ASP J 645 4.68 -15.33 67.24
N TYR J 646 5.90 -15.58 66.77
CA TYR J 646 6.15 -16.58 65.75
C TYR J 646 6.39 -17.97 66.34
N CYS J 647 6.38 -18.10 67.67
CA CYS J 647 6.33 -19.41 68.31
C CYS J 647 4.94 -20.02 68.28
N LEU J 648 3.91 -19.21 68.05
CA LEU J 648 2.55 -19.69 67.89
C LEU J 648 2.34 -20.26 66.48
N LYS J 649 1.18 -20.86 66.28
CA LYS J 649 0.84 -21.43 64.98
C LYS J 649 0.45 -20.32 64.02
N GLY J 650 1.09 -20.31 62.84
CA GLY J 650 0.99 -19.19 61.94
C GLY J 650 2.33 -18.52 61.72
N LEU J 651 3.39 -19.33 61.70
CA LEU J 651 4.77 -18.85 61.67
C LEU J 651 5.32 -18.61 60.26
N LYS J 652 4.45 -18.44 59.26
CA LYS J 652 4.88 -18.21 57.89
C LYS J 652 5.40 -16.78 57.74
N LEU J 653 6.70 -16.66 57.47
CA LEU J 653 7.40 -15.39 57.32
C LEU J 653 7.81 -15.20 55.88
N PRO J 654 7.68 -13.99 55.32
CA PRO J 654 8.12 -13.77 53.92
C PRO J 654 9.64 -13.65 53.83
N SER J 655 10.22 -14.41 52.91
CA SER J 655 11.65 -14.33 52.61
C SER J 655 11.84 -13.25 51.56
N ARG J 656 12.34 -12.09 51.98
CA ARG J 656 12.41 -10.92 51.13
C ARG J 656 13.83 -10.71 50.58
N GLN J 691 -14.59 5.94 -4.31
CA GLN J 691 -13.22 6.42 -4.25
C GLN J 691 -13.16 7.94 -4.13
N ILE J 692 -12.00 8.50 -4.46
CA ILE J 692 -11.84 9.95 -4.49
C ILE J 692 -12.57 10.54 -5.70
N LEU J 693 -12.59 9.79 -6.82
CA LEU J 693 -13.20 10.24 -8.07
C LEU J 693 -14.72 10.34 -8.00
N LYS J 694 -15.36 9.59 -7.10
CA LYS J 694 -16.77 9.79 -6.82
C LYS J 694 -17.02 11.12 -6.10
N GLU J 695 -16.07 11.56 -5.26
CA GLU J 695 -16.21 12.86 -4.61
C GLU J 695 -15.90 14.01 -5.57
N LEU J 696 -14.97 13.78 -6.52
CA LEU J 696 -14.75 14.72 -7.63
C LEU J 696 -15.99 14.84 -8.52
N GLU J 697 -16.64 13.72 -8.80
CA GLU J 697 -17.89 13.70 -9.57
C GLU J 697 -19.04 14.34 -8.80
N GLU J 698 -19.02 14.23 -7.46
CA GLU J 698 -20.02 14.87 -6.62
C GLU J 698 -19.86 16.39 -6.62
N SER J 699 -18.61 16.88 -6.57
CA SER J 699 -18.34 18.31 -6.62
C SER J 699 -18.66 18.91 -8.00
N SER J 700 -18.33 18.18 -9.07
CA SER J 700 -18.69 18.63 -10.42
C SER J 700 -20.19 18.50 -10.69
N PHE J 701 -20.85 17.57 -10.00
CA PHE J 701 -22.30 17.43 -10.08
C PHE J 701 -23.02 18.59 -9.40
N ARG J 702 -22.47 19.05 -8.26
CA ARG J 702 -22.98 20.26 -7.59
C ARG J 702 -22.76 21.52 -8.43
N LYS J 703 -21.59 21.61 -9.09
CA LYS J 703 -21.30 22.74 -9.97
C LYS J 703 -22.17 22.72 -11.23
N THR J 704 -22.48 21.53 -11.75
CA THR J 704 -23.34 21.39 -12.92
C THR J 704 -24.80 21.70 -12.59
N PHE J 705 -25.22 21.37 -11.36
CA PHE J 705 -26.58 21.72 -10.93
C PHE J 705 -26.74 23.22 -10.68
N GLU J 706 -25.71 23.87 -10.13
CA GLU J 706 -25.74 25.33 -9.98
C GLU J 706 -25.67 26.05 -11.33
N ASP J 707 -24.92 25.46 -12.28
CA ASP J 707 -24.85 25.91 -13.67
C ASP J 707 -26.21 25.87 -14.37
N TYR J 708 -26.92 24.73 -14.23
CA TYR J 708 -28.22 24.55 -14.86
C TYR J 708 -29.30 25.39 -14.18
N LEU J 709 -29.21 25.59 -12.86
CA LEU J 709 -30.21 26.39 -12.15
C LEU J 709 -30.07 27.87 -12.46
N HIS J 710 -28.83 28.38 -12.57
CA HIS J 710 -28.63 29.77 -12.95
C HIS J 710 -28.96 30.02 -14.43
N ASN J 711 -28.72 29.02 -15.29
CA ASN J 711 -29.09 29.12 -16.71
C ASN J 711 -30.60 29.08 -16.92
N VAL J 712 -31.33 28.29 -16.13
CA VAL J 712 -32.78 28.22 -16.28
C VAL J 712 -33.44 29.47 -15.70
N VAL J 713 -33.01 29.90 -14.50
CA VAL J 713 -33.69 30.99 -13.79
C VAL J 713 -33.36 32.35 -14.41
N PHE J 714 -32.09 32.64 -14.66
CA PHE J 714 -31.73 33.99 -15.09
C PHE J 714 -31.72 34.05 -16.62
N VAL J 715 -32.79 34.61 -17.19
CA VAL J 715 -32.94 34.74 -18.64
C VAL J 715 -33.01 36.23 -18.95
N PRO J 716 -32.43 36.70 -20.07
CA PRO J 716 -32.66 38.09 -20.47
C PRO J 716 -33.92 38.24 -21.31
N ARG J 717 -34.43 39.47 -21.34
CA ARG J 717 -35.68 39.76 -22.05
C ARG J 717 -35.47 39.84 -23.55
N GLU J 754 11.65 20.99 51.27
CA GLU J 754 11.75 19.56 51.02
C GLU J 754 12.71 18.89 51.98
N GLU J 755 12.88 17.58 51.81
CA GLU J 755 13.84 16.79 52.58
C GLU J 755 14.90 16.26 51.61
N HIS J 756 16.17 16.40 51.98
CA HIS J 756 17.27 16.01 51.11
C HIS J 756 17.44 14.50 51.17
N ARG J 757 16.92 13.81 50.18
CA ARG J 757 17.27 12.42 49.97
C ARG J 757 18.66 12.35 49.30
N PRO J 758 19.42 11.28 49.56
CA PRO J 758 20.67 11.09 48.81
C PRO J 758 20.38 10.68 47.37
N PHE J 759 20.85 11.51 46.43
CA PHE J 759 20.59 11.31 45.02
C PHE J 759 21.89 11.49 44.25
N GLU J 760 21.85 11.18 42.95
CA GLU J 760 23.05 11.21 42.13
C GLU J 760 22.72 11.76 40.76
N LYS J 761 23.57 12.66 40.27
CA LYS J 761 23.54 13.12 38.88
C LYS J 761 24.27 12.10 38.03
N VAL J 762 23.52 11.23 37.36
CA VAL J 762 24.07 10.07 36.66
C VAL J 762 24.15 10.41 35.18
N VAL J 763 25.34 10.80 34.72
CA VAL J 763 25.54 11.33 33.38
C VAL J 763 26.11 10.25 32.48
N ASN J 764 25.43 10.03 31.35
CA ASN J 764 25.91 9.31 30.15
C ASN J 764 26.21 7.83 30.42
N LYS J 765 25.43 7.22 31.30
CA LYS J 765 25.54 5.80 31.56
C LYS J 765 24.18 5.24 31.93
N GLU J 766 23.92 4.01 31.51
CA GLU J 766 22.66 3.32 31.82
C GLU J 766 22.78 2.42 33.04
N SER J 767 23.92 2.47 33.74
CA SER J 767 24.13 1.68 34.94
C SER J 767 24.64 2.59 36.05
N LEU J 768 24.23 2.28 37.28
CA LEU J 768 24.66 3.05 38.45
C LEU J 768 24.71 2.12 39.65
N VAL J 769 25.87 2.01 40.28
CA VAL J 769 26.00 1.31 41.55
C VAL J 769 25.63 2.26 42.68
N ILE J 770 24.81 1.76 43.62
CA ILE J 770 24.39 2.52 44.79
C ILE J 770 24.99 1.81 46.01
N SER J 771 26.15 2.28 46.47
CA SER J 771 26.88 1.63 47.54
C SER J 771 26.61 2.34 48.87
N GLY J 772 27.31 1.89 49.91
CA GLY J 772 27.17 2.47 51.25
C GLY J 772 25.88 2.12 51.95
N LEU J 773 25.51 0.85 51.97
CA LEU J 773 24.20 0.46 52.49
C LEU J 773 24.31 -0.55 53.64
N ARG J 774 23.43 -0.33 54.60
CA ARG J 774 22.68 -1.35 55.31
C ARG J 774 22.31 -2.55 54.47
N HIS J 775 22.54 -3.71 55.07
CA HIS J 775 22.42 -5.01 54.43
C HIS J 775 21.10 -5.68 54.80
N PHE J 776 20.47 -6.28 53.78
CA PHE J 776 19.15 -6.93 53.81
C PHE J 776 18.02 -6.01 54.34
N THR J 777 17.90 -4.81 53.75
CA THR J 777 16.70 -3.99 53.95
C THR J 777 16.16 -3.44 52.63
N GLY J 778 14.91 -3.01 52.69
CA GLY J 778 14.24 -2.47 51.52
C GLY J 778 14.67 -1.04 51.26
N TYR J 779 14.62 -0.65 49.98
CA TYR J 779 14.94 0.70 49.56
C TYR J 779 13.86 1.18 48.60
N ARG J 780 13.67 2.48 48.54
CA ARG J 780 12.79 3.10 47.56
C ARG J 780 13.66 3.69 46.47
N ILE J 781 13.45 3.25 45.23
CA ILE J 781 14.24 3.71 44.10
C ILE J 781 13.33 4.49 43.17
N GLU J 782 13.63 5.77 43.01
CA GLU J 782 12.88 6.67 42.13
C GLU J 782 13.82 7.10 41.01
N LEU J 783 13.38 6.88 39.76
CA LEU J 783 14.19 7.16 38.59
C LEU J 783 13.44 8.12 37.68
N GLN J 784 14.11 9.21 37.28
CA GLN J 784 13.54 10.20 36.39
C GLN J 784 14.52 10.48 35.26
N ALA J 785 13.99 10.84 34.09
CA ALA J 785 14.79 11.14 32.92
C ALA J 785 14.76 12.65 32.69
N CYS J 786 15.88 13.31 33.00
CA CYS J 786 15.96 14.76 32.92
C CYS J 786 16.54 15.16 31.57
N ASN J 787 15.73 15.84 30.76
CA ASN J 787 16.16 16.32 29.45
C ASN J 787 16.75 17.72 29.50
N GLN J 788 16.64 18.41 30.64
CA GLN J 788 17.17 19.77 30.78
C GLN J 788 17.71 19.96 32.19
N ASP J 789 18.93 20.45 32.29
CA ASP J 789 19.60 20.60 33.58
C ASP J 789 19.97 22.03 33.91
N THR J 790 20.66 22.73 33.01
CA THR J 790 21.28 24.02 33.34
C THR J 790 20.28 25.19 33.38
N PRO J 791 19.35 25.44 32.36
CA PRO J 791 18.33 26.47 32.70
C PRO J 791 17.12 25.81 33.38
N GLU J 792 17.31 25.56 34.69
CA GLU J 792 16.59 24.74 35.70
C GLU J 792 16.24 23.30 35.31
N GLU J 793 15.99 22.48 36.32
CA GLU J 793 15.89 21.03 36.13
C GLU J 793 14.48 20.67 35.68
N ARG J 794 14.36 20.24 34.42
CA ARG J 794 13.14 19.64 33.90
C ARG J 794 13.35 18.14 33.82
N CYS J 795 12.57 17.37 34.58
CA CYS J 795 12.72 15.93 34.64
C CYS J 795 11.37 15.26 34.41
N SER J 796 11.43 13.96 34.11
CA SER J 796 10.25 13.22 33.68
C SER J 796 9.42 12.75 34.88
N VAL J 797 8.34 12.04 34.57
CA VAL J 797 7.52 11.40 35.59
C VAL J 797 8.26 10.16 36.11
N ALA J 798 8.21 9.96 37.42
CA ALA J 798 9.07 9.01 38.11
C ALA J 798 8.64 7.56 37.90
N ALA J 799 9.61 6.66 38.02
CA ALA J 799 9.40 5.23 37.99
C ALA J 799 9.83 4.64 39.33
N TYR J 800 8.98 3.80 39.91
CA TYR J 800 9.16 3.30 41.27
C TYR J 800 9.46 1.81 41.25
N VAL J 801 10.51 1.41 41.98
CA VAL J 801 10.88 0.01 42.14
C VAL J 801 11.55 -0.12 43.50
N SER J 802 11.47 -1.32 44.10
CA SER J 802 12.09 -1.59 45.39
C SER J 802 13.08 -2.75 45.24
N ALA J 803 14.03 -2.81 46.18
CA ALA J 803 15.13 -3.76 46.11
C ALA J 803 15.57 -4.13 47.52
N ARG J 804 16.32 -5.23 47.60
CA ARG J 804 16.88 -5.68 48.87
C ARG J 804 18.20 -6.38 48.56
N THR J 805 19.21 -6.17 49.41
CA THR J 805 20.53 -6.73 49.19
C THR J 805 20.57 -8.20 49.58
N MET J 806 21.71 -8.84 49.31
CA MET J 806 21.95 -10.19 49.82
C MET J 806 22.30 -10.12 51.30
N PRO J 807 21.96 -11.16 52.08
CA PRO J 807 22.38 -11.20 53.48
C PRO J 807 23.87 -11.45 53.65
N GLU J 808 24.39 -11.02 54.80
CA GLU J 808 25.77 -11.28 55.17
C GLU J 808 25.92 -12.71 55.70
N ALA J 809 27.18 -13.09 55.91
CA ALA J 809 27.46 -14.44 56.43
C ALA J 809 27.30 -14.51 57.94
N LYS J 810 27.91 -13.56 58.66
CA LYS J 810 27.97 -13.61 60.11
C LYS J 810 27.16 -12.51 60.79
N ALA J 811 26.22 -11.89 60.06
CA ALA J 811 25.32 -10.93 60.70
C ALA J 811 24.25 -11.63 61.53
N ASP J 812 23.76 -12.77 61.04
CA ASP J 812 22.79 -13.58 61.77
C ASP J 812 23.44 -14.63 62.65
N ASP J 813 24.77 -14.77 62.59
CA ASP J 813 25.47 -15.70 63.46
C ASP J 813 25.59 -15.11 64.86
N ILE J 814 25.25 -15.91 65.87
CA ILE J 814 25.26 -15.43 67.25
C ILE J 814 26.69 -15.45 67.76
N VAL J 815 27.21 -14.27 68.10
CA VAL J 815 28.55 -14.12 68.62
C VAL J 815 28.47 -13.92 70.13
N GLY J 816 29.56 -14.28 70.81
CA GLY J 816 29.61 -14.20 72.25
C GLY J 816 29.20 -15.50 72.91
N PRO J 817 29.67 -15.75 74.13
CA PRO J 817 29.30 -16.98 74.83
C PRO J 817 27.88 -16.91 75.39
N VAL J 818 27.33 -18.10 75.64
CA VAL J 818 26.01 -18.25 76.24
C VAL J 818 26.23 -18.69 77.68
N THR J 819 25.89 -17.83 78.63
CA THR J 819 26.08 -18.10 80.05
C THR J 819 24.73 -18.41 80.70
N HIS J 820 24.79 -19.15 81.80
CA HIS J 820 23.60 -19.67 82.46
C HIS J 820 23.54 -19.17 83.90
N GLU J 821 22.31 -19.05 84.41
CA GLU J 821 22.05 -18.73 85.82
C GLU J 821 21.21 -19.88 86.37
N ILE J 822 21.88 -20.88 86.93
CA ILE J 822 21.18 -22.00 87.55
C ILE J 822 20.66 -21.56 88.91
N PHE J 823 19.34 -21.56 89.06
CA PHE J 823 18.72 -21.15 90.31
C PHE J 823 18.70 -22.31 91.31
N GLU J 824 18.14 -22.06 92.48
CA GLU J 824 18.21 -22.99 93.60
C GLU J 824 17.13 -24.07 93.54
N ASN J 825 16.19 -23.98 92.59
CA ASN J 825 15.16 -24.99 92.38
C ASN J 825 15.17 -25.55 90.95
N ASN J 826 16.39 -25.79 90.43
CA ASN J 826 16.70 -26.35 89.09
C ASN J 826 16.11 -25.52 87.95
N VAL J 827 16.21 -24.20 88.06
CA VAL J 827 15.76 -23.28 87.02
C VAL J 827 17.00 -22.65 86.39
N VAL J 828 17.13 -22.80 85.07
CA VAL J 828 18.27 -22.28 84.33
C VAL J 828 17.82 -21.04 83.58
N HIS J 829 18.50 -19.92 83.84
CA HIS J 829 18.21 -18.65 83.18
C HIS J 829 19.40 -18.32 82.30
N LEU J 830 19.17 -18.18 81.00
CA LEU J 830 20.24 -18.16 80.01
C LEU J 830 20.50 -16.74 79.54
N MET J 831 21.75 -16.30 79.67
CA MET J 831 22.21 -15.01 79.17
C MET J 831 23.10 -15.21 77.94
N TRP J 832 22.87 -14.41 76.91
CA TRP J 832 23.77 -14.41 75.76
C TRP J 832 23.82 -13.01 75.15
N GLN J 833 24.81 -12.81 74.29
CA GLN J 833 24.97 -11.56 73.55
C GLN J 833 24.27 -11.70 72.20
N GLU J 834 23.24 -10.90 71.99
CA GLU J 834 22.47 -10.91 70.74
C GLU J 834 23.27 -10.23 69.63
N PRO J 835 22.98 -10.57 68.36
CA PRO J 835 23.54 -9.78 67.24
C PRO J 835 22.91 -8.40 67.19
N LYS J 836 23.77 -7.37 67.21
CA LYS J 836 23.29 -5.99 67.24
C LYS J 836 22.78 -5.55 65.88
N GLU J 837 23.51 -5.88 64.80
CA GLU J 837 23.14 -5.50 63.44
C GLU J 837 22.98 -6.77 62.61
N PRO J 838 21.80 -7.41 62.64
CA PRO J 838 21.61 -8.65 61.87
C PRO J 838 21.14 -8.39 60.44
N ASN J 839 20.82 -9.44 59.68
CA ASN J 839 20.31 -9.25 58.33
C ASN J 839 18.83 -8.94 58.39
N GLY J 840 18.51 -7.65 58.39
CA GLY J 840 17.16 -7.15 58.53
C GLY J 840 16.70 -7.13 59.97
N LEU J 841 16.29 -8.30 60.48
CA LEU J 841 15.80 -8.50 61.84
C LEU J 841 15.77 -10.01 62.08
N ILE J 842 15.90 -10.41 63.35
CA ILE J 842 15.82 -11.81 63.74
C ILE J 842 14.49 -12.02 64.45
N VAL J 843 13.65 -12.90 63.91
CA VAL J 843 12.31 -13.09 64.47
C VAL J 843 12.26 -14.19 65.54
N LEU J 844 13.15 -15.18 65.48
CA LEU J 844 13.05 -16.32 66.39
C LEU J 844 14.42 -16.74 66.88
N TYR J 845 14.44 -17.22 68.12
CA TYR J 845 15.60 -17.82 68.76
C TYR J 845 15.24 -19.26 69.09
N GLU J 846 15.78 -20.21 68.33
CA GLU J 846 15.52 -21.62 68.59
C GLU J 846 16.55 -22.16 69.58
N VAL J 847 16.09 -23.04 70.46
CA VAL J 847 16.93 -23.64 71.49
C VAL J 847 16.89 -25.15 71.30
N SER J 848 18.05 -25.75 71.04
CA SER J 848 18.19 -27.20 70.94
C SER J 848 19.09 -27.66 72.08
N TYR J 849 18.47 -28.13 73.16
CA TYR J 849 19.20 -28.56 74.34
C TYR J 849 19.07 -30.07 74.51
N ARG J 850 20.18 -30.71 74.84
CA ARG J 850 20.25 -32.18 74.89
C ARG J 850 20.93 -32.59 76.18
N ARG J 851 20.19 -33.28 77.06
CA ARG J 851 20.82 -33.98 78.16
C ARG J 851 21.51 -35.24 77.62
N TYR J 852 22.56 -35.67 78.33
CA TYR J 852 23.23 -36.91 77.96
C TYR J 852 22.39 -38.11 78.37
N GLY J 853 22.28 -39.08 77.48
CA GLY J 853 21.35 -40.17 77.63
C GLY J 853 19.93 -39.87 77.19
N ASP J 854 19.68 -38.69 76.64
CA ASP J 854 18.36 -38.27 76.20
C ASP J 854 18.41 -37.89 74.72
N GLU J 855 17.29 -37.33 74.23
CA GLU J 855 17.12 -36.95 72.84
C GLU J 855 17.08 -35.42 72.73
N GLU J 856 16.76 -34.95 71.53
CA GLU J 856 16.69 -33.51 71.28
C GLU J 856 15.36 -32.95 71.78
N LEU J 857 15.43 -31.94 72.63
CA LEU J 857 14.26 -31.24 73.15
C LEU J 857 14.25 -29.81 72.63
N HIS J 858 13.07 -29.33 72.26
CA HIS J 858 12.93 -28.04 71.61
C HIS J 858 12.20 -27.05 72.52
N LEU J 859 12.63 -25.79 72.47
CA LEU J 859 11.93 -24.72 73.17
C LEU J 859 12.07 -23.45 72.33
N CYS J 860 10.94 -22.79 72.08
CA CYS J 860 10.91 -21.61 71.21
C CYS J 860 10.99 -20.33 72.03
N VAL J 861 11.90 -19.44 71.61
CA VAL J 861 12.02 -18.11 72.21
C VAL J 861 11.75 -17.09 71.10
N SER J 862 10.72 -16.28 71.30
CA SER J 862 10.38 -15.22 70.37
C SER J 862 11.06 -13.92 70.81
N ARG J 863 10.67 -12.80 70.19
CA ARG J 863 11.24 -11.50 70.55
C ARG J 863 10.68 -10.99 71.87
N LYS J 864 9.36 -11.14 72.06
CA LYS J 864 8.74 -10.72 73.31
C LYS J 864 9.07 -11.68 74.45
N HIS J 865 9.35 -12.95 74.12
CA HIS J 865 9.85 -13.91 75.10
C HIS J 865 11.27 -13.54 75.55
N PHE J 866 12.10 -13.05 74.62
CA PHE J 866 13.43 -12.54 74.93
C PHE J 866 13.36 -11.26 75.77
N ALA J 867 12.42 -10.37 75.45
CA ALA J 867 12.29 -9.13 76.22
C ALA J 867 11.65 -9.37 77.58
N LEU J 868 10.81 -10.41 77.70
CA LEU J 868 10.22 -10.76 78.99
C LEU J 868 11.21 -11.47 79.90
N GLU J 869 11.99 -12.41 79.37
CA GLU J 869 12.85 -13.24 80.20
C GLU J 869 14.31 -12.83 80.14
N ARG J 870 14.64 -11.68 79.50
CA ARG J 870 15.94 -11.12 79.12
C ARG J 870 16.95 -12.15 78.57
N GLY J 871 16.46 -13.08 77.76
CA GLY J 871 17.16 -14.31 77.45
C GLY J 871 16.16 -15.45 77.40
N CYS J 872 16.51 -16.58 78.02
CA CYS J 872 15.60 -17.71 78.09
C CYS J 872 15.62 -18.30 79.50
N ARG J 873 14.46 -18.79 79.93
CA ARG J 873 14.32 -19.42 81.24
C ARG J 873 13.77 -20.84 81.06
N LEU J 874 14.43 -21.79 81.70
CA LEU J 874 14.01 -23.20 81.69
C LEU J 874 13.46 -23.53 83.08
N ARG J 875 12.27 -24.13 83.12
CA ARG J 875 11.60 -24.43 84.39
C ARG J 875 11.15 -25.89 84.41
N GLY J 876 11.48 -26.58 85.50
CA GLY J 876 11.03 -27.96 85.72
C GLY J 876 11.66 -28.99 84.81
N LEU J 877 12.96 -29.24 84.99
CA LEU J 877 13.71 -30.13 84.12
C LEU J 877 14.38 -31.23 84.92
N SER J 878 14.72 -32.31 84.22
CA SER J 878 15.41 -33.43 84.82
C SER J 878 16.87 -33.06 85.09
N PRO J 879 17.47 -33.58 86.17
CA PRO J 879 18.88 -33.27 86.45
C PRO J 879 19.85 -34.02 85.55
N GLY J 880 20.95 -33.36 85.24
CA GLY J 880 21.97 -33.94 84.39
C GLY J 880 22.75 -32.85 83.67
N ASN J 881 23.78 -33.29 82.95
CA ASN J 881 24.57 -32.38 82.13
C ASN J 881 23.89 -32.18 80.77
N TYR J 882 23.82 -30.93 80.35
CA TYR J 882 23.10 -30.56 79.14
C TYR J 882 24.06 -30.02 78.08
N SER J 883 23.59 -30.03 76.83
CA SER J 883 24.34 -29.51 75.69
C SER J 883 23.41 -28.59 74.93
N VAL J 884 23.55 -27.28 75.14
CA VAL J 884 22.61 -26.28 74.64
C VAL J 884 23.21 -25.60 73.42
N ARG J 885 22.57 -25.77 72.27
CA ARG J 885 22.94 -25.06 71.06
C ARG J 885 21.79 -24.17 70.62
N ILE J 886 22.08 -22.90 70.34
CA ILE J 886 21.08 -21.89 70.01
C ILE J 886 21.40 -21.30 68.65
N ARG J 887 20.45 -21.37 67.73
CA ARG J 887 20.53 -20.69 66.44
C ARG J 887 19.51 -19.57 66.40
N ALA J 888 19.79 -18.57 65.55
CA ALA J 888 18.90 -17.43 65.35
C ALA J 888 18.32 -17.50 63.94
N THR J 889 16.98 -17.47 63.84
CA THR J 889 16.29 -17.50 62.57
C THR J 889 15.83 -16.08 62.23
N SER J 890 16.36 -15.55 61.13
CA SER J 890 16.15 -14.17 60.75
C SER J 890 15.10 -14.07 59.65
N LEU J 891 14.97 -12.87 59.07
CA LEU J 891 14.16 -12.68 57.86
C LEU J 891 14.82 -13.37 56.67
N ALA J 892 16.15 -13.38 56.63
CA ALA J 892 16.86 -14.13 55.59
C ALA J 892 16.81 -15.63 55.85
N GLY J 893 16.96 -16.03 57.10
CA GLY J 893 16.91 -17.44 57.45
C GLY J 893 17.72 -17.72 58.70
N ASN J 894 18.17 -18.96 58.81
CA ASN J 894 18.89 -19.43 59.99
C ASN J 894 20.32 -18.93 60.00
N GLY J 895 20.85 -18.71 61.20
CA GLY J 895 22.24 -18.31 61.36
C GLY J 895 23.14 -19.50 61.63
N SER J 896 23.98 -19.37 62.67
CA SER J 896 24.87 -20.45 63.08
C SER J 896 24.57 -20.84 64.51
N TRP J 897 24.76 -22.13 64.81
CA TRP J 897 24.51 -22.65 66.14
C TRP J 897 25.61 -22.22 67.11
N THR J 898 25.22 -22.02 68.37
CA THR J 898 26.20 -21.75 69.41
C THR J 898 26.86 -23.03 69.89
N GLU J 899 27.90 -22.88 70.69
CA GLU J 899 28.62 -24.01 71.26
C GLU J 899 27.79 -24.67 72.35
N PRO J 900 27.90 -26.02 72.53
CA PRO J 900 27.16 -26.69 73.61
C PRO J 900 27.73 -26.39 74.99
N THR J 901 26.99 -25.62 75.77
CA THR J 901 27.42 -25.23 77.12
C THR J 901 27.13 -26.38 78.08
N TYR J 902 28.19 -26.98 78.63
CA TYR J 902 28.05 -28.12 79.53
C TYR J 902 27.96 -27.62 80.96
N PHE J 903 26.78 -27.80 81.58
CA PHE J 903 26.58 -27.45 82.97
C PHE J 903 25.76 -28.54 83.62
N TYR J 904 26.11 -28.90 84.85
CA TYR J 904 25.41 -29.92 85.61
C TYR J 904 24.55 -29.22 86.67
N VAL J 905 23.24 -29.33 86.52
CA VAL J 905 22.33 -28.77 87.52
C VAL J 905 22.22 -29.71 88.71
N THR J 906 21.61 -29.21 89.79
CA THR J 906 21.64 -29.88 91.08
C THR J 906 20.65 -31.03 91.11
N ASP J 907 21.16 -32.22 91.45
CA ASP J 907 20.32 -33.42 91.50
C ASP J 907 19.45 -33.46 92.74
N TYR J 908 19.97 -32.91 93.87
CA TYR J 908 19.42 -32.98 95.24
C TYR J 908 19.17 -34.43 95.71
N LEU J 909 20.04 -35.35 95.29
CA LEU J 909 19.97 -36.75 95.72
C LEU J 909 21.27 -37.21 96.37
N ASP J 910 22.41 -36.93 95.74
CA ASP J 910 23.70 -37.36 96.25
C ASP J 910 24.33 -36.27 97.12
#